data_8YEU
#
_entry.id   8YEU
#
_cell.length_a   104.949
_cell.length_b   156.625
_cell.length_c   181.639
_cell.angle_alpha   90.00
_cell.angle_beta   90.00
_cell.angle_gamma   90.00
#
_symmetry.space_group_name_H-M   'P 21 21 21'
#
loop_
_entity.id
_entity.type
_entity.pdbx_description
1 polymer 'Detyrosinated tubulin alpha-1B chain'
2 polymer 'Tubulin beta chain'
3 polymer Stathmin-4
4 polymer 'Tubulin--tyrosine ligase'
5 non-polymer "GUANOSINE-5'-TRIPHOSPHATE"
6 non-polymer 'CALCIUM ION'
7 non-polymer 'MAGNESIUM ION'
8 non-polymer 6-fluoranyl-4-(6-methoxy-3,4-dihydro-2~{H}-quinolin-1-yl)quinazolin-2-amine
9 non-polymer "GUANOSINE-5'-DIPHOSPHATE"
10 non-polymer '2-(N-MORPHOLINO)-ETHANESULFONIC ACID'
11 non-polymer 'PHOSPHOMETHYLPHOSPHONIC ACID ADENYLATE ESTER'
#
loop_
_entity_poly.entity_id
_entity_poly.type
_entity_poly.pdbx_seq_one_letter_code
_entity_poly.pdbx_strand_id
1 'polypeptide(L)'
;MRECISIHVGQAGVQIGNACWELYCLEHGIQPDGQMPSDKTIGGGDDSFNTFFSETGAGKHVPRAVFVDLEPTVIDEVRT
GTYRQLFHPEQLITGKEDAANNYARGHYTIGKEIIDLVLDRIRKLADQCTGLQGFLVFHSFGGGTGSGFTSLLMERLSVD
YGKKSKLEFSIYPAPQVSTAVVEPYNSILTTHTTLEHSDCAFMVDNEAIYDICRRNLDIERPTYTNLNRLISQIVSSITA
SLRFDGALNVDLTEFQTNLVPYPRIHFPLATYAPVISAEKAYHEQLSVAEITNACFEPANQMVKCDPRHGKYMACCLLYR
GDVVPKDVNAAIATIKTKRSIQFVDWCPTGFKVGINYQPPTVVPGGDLAKVQRAVCMLSNTTAIAEAWARLDHKFDLMYA
KRAFVHWYVGEGMEEGEFSEAREDMAALEKDYEEVGVDSV
;
A,C
2 'polypeptide(L)'
;MREIVHIQAGQCGNQIGAKFWEVISDEHGIDPTGSYHGDSDLQLERINVYYNEATGNKYVPRAILVDLEPGTMDSVRSGP
FGQIFRPDNFVFGQSGAGNNWAKGHYTEGAELVDSVLDVVRKESESCDCLQGFQLTHSLGGGTGSGMGTLLISKIREEYP
DRIMNTFSVMPSPKVSDTVVEPYNATLSVHQLVENTDETYCIDNEALYDICFRTLKLTTPTYGDLNHLVSATMSGVTTCL
RFPGQLNADLRKLAVNMVPFPRLHFFMPGFAPLTSRGSQQYRALTVPELTQQMFDSKNMMAACDPRHGRYLTVAAIFRGR
MSMKEVDEQMLNVQNKNSSYFVEWIPNNVKTAVCDIPPRGLKMSATFIGNSTAIQELFKRISEQFTAMFRRKAFLHWYTG
EGMDEMEFTEAESNMNDLVSEYQQYQDATAD
;
B,D
3 'polypeptide(L)'
;MADMEVIELNKCTSGQSFEVILKPPSFDGVPEFNASLPRRRDPSLEEIQKKLEAAEERRKYQEAELLKHLAEKREHEREV
IQKAIEENNNFIKMAKEKLAQKMESNKENREAHLAAMLERLQEKDKHAEEVRKNKELKEEASR
;
E
4 'polypeptide(L)'
;MYTFVVRDENSSVYAEVSRLLLATGQWKRLRKDNPRFNLMLGERNRLPFGRLGHEPGLVQLVNYYRGADKLCRKASLVKL
IKTSPELSESCTWFPESYVIYPTNLKTPVAPAQNGIRHLINNTRTDEREVFLAAYNRRREGREGNVWIAKSSAGAKGEGI
LISSEASELLDFIDEQGQVHVIQKYLEKPLLLEPGHRKFDIRSWVLVDHLYNIYLYREGVLRTSSEPYNSANFQDKTCHL
TNHCIQKEYSKNYGRYEEGNEMFFEEFNQYLMDALNTTLENSILLQIKHIIRSCLMCIEPAISTKHLHYQSFQLFGFDFM
VDEELKVWLIEVNGAPACAQKLYAELCQGIVDVAISSVFPLADTGQKTSQPTSIFIKLHH
;
F
#
# COMPACT_ATOMS: atom_id res chain seq x y z
N MET A 1 31.92 -66.51 -4.03
CA MET A 1 31.45 -65.34 -3.29
C MET A 1 30.47 -64.42 -4.09
N ARG A 2 29.49 -63.86 -3.37
CA ARG A 2 28.46 -62.98 -3.91
C ARG A 2 28.60 -61.55 -3.37
N GLU A 3 28.50 -60.56 -4.28
CA GLU A 3 28.76 -59.16 -3.98
C GLU A 3 27.47 -58.40 -3.65
N CYS A 4 27.64 -57.28 -2.95
CA CYS A 4 26.57 -56.40 -2.51
C CYS A 4 26.90 -54.94 -2.83
N ILE A 5 25.95 -54.27 -3.49
CA ILE A 5 26.14 -52.89 -3.94
C ILE A 5 25.33 -51.96 -3.04
N SER A 6 26.02 -50.99 -2.44
CA SER A 6 25.40 -50.01 -1.55
C SER A 6 25.09 -48.72 -2.32
N ILE A 7 23.90 -48.18 -2.09
CA ILE A 7 23.36 -47.03 -2.83
C ILE A 7 22.89 -46.01 -1.78
N HIS A 8 23.67 -44.97 -1.59
CA HIS A 8 23.34 -43.96 -0.59
C HIS A 8 22.70 -42.76 -1.30
N VAL A 9 21.46 -42.40 -0.90
CA VAL A 9 20.70 -41.39 -1.62
C VAL A 9 20.35 -40.23 -0.72
N GLY A 10 20.37 -39.04 -1.30
CA GLY A 10 20.10 -37.87 -0.50
C GLY A 10 21.26 -37.54 0.41
N GLN A 11 21.01 -36.53 1.25
CA GLN A 11 21.95 -36.20 2.30
C GLN A 11 21.97 -37.27 3.38
N ALA A 12 20.81 -37.59 3.94
CA ALA A 12 20.76 -38.59 5.01
C ALA A 12 21.42 -39.89 4.57
N GLY A 13 21.07 -40.36 3.37
CA GLY A 13 21.70 -41.57 2.88
C GLY A 13 23.21 -41.44 2.76
N VAL A 14 23.67 -40.32 2.17
CA VAL A 14 25.08 -40.12 1.86
C VAL A 14 25.89 -39.97 3.15
N GLN A 15 25.39 -39.19 4.11
CA GLN A 15 26.11 -38.99 5.36
C GLN A 15 26.10 -40.25 6.21
N ILE A 16 24.97 -40.97 6.25
CA ILE A 16 24.97 -42.25 6.95
C ILE A 16 25.94 -43.22 6.28
N GLY A 17 26.04 -43.16 4.94
CA GLY A 17 26.98 -44.01 4.22
C GLY A 17 28.42 -43.75 4.60
N ASN A 18 28.80 -42.48 4.66
CA ASN A 18 30.11 -42.12 5.20
C ASN A 18 30.35 -42.77 6.55
N ALA A 19 29.40 -42.60 7.46
CA ALA A 19 29.57 -43.19 8.79
C ALA A 19 29.84 -44.68 8.70
N CYS A 20 29.12 -45.39 7.82
CA CYS A 20 29.27 -46.84 7.71
C CYS A 20 30.60 -47.21 7.11
N TRP A 21 30.86 -46.76 5.88
CA TRP A 21 32.08 -47.15 5.20
C TRP A 21 33.31 -46.84 6.02
N GLU A 22 33.33 -45.67 6.67
CA GLU A 22 34.42 -45.40 7.59
C GLU A 22 34.53 -46.51 8.61
N LEU A 23 33.39 -46.94 9.18
CA LEU A 23 33.38 -48.01 10.18
C LEU A 23 33.81 -49.33 9.60
N TYR A 24 33.19 -49.76 8.50
CA TYR A 24 33.68 -50.92 7.76
C TYR A 24 35.20 -50.92 7.65
N CYS A 25 35.79 -49.80 7.23
CA CYS A 25 37.24 -49.76 7.01
C CYS A 25 38.00 -50.07 8.29
N LEU A 26 37.62 -49.47 9.41
CA LEU A 26 38.26 -49.81 10.67
C LEU A 26 38.07 -51.29 10.98
N GLU A 27 36.83 -51.77 10.86
CA GLU A 27 36.54 -53.17 11.16
C GLU A 27 37.35 -54.12 10.29
N HIS A 28 37.42 -53.86 9.00
CA HIS A 28 38.18 -54.71 8.07
C HIS A 28 39.66 -54.35 7.98
N GLY A 29 40.11 -53.30 8.66
CA GLY A 29 41.51 -52.91 8.61
C GLY A 29 41.98 -52.34 7.29
N ILE A 30 41.06 -51.81 6.50
CA ILE A 30 41.40 -51.05 5.30
C ILE A 30 41.76 -49.64 5.71
N GLN A 31 42.77 -49.06 5.06
CA GLN A 31 43.05 -47.68 5.45
C GLN A 31 42.48 -46.71 4.42
N PRO A 32 42.39 -45.42 4.77
CA PRO A 32 41.68 -44.45 3.92
C PRO A 32 42.14 -44.39 2.47
N ASP A 33 43.36 -44.82 2.15
CA ASP A 33 43.81 -44.88 0.76
C ASP A 33 43.40 -46.18 0.08
N GLY A 34 42.62 -47.03 0.75
CA GLY A 34 42.13 -48.25 0.15
C GLY A 34 43.09 -49.42 0.18
N GLN A 35 44.21 -49.31 0.88
CA GLN A 35 45.15 -50.42 1.05
C GLN A 35 44.81 -51.21 2.29
N MET A 36 44.88 -52.54 2.17
CA MET A 36 44.51 -53.44 3.24
C MET A 36 45.62 -54.44 3.53
N PRO A 37 46.65 -54.02 4.30
CA PRO A 37 47.79 -54.90 4.56
C PRO A 37 47.45 -56.38 4.66
N SER A 38 46.51 -56.73 5.54
CA SER A 38 46.22 -58.14 5.78
C SER A 38 45.71 -58.87 4.53
N ASP A 39 45.16 -58.16 3.53
CA ASP A 39 44.77 -58.90 2.33
C ASP A 39 46.04 -59.33 1.63
N LYS A 40 46.28 -60.64 1.59
CA LYS A 40 47.33 -61.12 0.74
C LYS A 40 46.82 -61.36 -0.67
N THR A 41 45.63 -61.95 -0.81
CA THR A 41 44.97 -62.05 -2.11
C THR A 41 44.92 -60.65 -2.73
N ILE A 42 46.01 -60.23 -3.41
CA ILE A 42 46.08 -58.89 -4.00
C ILE A 42 45.32 -58.84 -5.31
N GLY A 43 44.66 -57.72 -5.56
CA GLY A 43 43.92 -57.57 -6.79
C GLY A 43 42.76 -58.54 -6.92
N GLY A 44 42.48 -59.30 -5.87
CA GLY A 44 41.30 -60.15 -5.88
C GLY A 44 41.12 -60.94 -4.59
N GLY A 45 40.25 -61.94 -4.71
CA GLY A 45 39.87 -62.81 -3.61
C GLY A 45 38.37 -63.02 -3.59
N ASP A 46 37.92 -64.24 -3.30
CA ASP A 46 36.50 -64.45 -2.99
C ASP A 46 36.29 -64.58 -1.49
N ASP A 47 37.08 -63.80 -0.72
CA ASP A 47 36.89 -63.57 0.71
C ASP A 47 35.52 -62.93 0.99
N SER A 48 35.16 -62.90 2.28
CA SER A 48 33.84 -62.38 2.63
C SER A 48 33.82 -60.86 2.75
N PHE A 49 34.95 -60.21 3.02
CA PHE A 49 34.88 -58.76 2.86
C PHE A 49 34.81 -58.36 1.39
N ASN A 50 35.17 -59.26 0.48
CA ASN A 50 35.03 -58.91 -0.92
C ASN A 50 33.59 -58.75 -1.34
N THR A 51 32.64 -59.06 -0.44
CA THR A 51 31.24 -58.72 -0.68
C THR A 51 31.03 -57.21 -0.76
N PHE A 52 31.84 -56.44 -0.05
CA PHE A 52 31.66 -55.01 0.04
C PHE A 52 32.79 -54.24 -0.60
N PHE A 53 33.91 -54.86 -0.83
CA PHE A 53 35.02 -54.26 -1.54
C PHE A 53 35.33 -55.09 -2.76
N SER A 54 35.80 -54.42 -3.80
CA SER A 54 36.59 -55.05 -4.84
C SER A 54 38.03 -54.58 -4.68
N GLU A 55 38.94 -55.35 -5.28
CA GLU A 55 40.36 -55.06 -5.13
C GLU A 55 40.92 -54.66 -6.48
N THR A 56 41.94 -53.81 -6.46
CA THR A 56 42.50 -53.27 -7.68
C THR A 56 43.88 -53.85 -7.92
N GLY A 57 44.23 -54.03 -9.20
CA GLY A 57 45.52 -54.53 -9.58
C GLY A 57 46.61 -54.00 -8.67
N ALA A 58 46.47 -52.74 -8.26
CA ALA A 58 47.41 -52.11 -7.35
C ALA A 58 47.03 -52.31 -5.90
N GLY A 59 46.11 -53.22 -5.62
CA GLY A 59 45.85 -53.63 -4.26
C GLY A 59 44.96 -52.72 -3.45
N LYS A 60 44.25 -51.80 -4.09
CA LYS A 60 43.29 -50.99 -3.37
C LYS A 60 41.99 -51.75 -3.18
N HIS A 61 41.33 -51.48 -2.05
CA HIS A 61 40.05 -52.07 -1.74
C HIS A 61 39.00 -50.97 -1.81
N VAL A 62 38.04 -51.13 -2.72
CA VAL A 62 37.19 -50.03 -3.15
C VAL A 62 35.73 -50.37 -2.86
N PRO A 63 35.06 -49.62 -1.99
CA PRO A 63 33.63 -49.82 -1.77
C PRO A 63 32.83 -50.21 -3.01
N ARG A 64 32.00 -51.25 -2.92
CA ARG A 64 30.98 -51.48 -3.94
C ARG A 64 29.82 -50.54 -3.64
N ALA A 65 30.17 -49.26 -3.53
CA ALA A 65 29.23 -48.21 -3.19
C ALA A 65 29.07 -47.24 -4.36
N VAL A 66 27.88 -46.65 -4.42
CA VAL A 66 27.61 -45.46 -5.21
C VAL A 66 26.81 -44.50 -4.34
N PHE A 67 27.13 -43.22 -4.43
CA PHE A 67 26.43 -42.16 -3.70
C PHE A 67 25.78 -41.28 -4.74
N VAL A 68 24.50 -40.98 -4.58
CA VAL A 68 23.76 -40.15 -5.52
C VAL A 68 23.10 -39.06 -4.70
N ASP A 69 23.34 -37.80 -5.07
CA ASP A 69 22.59 -36.72 -4.46
C ASP A 69 22.26 -35.70 -5.53
N LEU A 70 20.99 -35.28 -5.56
CA LEU A 70 20.55 -34.23 -6.48
C LEU A 70 21.26 -32.90 -6.25
N GLU A 71 22.24 -32.83 -5.34
CA GLU A 71 22.82 -31.56 -4.94
C GLU A 71 24.27 -31.74 -4.50
N PRO A 72 25.18 -30.88 -4.97
CA PRO A 72 26.61 -31.16 -4.85
C PRO A 72 27.19 -31.00 -3.47
N THR A 73 26.47 -30.43 -2.52
CA THR A 73 27.12 -30.03 -1.27
C THR A 73 27.67 -31.24 -0.52
N VAL A 74 26.81 -32.25 -0.29
CA VAL A 74 27.16 -33.29 0.67
C VAL A 74 28.17 -34.24 0.06
N ILE A 75 27.93 -34.68 -1.17
CA ILE A 75 28.86 -35.60 -1.79
C ILE A 75 30.21 -34.93 -2.05
N ASP A 76 30.27 -33.60 -2.01
CA ASP A 76 31.54 -32.90 -2.15
C ASP A 76 32.42 -33.11 -0.93
N GLU A 77 31.82 -33.16 0.25
CA GLU A 77 32.63 -33.51 1.43
C GLU A 77 33.09 -34.96 1.38
N VAL A 78 32.29 -35.86 0.80
CA VAL A 78 32.84 -37.15 0.41
C VAL A 78 34.01 -36.95 -0.54
N ARG A 79 33.82 -36.17 -1.62
CA ARG A 79 34.89 -35.95 -2.58
C ARG A 79 36.15 -35.35 -1.98
N THR A 80 36.11 -34.89 -0.73
CA THR A 80 37.27 -34.20 -0.18
C THR A 80 37.58 -34.66 1.25
N GLY A 81 36.93 -35.71 1.74
CA GLY A 81 37.16 -36.18 3.09
C GLY A 81 38.27 -37.20 3.19
N THR A 82 38.63 -37.51 4.44
CA THR A 82 39.74 -38.40 4.73
C THR A 82 39.69 -39.65 3.85
N TYR A 83 38.49 -40.06 3.45
CA TYR A 83 38.30 -41.24 2.63
C TYR A 83 38.03 -40.90 1.18
N ARG A 84 38.54 -39.77 0.72
CA ARG A 84 38.49 -39.48 -0.70
C ARG A 84 39.10 -40.62 -1.52
N GLN A 85 40.36 -40.97 -1.26
CA GLN A 85 41.05 -41.93 -2.11
C GLN A 85 40.28 -43.24 -2.17
N LEU A 86 39.35 -43.41 -1.24
CA LEU A 86 38.58 -44.65 -1.17
C LEU A 86 37.80 -44.90 -2.45
N PHE A 87 37.03 -43.91 -2.91
CA PHE A 87 36.00 -44.09 -3.94
C PHE A 87 36.47 -43.72 -5.34
N HIS A 88 35.87 -44.38 -6.33
CA HIS A 88 36.09 -43.93 -7.70
C HIS A 88 35.19 -42.75 -8.01
N PRO A 89 35.73 -41.65 -8.44
CA PRO A 89 34.89 -40.51 -8.85
C PRO A 89 33.59 -40.90 -9.52
N GLU A 90 33.55 -41.87 -10.46
CA GLU A 90 32.27 -42.19 -11.07
C GLU A 90 31.24 -42.64 -10.05
N GLN A 91 31.68 -43.03 -8.86
CA GLN A 91 30.80 -43.56 -7.83
C GLN A 91 29.97 -42.48 -7.14
N LEU A 92 30.45 -41.24 -7.17
CA LEU A 92 29.85 -40.11 -6.49
C LEU A 92 29.16 -39.24 -7.54
N ILE A 93 27.86 -39.43 -7.72
CA ILE A 93 27.01 -38.70 -8.65
C ILE A 93 26.38 -37.51 -7.96
N THR A 94 26.26 -36.39 -8.67
CA THR A 94 25.80 -35.13 -8.11
C THR A 94 24.94 -34.36 -9.09
N GLY A 95 23.81 -33.87 -8.61
CA GLY A 95 23.04 -32.91 -9.35
C GLY A 95 23.61 -31.52 -9.20
N LYS A 96 22.77 -30.53 -9.51
CA LYS A 96 23.04 -29.13 -9.23
C LYS A 96 21.98 -28.47 -8.36
N GLU A 97 20.71 -28.79 -8.57
CA GLU A 97 19.58 -28.18 -7.89
C GLU A 97 18.88 -29.28 -7.09
N ASP A 98 18.70 -29.11 -5.78
CA ASP A 98 18.12 -30.21 -5.02
C ASP A 98 16.61 -30.29 -5.25
N ALA A 99 15.92 -31.20 -4.57
CA ALA A 99 14.49 -31.42 -4.79
C ALA A 99 13.61 -30.66 -3.79
N ALA A 100 14.15 -29.63 -3.14
CA ALA A 100 13.39 -28.75 -2.25
C ALA A 100 12.35 -29.49 -1.40
N ASN A 101 12.81 -30.51 -0.68
CA ASN A 101 11.98 -31.26 0.27
C ASN A 101 10.71 -31.77 -0.38
N ASN A 102 10.71 -31.95 -1.70
CA ASN A 102 9.50 -32.15 -2.47
C ASN A 102 9.57 -33.52 -3.11
N TYR A 103 8.76 -34.48 -2.65
CA TYR A 103 8.80 -35.82 -3.22
C TYR A 103 8.59 -35.81 -4.74
N ALA A 104 7.59 -35.04 -5.21
CA ALA A 104 7.27 -34.98 -6.64
C ALA A 104 8.42 -34.35 -7.44
N ARG A 105 9.10 -33.35 -6.89
CA ARG A 105 10.21 -32.77 -7.60
C ARG A 105 11.33 -33.78 -7.79
N GLY A 106 11.51 -34.70 -6.86
CA GLY A 106 12.66 -35.59 -6.87
C GLY A 106 12.46 -36.82 -7.72
N HIS A 107 11.22 -37.31 -7.69
CA HIS A 107 10.79 -38.47 -8.45
C HIS A 107 10.58 -38.12 -9.92
N TYR A 108 9.68 -37.17 -10.18
CA TYR A 108 9.33 -36.73 -11.50
C TYR A 108 10.32 -35.72 -12.03
N THR A 109 10.01 -34.45 -11.88
CA THR A 109 10.78 -33.33 -12.41
C THR A 109 12.27 -33.61 -12.54
N ILE A 110 13.01 -33.42 -11.43
CA ILE A 110 14.46 -33.64 -11.41
C ILE A 110 14.81 -35.12 -11.50
N GLY A 111 13.98 -36.01 -10.97
CA GLY A 111 14.28 -37.42 -11.00
C GLY A 111 14.61 -37.90 -12.39
N LYS A 112 13.64 -37.73 -13.30
CA LYS A 112 13.75 -38.25 -14.67
C LYS A 112 15.03 -37.80 -15.36
N GLU A 113 15.63 -36.70 -14.90
CA GLU A 113 16.82 -36.18 -15.55
C GLU A 113 18.09 -36.91 -15.15
N ILE A 114 18.05 -37.80 -14.17
CA ILE A 114 19.31 -38.37 -13.71
C ILE A 114 19.17 -39.88 -13.51
N ILE A 115 17.94 -40.39 -13.54
CA ILE A 115 17.72 -41.81 -13.32
C ILE A 115 18.57 -42.63 -14.27
N ASP A 116 18.56 -42.27 -15.56
CA ASP A 116 19.40 -42.98 -16.52
C ASP A 116 20.88 -42.85 -16.18
N LEU A 117 21.31 -41.67 -15.77
CA LEU A 117 22.74 -41.52 -15.49
C LEU A 117 23.16 -42.39 -14.31
N VAL A 118 22.31 -42.45 -13.29
CA VAL A 118 22.64 -43.25 -12.10
C VAL A 118 22.70 -44.72 -12.46
N LEU A 119 21.67 -45.21 -13.16
CA LEU A 119 21.57 -46.63 -13.47
C LEU A 119 22.74 -47.10 -14.35
N ASP A 120 23.37 -46.22 -15.13
CA ASP A 120 24.60 -46.68 -15.77
C ASP A 120 25.75 -46.78 -14.80
N ARG A 121 25.91 -45.82 -13.89
CA ARG A 121 26.99 -45.98 -12.93
C ARG A 121 26.75 -47.19 -12.03
N ILE A 122 25.49 -47.51 -11.78
CA ILE A 122 25.17 -48.72 -11.03
C ILE A 122 25.49 -49.96 -11.85
N ARG A 123 25.06 -50.00 -13.12
CA ARG A 123 25.45 -51.11 -13.99
C ARG A 123 26.97 -51.23 -14.13
N LYS A 124 27.72 -50.16 -13.86
CA LYS A 124 29.17 -50.26 -13.98
C LYS A 124 29.78 -51.10 -12.86
N LEU A 125 29.19 -51.07 -11.66
CA LEU A 125 29.65 -51.94 -10.58
C LEU A 125 29.01 -53.32 -10.65
N ALA A 126 27.76 -53.41 -11.14
CA ALA A 126 27.15 -54.71 -11.38
C ALA A 126 27.99 -55.57 -12.33
N ASP A 127 28.77 -54.93 -13.21
CA ASP A 127 29.58 -55.64 -14.19
C ASP A 127 30.94 -56.04 -13.66
N GLN A 128 31.22 -55.74 -12.40
CA GLN A 128 32.35 -56.31 -11.70
C GLN A 128 31.92 -57.37 -10.70
N CYS A 129 30.71 -57.87 -10.83
CA CYS A 129 30.14 -58.79 -9.86
C CYS A 129 29.94 -60.14 -10.51
N THR A 130 30.70 -61.12 -10.02
CA THR A 130 30.57 -62.50 -10.45
C THR A 130 29.19 -63.07 -10.13
N GLY A 131 28.65 -62.74 -8.95
CA GLY A 131 27.33 -63.23 -8.57
C GLY A 131 26.58 -62.26 -7.71
N LEU A 132 26.06 -61.19 -8.32
CA LEU A 132 25.46 -60.08 -7.59
C LEU A 132 24.28 -60.55 -6.74
N GLN A 133 24.30 -60.14 -5.48
CA GLN A 133 23.27 -60.51 -4.50
C GLN A 133 22.08 -59.58 -4.56
N GLY A 134 22.34 -58.28 -4.51
CA GLY A 134 21.28 -57.29 -4.40
C GLY A 134 21.87 -55.98 -3.94
N PHE A 135 20.98 -55.09 -3.48
CA PHE A 135 21.36 -53.74 -3.12
C PHE A 135 20.95 -53.40 -1.69
N LEU A 136 21.82 -52.62 -1.04
CA LEU A 136 21.54 -51.96 0.25
C LEU A 136 21.32 -50.49 -0.06
N VAL A 137 20.09 -50.03 0.08
CA VAL A 137 19.70 -48.69 -0.35
C VAL A 137 19.46 -47.84 0.90
N PHE A 138 20.30 -46.81 1.09
CA PHE A 138 20.27 -45.94 2.27
C PHE A 138 19.63 -44.59 1.92
N HIS A 139 18.61 -44.18 2.64
CA HIS A 139 17.96 -42.91 2.32
C HIS A 139 17.09 -42.47 3.48
N SER A 140 16.42 -41.34 3.31
CA SER A 140 15.52 -40.80 4.33
C SER A 140 14.10 -40.73 3.81
N PHE A 141 13.11 -40.90 4.69
CA PHE A 141 11.72 -40.79 4.24
C PHE A 141 11.32 -39.34 3.95
N GLY A 142 12.18 -38.37 4.28
CA GLY A 142 11.74 -36.99 4.38
C GLY A 142 12.35 -36.06 3.36
N GLY A 143 13.63 -36.22 3.06
CA GLY A 143 14.20 -35.44 1.98
C GLY A 143 13.35 -35.63 0.74
N GLY A 144 13.31 -34.64 -0.15
CA GLY A 144 12.65 -34.85 -1.43
C GLY A 144 13.42 -35.81 -2.32
N THR A 145 14.75 -35.63 -2.41
CA THR A 145 15.63 -36.63 -2.99
C THR A 145 15.57 -37.94 -2.21
N GLY A 146 15.82 -37.86 -0.91
CA GLY A 146 15.58 -39.02 -0.09
C GLY A 146 14.35 -39.81 -0.46
N SER A 147 13.19 -39.17 -0.49
CA SER A 147 11.96 -39.96 -0.63
C SER A 147 11.60 -40.22 -2.08
N GLY A 148 11.70 -39.18 -2.92
CA GLY A 148 11.27 -39.23 -4.31
C GLY A 148 12.24 -39.87 -5.29
N PHE A 149 13.54 -39.64 -5.19
CA PHE A 149 14.42 -40.31 -6.13
C PHE A 149 14.65 -41.77 -5.78
N THR A 150 14.55 -42.12 -4.50
CA THR A 150 14.62 -43.51 -4.10
C THR A 150 13.50 -44.34 -4.70
N SER A 151 12.26 -43.85 -4.70
CA SER A 151 11.22 -44.71 -5.25
C SER A 151 11.41 -44.88 -6.76
N LEU A 152 11.80 -43.83 -7.49
CA LEU A 152 12.11 -44.01 -8.91
C LEU A 152 13.22 -45.03 -9.10
N LEU A 153 14.36 -44.81 -8.44
CA LEU A 153 15.46 -45.77 -8.53
C LEU A 153 15.06 -47.17 -8.12
N MET A 154 14.35 -47.33 -6.99
CA MET A 154 13.84 -48.63 -6.59
C MET A 154 13.03 -49.31 -7.70
N GLU A 155 12.07 -48.60 -8.31
CA GLU A 155 11.27 -49.23 -9.36
C GLU A 155 12.16 -49.74 -10.49
N ARG A 156 13.12 -48.93 -10.93
CA ARG A 156 13.98 -49.36 -12.02
C ARG A 156 14.76 -50.60 -11.64
N LEU A 157 15.46 -50.56 -10.50
CA LEU A 157 16.20 -51.74 -10.05
C LEU A 157 15.33 -52.99 -10.15
N SER A 158 14.08 -52.93 -9.70
CA SER A 158 13.18 -54.06 -9.86
C SER A 158 13.01 -54.46 -11.31
N VAL A 159 13.42 -53.62 -12.24
CA VAL A 159 13.31 -53.91 -13.66
C VAL A 159 14.63 -54.41 -14.24
N ASP A 160 15.72 -53.73 -13.97
CA ASP A 160 17.01 -54.11 -14.53
C ASP A 160 17.73 -55.18 -13.72
N TYR A 161 17.08 -55.75 -12.69
CA TYR A 161 17.67 -56.73 -11.77
C TYR A 161 16.59 -57.53 -11.07
N GLY A 162 15.48 -57.81 -11.72
CA GLY A 162 14.38 -58.50 -11.07
C GLY A 162 14.75 -59.67 -10.17
N LYS A 163 15.95 -60.24 -10.36
CA LYS A 163 16.38 -61.45 -9.65
C LYS A 163 17.17 -61.17 -8.37
N LYS A 164 17.54 -59.92 -8.11
CA LYS A 164 18.38 -59.58 -6.97
C LYS A 164 17.55 -59.00 -5.84
N SER A 165 18.14 -58.98 -4.66
CA SER A 165 17.46 -58.53 -3.46
C SER A 165 17.70 -57.04 -3.24
N LYS A 166 16.67 -56.36 -2.76
CA LYS A 166 16.75 -54.94 -2.40
C LYS A 166 16.44 -54.78 -0.91
N LEU A 167 17.42 -54.29 -0.17
CA LEU A 167 17.28 -53.98 1.24
C LEU A 167 17.35 -52.46 1.48
N GLU A 168 16.62 -51.99 2.49
CA GLU A 168 16.55 -50.56 2.79
C GLU A 168 16.96 -50.24 4.22
N PHE A 169 17.74 -49.19 4.36
CA PHE A 169 17.98 -48.53 5.63
C PHE A 169 17.40 -47.13 5.51
N SER A 170 16.20 -46.91 6.06
CA SER A 170 15.43 -45.69 5.90
C SER A 170 15.41 -44.87 7.19
N ILE A 171 15.65 -43.57 7.11
CA ILE A 171 15.53 -42.70 8.27
C ILE A 171 14.10 -42.18 8.39
N TYR A 172 13.45 -42.49 9.44
CA TYR A 172 12.08 -42.05 9.68
C TYR A 172 12.08 -40.68 10.38
N PRO A 173 11.09 -39.81 10.05
CA PRO A 173 11.24 -38.38 10.33
C PRO A 173 10.93 -37.95 11.76
N ALA A 174 11.85 -37.22 12.35
CA ALA A 174 11.67 -36.78 13.70
C ALA A 174 11.76 -35.28 13.74
N PRO A 175 10.78 -34.62 14.34
CA PRO A 175 10.78 -33.14 14.39
C PRO A 175 11.95 -32.52 15.12
N GLN A 176 12.56 -33.13 16.15
CA GLN A 176 13.74 -32.46 16.74
C GLN A 176 14.79 -32.20 15.68
N VAL A 177 15.09 -33.19 14.85
CA VAL A 177 16.16 -33.06 13.89
C VAL A 177 15.67 -32.63 12.52
N SER A 178 14.35 -32.47 12.32
CA SER A 178 13.79 -32.42 10.97
C SER A 178 14.08 -31.12 10.28
N THR A 179 14.25 -31.20 8.97
CA THR A 179 14.54 -30.03 8.15
C THR A 179 13.28 -29.43 7.50
N ALA A 180 12.09 -29.98 7.79
CA ALA A 180 10.97 -29.70 6.90
C ALA A 180 9.66 -30.07 7.55
N VAL A 181 8.61 -29.47 7.01
CA VAL A 181 7.24 -29.60 7.52
C VAL A 181 6.42 -30.56 6.67
N VAL A 182 6.85 -30.85 5.46
CA VAL A 182 6.13 -31.70 4.55
C VAL A 182 6.68 -33.12 4.57
N GLU A 183 7.46 -33.48 5.59
CA GLU A 183 8.10 -34.78 5.56
C GLU A 183 7.08 -35.92 5.68
N PRO A 184 5.93 -35.70 6.32
CA PRO A 184 4.90 -36.77 6.36
C PRO A 184 4.34 -37.06 4.98
N TYR A 185 4.29 -36.05 4.10
CA TYR A 185 3.82 -36.32 2.76
C TYR A 185 4.82 -37.21 2.02
N ASN A 186 6.12 -36.93 2.18
CA ASN A 186 7.11 -37.66 1.41
C ASN A 186 7.22 -39.08 1.89
N SER A 187 7.13 -39.29 3.20
CA SER A 187 7.17 -40.63 3.78
C SER A 187 6.09 -41.52 3.18
N ILE A 188 4.83 -41.09 3.25
CA ILE A 188 3.74 -41.90 2.70
C ILE A 188 3.91 -42.07 1.20
N LEU A 189 4.23 -41.01 0.48
CA LEU A 189 4.36 -41.14 -0.97
C LEU A 189 5.42 -42.17 -1.32
N THR A 190 6.58 -42.13 -0.65
CA THR A 190 7.69 -42.99 -1.00
C THR A 190 7.50 -44.43 -0.53
N THR A 191 6.80 -44.63 0.58
CA THR A 191 6.58 -46.01 1.00
C THR A 191 5.64 -46.74 0.05
N HIS A 192 4.54 -46.11 -0.31
CA HIS A 192 3.58 -46.72 -1.23
C HIS A 192 4.22 -47.10 -2.56
N THR A 193 5.05 -46.23 -3.09
CA THR A 193 5.70 -46.50 -4.36
C THR A 193 6.87 -47.44 -4.24
N THR A 194 7.50 -47.54 -3.07
CA THR A 194 8.69 -48.36 -2.92
C THR A 194 8.42 -49.76 -2.36
N LEU A 195 7.20 -50.02 -1.85
CA LEU A 195 6.94 -51.16 -0.97
C LEU A 195 7.21 -52.50 -1.66
N GLU A 196 6.54 -52.74 -2.77
CA GLU A 196 6.77 -53.96 -3.54
C GLU A 196 8.17 -54.06 -4.15
N HIS A 197 9.05 -53.12 -3.86
CA HIS A 197 10.38 -53.12 -4.42
C HIS A 197 11.46 -53.34 -3.39
N SER A 198 11.13 -53.23 -2.11
CA SER A 198 12.01 -53.56 -1.01
C SER A 198 11.66 -54.90 -0.41
N ASP A 199 12.68 -55.72 -0.18
CA ASP A 199 12.50 -57.04 0.40
C ASP A 199 12.51 -57.02 1.92
N CYS A 200 13.16 -56.02 2.51
CA CYS A 200 13.33 -55.91 3.94
C CYS A 200 13.86 -54.50 4.20
N ALA A 201 13.17 -53.74 5.05
CA ALA A 201 13.59 -52.38 5.35
C ALA A 201 13.75 -52.20 6.84
N PHE A 202 14.90 -51.73 7.26
CA PHE A 202 15.12 -51.36 8.64
C PHE A 202 14.89 -49.86 8.78
N MET A 203 13.89 -49.48 9.58
CA MET A 203 13.58 -48.08 9.85
C MET A 203 14.34 -47.61 11.08
N VAL A 204 14.89 -46.43 10.99
CA VAL A 204 15.55 -45.78 12.12
C VAL A 204 14.85 -44.45 12.34
N ASP A 205 14.11 -44.35 13.44
CA ASP A 205 13.37 -43.14 13.75
C ASP A 205 14.32 -42.17 14.48
N ASN A 206 14.63 -41.06 13.82
CA ASN A 206 15.61 -40.13 14.37
C ASN A 206 15.28 -39.76 15.82
N GLU A 207 14.00 -39.65 16.16
CA GLU A 207 13.62 -39.44 17.54
C GLU A 207 14.36 -40.40 18.47
N ALA A 208 14.18 -41.71 18.24
CA ALA A 208 14.88 -42.76 19.00
C ALA A 208 16.38 -42.50 19.07
N ILE A 209 17.04 -42.38 17.93
CA ILE A 209 18.50 -42.28 17.92
C ILE A 209 18.94 -41.06 18.72
N TYR A 210 18.15 -40.00 18.66
CA TYR A 210 18.44 -38.76 19.37
C TYR A 210 18.37 -38.93 20.88
N ASP A 211 17.28 -39.49 21.41
CA ASP A 211 17.21 -39.69 22.87
C ASP A 211 18.26 -40.64 23.37
N ILE A 212 18.54 -41.70 22.61
CA ILE A 212 19.64 -42.57 23.00
C ILE A 212 20.93 -41.76 23.16
N CYS A 213 21.21 -40.87 22.20
CA CYS A 213 22.44 -40.08 22.28
C CYS A 213 22.45 -39.16 23.50
N ARG A 214 21.29 -38.73 23.97
CA ARG A 214 21.19 -37.84 25.12
C ARG A 214 21.25 -38.59 26.44
N ARG A 215 20.43 -39.65 26.56
CA ARG A 215 20.43 -40.48 27.77
C ARG A 215 21.77 -41.17 27.97
N ASN A 216 22.20 -41.95 26.98
CA ASN A 216 23.30 -42.89 27.13
C ASN A 216 24.63 -42.36 26.66
N LEU A 217 24.66 -41.20 25.99
CA LEU A 217 25.93 -40.61 25.62
C LEU A 217 26.13 -39.27 26.29
N ASP A 218 25.21 -38.86 27.16
CA ASP A 218 25.30 -37.56 27.83
C ASP A 218 25.64 -36.47 26.82
N ILE A 219 25.01 -36.52 25.66
CA ILE A 219 25.18 -35.51 24.64
C ILE A 219 23.95 -34.60 24.69
N GLU A 220 24.19 -33.30 24.96
CA GLU A 220 23.11 -32.36 25.23
C GLU A 220 22.16 -32.21 24.04
N ARG A 221 22.70 -31.79 22.90
CA ARG A 221 21.94 -31.70 21.65
C ARG A 221 22.75 -32.44 20.60
N PRO A 222 22.42 -33.69 20.30
CA PRO A 222 23.21 -34.47 19.33
C PRO A 222 23.23 -33.82 17.96
N THR A 223 24.40 -33.90 17.31
CA THR A 223 24.51 -33.52 15.91
C THR A 223 24.26 -34.73 15.01
N TYR A 224 24.19 -34.48 13.71
CA TYR A 224 24.09 -35.61 12.79
C TYR A 224 25.30 -36.53 12.94
N THR A 225 26.47 -35.96 13.29
CA THR A 225 27.64 -36.81 13.48
C THR A 225 27.46 -37.75 14.64
N ASN A 226 26.93 -37.22 15.75
CA ASN A 226 26.56 -38.08 16.88
C ASN A 226 25.63 -39.19 16.40
N LEU A 227 24.56 -38.82 15.71
CA LEU A 227 23.55 -39.80 15.31
C LEU A 227 24.10 -40.77 14.29
N ASN A 228 24.89 -40.27 13.36
CA ASN A 228 25.25 -41.16 12.28
C ASN A 228 26.24 -42.21 12.75
N ARG A 229 27.17 -41.85 13.65
CA ARG A 229 28.13 -42.84 14.12
C ARG A 229 27.43 -43.94 14.93
N LEU A 230 26.40 -43.59 15.68
CA LEU A 230 25.56 -44.58 16.33
C LEU A 230 24.77 -45.40 15.31
N ILE A 231 24.22 -44.77 14.26
CA ILE A 231 23.44 -45.54 13.28
C ILE A 231 24.31 -46.49 12.48
N SER A 232 25.60 -46.21 12.36
CA SER A 232 26.45 -47.13 11.61
C SER A 232 26.69 -48.41 12.39
N GLN A 233 27.11 -48.26 13.65
CA GLN A 233 27.11 -49.33 14.65
C GLN A 233 25.96 -50.31 14.43
N ILE A 234 24.72 -49.81 14.38
CA ILE A 234 23.60 -50.73 14.14
C ILE A 234 23.65 -51.26 12.71
N VAL A 235 24.03 -50.42 11.74
CA VAL A 235 24.10 -50.91 10.37
C VAL A 235 25.16 -51.98 10.26
N SER A 236 26.28 -51.77 10.93
CA SER A 236 27.36 -52.73 10.84
C SER A 236 26.93 -54.06 11.45
N SER A 237 26.37 -54.04 12.67
CA SER A 237 25.77 -55.25 13.25
C SER A 237 24.88 -56.00 12.27
N ILE A 238 24.09 -55.25 11.50
CA ILE A 238 23.11 -55.85 10.61
C ILE A 238 23.76 -56.36 9.35
N THR A 239 24.89 -55.77 8.94
CA THR A 239 25.53 -56.20 7.71
C THR A 239 26.73 -57.08 7.98
N ALA A 240 27.09 -57.31 9.25
CA ALA A 240 28.36 -57.98 9.55
C ALA A 240 28.41 -59.39 8.99
N SER A 241 27.28 -60.10 8.99
CA SER A 241 27.28 -61.48 8.52
C SER A 241 27.64 -61.58 7.06
N LEU A 242 27.30 -60.57 6.28
CA LEU A 242 27.65 -60.51 4.86
C LEU A 242 29.13 -60.26 4.63
N ARG A 243 29.81 -59.67 5.60
CA ARG A 243 31.20 -59.30 5.43
C ARG A 243 32.13 -60.16 6.27
N PHE A 244 31.60 -61.13 7.00
CA PHE A 244 32.40 -61.97 7.87
C PHE A 244 32.02 -63.43 7.72
N ASP A 245 32.99 -64.31 7.97
CA ASP A 245 32.74 -65.73 8.00
C ASP A 245 31.62 -65.98 9.01
N GLY A 246 30.64 -66.78 8.61
CA GLY A 246 29.50 -67.02 9.48
C GLY A 246 28.53 -67.98 8.82
N ALA A 247 27.54 -68.42 9.61
CA ALA A 247 26.52 -69.34 9.15
C ALA A 247 25.12 -68.74 9.12
N LEU A 248 24.95 -67.55 9.69
CA LEU A 248 23.67 -66.86 9.82
C LEU A 248 23.68 -65.57 9.03
N ASN A 249 22.65 -65.37 8.21
CA ASN A 249 22.48 -64.18 7.36
C ASN A 249 23.70 -63.97 6.47
N VAL A 250 23.89 -64.93 5.57
CA VAL A 250 25.05 -64.92 4.68
C VAL A 250 24.74 -64.31 3.32
N ASP A 251 23.46 -64.18 2.94
CA ASP A 251 23.07 -63.47 1.74
C ASP A 251 21.79 -62.66 2.02
N LEU A 252 21.56 -61.64 1.19
CA LEU A 252 20.38 -60.78 1.35
C LEU A 252 19.08 -61.57 1.29
N THR A 253 19.11 -62.77 0.73
CA THR A 253 17.90 -63.56 0.71
C THR A 253 17.58 -64.01 2.12
N GLU A 254 18.61 -64.33 2.89
CA GLU A 254 18.38 -64.86 4.22
C GLU A 254 17.61 -63.88 5.09
N PHE A 255 17.76 -62.56 4.86
CA PHE A 255 17.04 -61.58 5.67
C PHE A 255 15.53 -61.67 5.43
N GLN A 256 15.11 -61.82 4.17
CA GLN A 256 13.71 -62.14 3.90
C GLN A 256 13.31 -63.40 4.64
N THR A 257 13.97 -64.52 4.32
CA THR A 257 13.65 -65.81 4.93
C THR A 257 13.52 -65.71 6.44
N ASN A 258 14.50 -65.09 7.08
CA ASN A 258 14.58 -65.12 8.53
C ASN A 258 13.63 -64.14 9.19
N LEU A 259 13.44 -62.97 8.60
CA LEU A 259 12.72 -61.88 9.24
C LEU A 259 11.41 -61.51 8.56
N VAL A 260 11.14 -61.99 7.35
CA VAL A 260 9.96 -61.52 6.65
C VAL A 260 9.13 -62.71 6.14
N PRO A 261 8.18 -63.21 6.93
CA PRO A 261 7.30 -64.27 6.43
C PRO A 261 6.26 -63.71 5.47
N TYR A 262 5.44 -62.78 5.94
CA TYR A 262 4.59 -62.13 4.96
C TYR A 262 5.36 -60.96 4.33
N PRO A 263 5.19 -60.72 3.01
CA PRO A 263 6.07 -59.80 2.28
C PRO A 263 5.87 -58.32 2.55
N ARG A 264 4.64 -57.80 2.50
CA ARG A 264 4.44 -56.39 2.84
C ARG A 264 5.04 -56.10 4.20
N ILE A 265 4.64 -56.88 5.19
CA ILE A 265 5.01 -56.60 6.55
C ILE A 265 6.49 -56.89 6.71
N HIS A 266 7.34 -56.04 6.12
CA HIS A 266 8.77 -56.33 6.05
C HIS A 266 9.63 -55.24 6.70
N PHE A 267 9.22 -54.80 7.90
CA PHE A 267 9.91 -53.73 8.63
C PHE A 267 10.28 -54.28 9.99
N PRO A 268 11.44 -54.93 10.10
CA PRO A 268 11.87 -55.51 11.38
C PRO A 268 12.36 -54.42 12.31
N LEU A 269 11.74 -54.32 13.47
CA LEU A 269 12.25 -53.46 14.54
C LEU A 269 13.67 -53.88 14.95
N ALA A 270 14.57 -52.92 15.10
CA ALA A 270 15.89 -53.19 15.63
C ALA A 270 16.06 -52.54 17.00
N THR A 271 16.51 -53.35 17.98
CA THR A 271 16.98 -52.87 19.26
C THR A 271 18.47 -53.19 19.38
N TYR A 272 19.23 -52.31 20.03
CA TYR A 272 20.69 -52.39 20.13
C TYR A 272 21.16 -51.92 21.50
N ALA A 273 22.02 -52.72 22.14
CA ALA A 273 22.64 -52.40 23.43
C ALA A 273 23.99 -53.10 23.51
N PRO A 274 24.93 -52.55 24.28
CA PRO A 274 24.81 -51.39 25.16
C PRO A 274 25.43 -50.11 24.57
N VAL A 275 24.77 -48.96 24.69
CA VAL A 275 25.33 -47.69 24.24
C VAL A 275 25.93 -46.98 25.44
N ILE A 276 27.26 -46.99 25.53
CA ILE A 276 27.99 -46.48 26.68
C ILE A 276 28.82 -45.28 26.25
N SER A 277 28.83 -44.24 27.09
CA SER A 277 29.57 -43.01 26.80
C SER A 277 31.07 -43.18 26.94
N ALA A 278 31.83 -42.66 25.97
CA ALA A 278 33.28 -42.71 26.11
C ALA A 278 33.82 -41.75 27.17
N GLU A 279 32.97 -40.83 27.68
CA GLU A 279 33.36 -39.93 28.76
C GLU A 279 33.37 -40.62 30.13
N LYS A 280 32.52 -41.63 30.34
CA LYS A 280 32.53 -42.37 31.61
C LYS A 280 33.89 -43.03 31.82
N ALA A 281 34.58 -42.66 32.91
CA ALA A 281 35.91 -43.19 33.18
C ALA A 281 35.87 -44.58 33.81
N TYR A 282 34.89 -44.82 34.69
CA TYR A 282 34.67 -46.11 35.33
C TYR A 282 33.37 -46.69 34.80
N HIS A 283 33.46 -47.88 34.21
CA HIS A 283 32.29 -48.53 33.65
C HIS A 283 32.33 -50.02 33.98
N GLU A 284 31.16 -50.56 34.26
CA GLU A 284 31.00 -51.97 34.62
C GLU A 284 30.50 -52.71 33.39
N GLN A 285 31.30 -53.65 32.88
CA GLN A 285 30.98 -54.28 31.61
C GLN A 285 29.74 -55.17 31.74
N LEU A 286 28.75 -54.88 30.90
CA LEU A 286 27.47 -55.57 30.96
C LEU A 286 27.55 -57.02 30.46
N SER A 287 26.75 -57.88 31.08
CA SER A 287 26.78 -59.31 30.84
C SER A 287 25.91 -59.68 29.67
N VAL A 288 26.13 -60.89 29.15
CA VAL A 288 25.27 -61.36 28.08
C VAL A 288 23.81 -61.20 28.46
N ALA A 289 23.46 -61.48 29.72
CA ALA A 289 22.05 -61.34 30.06
C ALA A 289 21.67 -59.86 30.21
N GLU A 290 22.50 -59.04 30.85
CA GLU A 290 22.16 -57.62 30.94
C GLU A 290 21.94 -57.00 29.54
N ILE A 291 22.86 -57.25 28.60
CA ILE A 291 22.67 -56.71 27.25
C ILE A 291 21.47 -57.37 26.58
N THR A 292 21.34 -58.69 26.68
CA THR A 292 20.19 -59.33 26.02
C THR A 292 18.87 -58.92 26.67
N ASN A 293 18.88 -58.60 27.96
CA ASN A 293 17.63 -58.11 28.54
C ASN A 293 17.26 -56.76 27.94
N ALA A 294 18.26 -55.92 27.64
CA ALA A 294 18.06 -54.58 27.09
C ALA A 294 17.46 -54.58 25.70
N CYS A 295 17.41 -55.72 25.02
CA CYS A 295 16.74 -55.80 23.74
C CYS A 295 15.24 -55.75 23.87
N PHE A 296 14.69 -55.84 25.08
CA PHE A 296 13.25 -55.78 25.29
C PHE A 296 12.84 -54.56 26.08
N GLU A 297 13.76 -53.64 26.31
CA GLU A 297 13.41 -52.33 26.82
C GLU A 297 13.18 -51.40 25.63
N PRO A 298 12.01 -50.77 25.47
CA PRO A 298 11.82 -49.86 24.33
C PRO A 298 12.91 -48.83 24.20
N ALA A 299 13.34 -48.25 25.32
CA ALA A 299 14.33 -47.19 25.33
C ALA A 299 15.57 -47.51 24.51
N ASN A 300 15.66 -48.71 23.96
CA ASN A 300 16.81 -49.11 23.17
C ASN A 300 16.49 -49.33 21.71
N GLN A 301 15.25 -49.14 21.31
CA GLN A 301 14.85 -49.52 19.98
C GLN A 301 15.21 -48.42 18.99
N MET A 302 15.32 -48.79 17.71
CA MET A 302 15.44 -47.79 16.68
C MET A 302 14.12 -47.10 16.42
N VAL A 303 13.03 -47.63 16.92
CA VAL A 303 11.74 -46.96 16.81
C VAL A 303 11.07 -47.14 18.16
N LYS A 304 10.61 -46.06 18.76
CA LYS A 304 9.89 -46.20 20.02
C LYS A 304 8.51 -46.80 19.79
N CYS A 305 8.20 -47.88 20.49
CA CYS A 305 6.97 -48.62 20.34
C CYS A 305 6.98 -49.70 21.40
N ASP A 306 5.85 -50.34 21.58
CA ASP A 306 5.65 -51.20 22.74
C ASP A 306 5.44 -52.61 22.21
N PRO A 307 6.49 -53.43 22.10
CA PRO A 307 6.33 -54.76 21.54
C PRO A 307 5.49 -55.67 22.42
N ARG A 308 5.28 -55.32 23.69
CA ARG A 308 4.34 -56.08 24.50
C ARG A 308 2.97 -56.13 23.84
N HIS A 309 2.58 -55.02 23.24
CA HIS A 309 1.24 -54.88 22.67
C HIS A 309 1.32 -55.06 21.16
N GLY A 310 1.65 -56.29 20.82
CA GLY A 310 1.88 -56.73 19.46
C GLY A 310 2.40 -58.15 19.51
N LYS A 311 2.68 -58.70 18.34
CA LYS A 311 3.08 -60.10 18.26
C LYS A 311 4.30 -60.22 17.39
N TYR A 312 5.11 -61.22 17.67
CA TYR A 312 6.33 -61.42 16.89
C TYR A 312 6.08 -62.40 15.77
N MET A 313 6.95 -62.31 14.76
CA MET A 313 7.00 -63.26 13.67
C MET A 313 8.38 -63.81 13.45
N ALA A 314 9.40 -63.16 13.96
CA ALA A 314 10.76 -63.63 13.77
C ALA A 314 11.63 -62.91 14.77
N CYS A 315 12.87 -63.35 14.87
CA CYS A 315 13.69 -62.71 15.86
C CYS A 315 15.12 -63.24 15.78
N CYS A 316 16.05 -62.39 15.36
CA CYS A 316 17.47 -62.70 15.39
C CYS A 316 18.11 -62.00 16.57
N LEU A 317 19.22 -62.58 17.05
CA LEU A 317 20.09 -61.91 17.99
C LEU A 317 21.49 -61.90 17.40
N LEU A 318 22.02 -60.73 17.21
CA LEU A 318 23.30 -60.59 16.56
C LEU A 318 24.24 -60.11 17.65
N TYR A 319 25.12 -61.01 18.10
CA TYR A 319 26.11 -60.69 19.11
C TYR A 319 27.47 -60.44 18.48
N ARG A 320 28.21 -59.49 19.05
CA ARG A 320 29.56 -59.16 18.64
C ARG A 320 30.38 -58.94 19.90
N GLY A 321 31.30 -59.86 20.14
CA GLY A 321 32.24 -59.82 21.22
C GLY A 321 32.21 -61.11 22.00
N ASP A 322 32.56 -60.98 23.27
CA ASP A 322 32.76 -62.11 24.14
C ASP A 322 31.41 -62.68 24.52
N VAL A 323 30.85 -63.48 23.61
CA VAL A 323 29.64 -64.22 23.90
C VAL A 323 29.84 -65.67 23.50
N VAL A 324 29.27 -66.60 24.29
CA VAL A 324 29.20 -68.03 23.96
C VAL A 324 27.76 -68.48 24.05
N PRO A 325 27.32 -69.36 23.15
CA PRO A 325 25.92 -69.83 23.14
C PRO A 325 25.29 -70.09 24.50
N LYS A 326 26.04 -70.63 25.46
CA LYS A 326 25.43 -71.06 26.71
C LYS A 326 24.88 -69.88 27.51
N ASP A 327 25.71 -68.85 27.71
CA ASP A 327 25.24 -67.62 28.35
C ASP A 327 24.07 -67.00 27.62
N VAL A 328 23.93 -67.25 26.33
CA VAL A 328 22.82 -66.70 25.57
C VAL A 328 21.53 -67.41 25.94
N ASN A 329 21.52 -68.74 25.79
CA ASN A 329 20.34 -69.54 26.14
C ASN A 329 19.93 -69.36 27.59
N ALA A 330 20.90 -69.14 28.48
CA ALA A 330 20.59 -68.80 29.86
C ALA A 330 19.81 -67.49 29.94
N ALA A 331 20.36 -66.42 29.36
CA ALA A 331 19.67 -65.14 29.39
C ALA A 331 18.31 -65.22 28.71
N ILE A 332 18.22 -66.02 27.64
CA ILE A 332 16.94 -66.24 26.95
C ILE A 332 15.93 -66.91 27.87
N ALA A 333 16.35 -67.99 28.53
CA ALA A 333 15.48 -68.71 29.45
C ALA A 333 14.88 -67.79 30.49
N THR A 334 15.74 -67.14 31.28
CA THR A 334 15.27 -66.20 32.29
C THR A 334 14.38 -65.12 31.69
N ILE A 335 14.74 -64.60 30.52
CA ILE A 335 13.94 -63.52 29.95
C ILE A 335 12.59 -64.05 29.48
N LYS A 336 12.54 -65.27 28.90
CA LYS A 336 11.27 -65.80 28.45
C LYS A 336 10.21 -65.70 29.54
N THR A 337 10.61 -66.00 30.78
CA THR A 337 9.69 -65.90 31.89
C THR A 337 9.18 -64.47 32.05
N LYS A 338 10.10 -63.53 32.34
CA LYS A 338 9.78 -62.19 32.84
C LYS A 338 9.22 -61.24 31.78
N ARG A 339 9.25 -61.57 30.49
CA ARG A 339 8.82 -60.63 29.48
C ARG A 339 7.56 -61.16 28.78
N SER A 340 6.84 -60.23 28.17
CA SER A 340 5.63 -60.51 27.39
C SER A 340 6.07 -60.69 25.94
N ILE A 341 6.41 -61.92 25.57
CA ILE A 341 6.89 -62.20 24.22
C ILE A 341 5.92 -63.17 23.55
N GLN A 342 4.98 -62.62 22.79
CA GLN A 342 3.93 -63.39 22.16
C GLN A 342 4.22 -63.46 20.68
N PHE A 343 4.30 -64.66 20.13
CA PHE A 343 4.45 -64.85 18.70
C PHE A 343 3.11 -65.15 18.03
N VAL A 344 3.04 -64.80 16.75
CA VAL A 344 1.91 -65.22 15.96
C VAL A 344 1.84 -66.73 16.00
N ASP A 345 0.61 -67.24 16.16
CA ASP A 345 0.41 -68.68 16.38
C ASP A 345 1.10 -69.52 15.33
N TRP A 346 1.29 -68.99 14.12
CA TRP A 346 1.78 -69.78 13.01
C TRP A 346 3.28 -69.64 12.81
N CYS A 347 3.98 -69.16 13.83
CA CYS A 347 5.43 -69.06 13.84
C CYS A 347 5.95 -69.67 15.12
N PRO A 348 7.04 -70.43 15.02
CA PRO A 348 7.72 -70.88 16.24
C PRO A 348 8.18 -69.71 17.09
N THR A 349 8.16 -69.94 18.40
CA THR A 349 8.63 -68.98 19.40
C THR A 349 10.10 -69.26 19.64
N GLY A 350 10.94 -68.92 18.65
CA GLY A 350 12.36 -69.15 18.76
C GLY A 350 13.16 -67.91 18.42
N PHE A 351 14.48 -68.04 18.59
CA PHE A 351 15.46 -66.99 18.31
C PHE A 351 16.59 -67.55 17.46
N LYS A 352 16.70 -67.11 16.21
CA LYS A 352 17.91 -67.37 15.45
C LYS A 352 19.02 -66.48 15.99
N VAL A 353 20.20 -67.03 16.22
CA VAL A 353 21.25 -66.32 16.94
C VAL A 353 22.54 -66.35 16.14
N GLY A 354 23.24 -65.23 16.12
CA GLY A 354 24.57 -65.19 15.55
C GLY A 354 25.52 -64.53 16.51
N ILE A 355 26.73 -65.10 16.62
CA ILE A 355 27.80 -64.50 17.41
C ILE A 355 29.01 -64.32 16.52
N ASN A 356 29.56 -63.11 16.52
CA ASN A 356 30.85 -62.80 15.95
C ASN A 356 31.79 -62.42 17.08
N TYR A 357 32.94 -63.08 17.15
CA TYR A 357 33.80 -62.91 18.30
C TYR A 357 34.52 -61.57 18.30
N GLN A 358 34.68 -60.91 17.14
CA GLN A 358 35.39 -59.61 17.12
C GLN A 358 34.52 -58.57 17.80
N PRO A 359 34.94 -58.01 18.92
CA PRO A 359 34.05 -57.08 19.67
C PRO A 359 33.79 -55.82 18.89
N PRO A 360 32.77 -55.05 19.28
CA PRO A 360 32.38 -53.88 18.48
C PRO A 360 33.55 -52.93 18.28
N THR A 361 33.56 -52.31 17.12
CA THR A 361 34.61 -51.38 16.72
C THR A 361 34.08 -49.97 16.90
N VAL A 362 34.85 -49.14 17.58
CA VAL A 362 34.46 -47.76 17.85
C VAL A 362 35.46 -46.83 17.17
N VAL A 363 34.96 -45.71 16.67
CA VAL A 363 35.79 -44.78 15.91
C VAL A 363 36.68 -44.02 16.88
N PRO A 364 38.01 -44.09 16.73
CA PRO A 364 38.87 -43.32 17.63
C PRO A 364 38.42 -41.88 17.65
N GLY A 365 38.12 -41.38 18.86
CA GLY A 365 37.62 -40.03 19.02
C GLY A 365 36.12 -39.90 19.00
N GLY A 366 35.39 -41.01 18.98
CA GLY A 366 33.96 -40.98 18.91
C GLY A 366 33.33 -40.76 20.28
N ASP A 367 32.03 -40.96 20.32
CA ASP A 367 31.25 -40.80 21.53
C ASP A 367 30.93 -42.13 22.20
N LEU A 368 31.17 -43.24 21.52
CA LEU A 368 30.84 -44.56 22.04
C LEU A 368 32.08 -45.15 22.69
N ALA A 369 31.89 -45.78 23.84
CA ALA A 369 32.98 -46.50 24.48
C ALA A 369 33.12 -47.89 23.85
N LYS A 370 34.36 -48.41 23.86
CA LYS A 370 34.56 -49.80 23.50
C LYS A 370 33.97 -50.71 24.57
N VAL A 371 33.55 -51.90 24.17
CA VAL A 371 32.86 -52.80 25.06
C VAL A 371 33.27 -54.24 24.75
N GLN A 372 33.11 -55.10 25.77
CA GLN A 372 33.55 -56.48 25.65
C GLN A 372 32.58 -57.28 24.80
N ARG A 373 31.29 -57.02 24.95
CA ARG A 373 30.27 -57.71 24.20
C ARG A 373 29.17 -56.71 23.91
N ALA A 374 28.46 -56.92 22.80
CA ALA A 374 27.28 -56.14 22.45
C ALA A 374 26.38 -57.00 21.57
N VAL A 375 25.09 -56.61 21.52
CA VAL A 375 24.08 -57.35 20.78
C VAL A 375 23.21 -56.36 20.05
N CYS A 376 22.69 -56.79 18.88
CA CYS A 376 21.67 -56.09 18.11
C CYS A 376 20.51 -57.04 17.85
N MET A 377 19.38 -56.84 18.50
CA MET A 377 18.26 -57.74 18.24
C MET A 377 17.49 -57.20 17.03
N LEU A 378 17.06 -58.10 16.14
CA LEU A 378 16.21 -57.78 15.01
C LEU A 378 14.93 -58.56 15.14
N SER A 379 13.85 -57.87 15.45
CA SER A 379 12.58 -58.53 15.75
C SER A 379 11.47 -57.92 14.92
N ASN A 380 10.85 -58.73 14.08
CA ASN A 380 9.73 -58.26 13.28
C ASN A 380 8.46 -58.32 14.10
N THR A 381 8.29 -57.35 15.00
CA THR A 381 7.07 -57.27 15.79
C THR A 381 6.05 -56.37 15.09
N THR A 382 4.77 -56.67 15.33
CA THR A 382 3.74 -55.82 14.74
C THR A 382 3.69 -54.46 15.39
N ALA A 383 4.27 -54.32 16.59
CA ALA A 383 4.22 -53.05 17.32
C ALA A 383 4.93 -51.91 16.59
N ILE A 384 5.67 -52.18 15.52
CA ILE A 384 6.25 -51.13 14.71
C ILE A 384 5.20 -50.41 13.90
N ALA A 385 4.00 -50.97 13.78
CA ALA A 385 3.01 -50.24 13.02
C ALA A 385 2.61 -48.98 13.76
N GLU A 386 2.90 -48.87 15.05
CA GLU A 386 2.70 -47.60 15.74
C GLU A 386 3.30 -46.46 14.93
N ALA A 387 4.47 -46.71 14.34
CA ALA A 387 5.13 -45.68 13.54
C ALA A 387 4.27 -45.29 12.36
N TRP A 388 3.62 -46.28 11.75
CA TRP A 388 2.74 -45.99 10.62
C TRP A 388 1.51 -45.19 11.07
N ALA A 389 0.92 -45.57 12.20
CA ALA A 389 -0.16 -44.76 12.76
C ALA A 389 0.26 -43.31 12.89
N ARG A 390 1.34 -43.06 13.64
CA ARG A 390 1.79 -41.69 13.88
C ARG A 390 1.95 -40.91 12.57
N LEU A 391 2.87 -41.35 11.74
CA LEU A 391 3.08 -40.71 10.45
C LEU A 391 1.76 -40.54 9.70
N ASP A 392 0.98 -41.62 9.59
CA ASP A 392 -0.27 -41.55 8.81
C ASP A 392 -1.20 -40.49 9.36
N HIS A 393 -1.25 -40.32 10.68
CA HIS A 393 -2.10 -39.30 11.27
C HIS A 393 -1.66 -37.92 10.84
N LYS A 394 -0.37 -37.60 11.02
CA LYS A 394 0.10 -36.30 10.57
C LYS A 394 -0.32 -36.09 9.13
N PHE A 395 -0.05 -37.07 8.28
CA PHE A 395 -0.44 -36.96 6.88
C PHE A 395 -1.90 -36.57 6.77
N ASP A 396 -2.75 -37.23 7.54
CA ASP A 396 -4.17 -36.95 7.47
C ASP A 396 -4.46 -35.51 7.86
N LEU A 397 -3.85 -35.04 8.96
CA LEU A 397 -4.14 -33.67 9.40
C LEU A 397 -3.91 -32.67 8.28
N MET A 398 -2.73 -32.70 7.66
CA MET A 398 -2.41 -31.70 6.65
C MET A 398 -3.27 -31.90 5.41
N TYR A 399 -3.37 -33.15 4.96
CA TYR A 399 -4.06 -33.44 3.72
C TYR A 399 -5.53 -33.09 3.77
N ALA A 400 -6.14 -32.99 4.96
CA ALA A 400 -7.56 -32.65 5.01
C ALA A 400 -7.80 -31.22 4.59
N LYS A 401 -6.81 -30.36 4.75
CA LYS A 401 -6.84 -29.02 4.20
C LYS A 401 -6.13 -28.92 2.87
N ARG A 402 -5.62 -30.04 2.37
CA ARG A 402 -4.71 -30.06 1.22
C ARG A 402 -3.56 -29.05 1.34
N ALA A 403 -3.19 -28.72 2.56
CA ALA A 403 -2.03 -27.87 2.75
C ALA A 403 -0.82 -28.45 2.03
N PHE A 404 -0.06 -27.58 1.37
CA PHE A 404 1.11 -27.92 0.57
C PHE A 404 0.89 -28.84 -0.63
N VAL A 405 -0.32 -29.37 -0.81
CA VAL A 405 -0.59 -30.23 -1.97
C VAL A 405 -0.12 -29.60 -3.28
N HIS A 406 -0.21 -28.26 -3.38
CA HIS A 406 0.03 -27.63 -4.67
C HIS A 406 1.50 -27.71 -5.07
N TRP A 407 2.41 -27.65 -4.12
CA TRP A 407 3.82 -27.77 -4.47
C TRP A 407 4.08 -29.08 -5.21
N TYR A 408 3.32 -30.13 -4.90
CA TYR A 408 3.54 -31.42 -5.53
C TYR A 408 2.89 -31.47 -6.92
N VAL A 409 1.60 -31.18 -6.98
CA VAL A 409 0.88 -31.11 -8.25
C VAL A 409 1.67 -30.28 -9.26
N GLY A 410 2.13 -29.11 -8.83
CA GLY A 410 2.89 -28.22 -9.68
C GLY A 410 4.12 -28.85 -10.28
N GLU A 411 4.58 -29.98 -9.77
CA GLU A 411 5.71 -30.67 -10.38
C GLU A 411 5.28 -31.74 -11.36
N GLY A 412 3.98 -31.90 -11.62
CA GLY A 412 3.49 -32.93 -12.49
C GLY A 412 2.73 -34.04 -11.80
N MET A 413 2.62 -34.01 -10.47
CA MET A 413 1.95 -35.05 -9.74
C MET A 413 0.44 -34.82 -9.81
N GLU A 414 -0.33 -35.74 -9.23
CA GLU A 414 -1.78 -35.66 -9.31
C GLU A 414 -2.37 -35.88 -7.94
N GLU A 415 -3.26 -35.00 -7.52
CA GLU A 415 -3.82 -35.06 -6.18
C GLU A 415 -4.24 -36.48 -5.82
N GLY A 416 -4.31 -37.38 -6.79
CA GLY A 416 -4.79 -38.73 -6.55
C GLY A 416 -3.74 -39.68 -6.02
N GLU A 417 -2.52 -39.59 -6.57
CA GLU A 417 -1.41 -40.31 -5.93
C GLU A 417 -1.33 -40.02 -4.43
N PHE A 418 -1.84 -38.88 -3.97
CA PHE A 418 -1.91 -38.64 -2.53
C PHE A 418 -2.84 -39.64 -1.85
N SER A 419 -4.09 -39.74 -2.31
CA SER A 419 -5.03 -40.65 -1.67
C SER A 419 -4.74 -42.10 -2.02
N GLU A 420 -3.96 -42.33 -3.06
CA GLU A 420 -3.64 -43.70 -3.44
C GLU A 420 -2.52 -44.24 -2.58
N ALA A 421 -1.46 -43.45 -2.39
CA ALA A 421 -0.39 -43.88 -1.49
C ALA A 421 -0.88 -43.97 -0.05
N ARG A 422 -1.90 -43.20 0.33
CA ARG A 422 -2.43 -43.28 1.69
C ARG A 422 -3.39 -44.45 1.88
N GLU A 423 -4.13 -44.85 0.85
CA GLU A 423 -4.93 -46.06 0.96
C GLU A 423 -4.04 -47.28 1.17
N ASP A 424 -2.93 -47.33 0.42
CA ASP A 424 -1.97 -48.41 0.61
C ASP A 424 -1.59 -48.51 2.08
N MET A 425 -1.08 -47.40 2.63
CA MET A 425 -0.82 -47.30 4.06
C MET A 425 -2.00 -47.84 4.85
N ALA A 426 -3.21 -47.37 4.58
CA ALA A 426 -4.38 -47.83 5.32
C ALA A 426 -4.53 -49.34 5.25
N ALA A 427 -4.16 -49.94 4.11
CA ALA A 427 -4.03 -51.39 4.05
C ALA A 427 -2.99 -51.86 5.04
N LEU A 428 -1.73 -51.51 4.79
CA LEU A 428 -0.62 -51.89 5.64
C LEU A 428 -0.98 -51.85 7.13
N GLU A 429 -1.62 -50.78 7.59
CA GLU A 429 -2.00 -50.72 9.01
C GLU A 429 -3.02 -51.80 9.37
N LYS A 430 -3.85 -52.20 8.42
CA LYS A 430 -4.82 -53.24 8.66
C LYS A 430 -4.14 -54.61 8.67
N ASP A 431 -3.31 -54.90 7.67
CA ASP A 431 -2.51 -56.11 7.68
C ASP A 431 -1.85 -56.28 9.04
N TYR A 432 -1.10 -55.28 9.48
CA TYR A 432 -0.45 -55.36 10.79
C TYR A 432 -1.45 -55.77 11.86
N GLU A 433 -2.63 -55.15 11.88
CA GLU A 433 -3.53 -55.39 13.00
C GLU A 433 -4.13 -56.78 12.96
N GLU A 434 -4.36 -57.32 11.76
CA GLU A 434 -4.85 -58.68 11.67
C GLU A 434 -3.84 -59.62 12.29
N VAL A 435 -2.57 -59.49 11.89
CA VAL A 435 -1.52 -60.37 12.38
C VAL A 435 -1.30 -60.21 13.89
N GLY A 436 -1.77 -59.12 14.48
CA GLY A 436 -1.40 -58.80 15.84
C GLY A 436 -2.50 -58.81 16.88
N VAL A 437 -3.60 -59.53 16.64
CA VAL A 437 -4.65 -59.61 17.65
C VAL A 437 -5.25 -61.02 17.79
N ARG B 2 24.29 -21.19 -6.11
CA ARG B 2 22.89 -20.79 -6.04
C ARG B 2 22.83 -19.28 -5.83
N GLU B 3 23.10 -18.53 -6.90
CA GLU B 3 23.09 -17.08 -6.82
C GLU B 3 21.68 -16.54 -6.66
N ILE B 4 21.58 -15.42 -5.96
CA ILE B 4 20.36 -14.64 -5.84
C ILE B 4 20.60 -13.34 -6.59
N VAL B 5 19.58 -12.86 -7.29
CA VAL B 5 19.68 -11.60 -8.03
C VAL B 5 18.76 -10.57 -7.36
N HIS B 6 19.39 -9.48 -6.93
CA HIS B 6 18.75 -8.44 -6.14
C HIS B 6 18.38 -7.26 -7.02
N ILE B 7 17.20 -6.70 -6.76
CA ILE B 7 16.63 -5.64 -7.57
C ILE B 7 16.01 -4.65 -6.60
N GLN B 8 16.38 -3.38 -6.71
CA GLN B 8 15.79 -2.36 -5.86
C GLN B 8 15.27 -1.24 -6.76
N ALA B 9 14.01 -0.85 -6.55
CA ALA B 9 13.28 -0.04 -7.51
C ALA B 9 12.61 1.14 -6.80
N GLY B 10 12.99 2.35 -7.18
CA GLY B 10 12.37 3.54 -6.64
C GLY B 10 13.00 4.07 -5.37
N GLN B 11 12.52 5.26 -4.95
CA GLN B 11 12.98 5.98 -3.76
C GLN B 11 13.12 4.96 -2.63
N CYS B 12 11.97 4.45 -2.15
CA CYS B 12 11.97 3.51 -1.04
C CYS B 12 12.78 2.26 -1.38
N GLY B 13 12.47 1.64 -2.51
CA GLY B 13 13.24 0.49 -2.93
C GLY B 13 14.74 0.66 -2.73
N ASN B 14 15.32 1.72 -3.30
CA ASN B 14 16.78 1.85 -3.34
C ASN B 14 17.36 2.24 -2.00
N GLN B 15 16.60 2.96 -1.19
CA GLN B 15 17.06 3.32 0.14
C GLN B 15 17.13 2.11 1.07
N ILE B 16 16.06 1.35 1.22
CA ILE B 16 16.24 0.15 2.03
C ILE B 16 17.22 -0.78 1.33
N GLY B 17 17.07 -0.95 0.03
CA GLY B 17 18.07 -1.68 -0.73
C GLY B 17 19.48 -1.30 -0.35
N ALA B 18 19.78 -0.01 -0.25
CA ALA B 18 21.16 0.39 -0.05
C ALA B 18 21.64 0.10 1.37
N LYS B 19 20.76 0.23 2.36
CA LYS B 19 21.16 -0.13 3.72
C LYS B 19 21.51 -1.61 3.81
N PHE B 20 20.63 -2.46 3.29
CA PHE B 20 20.84 -3.89 3.31
C PHE B 20 22.27 -4.23 2.85
N TRP B 21 22.67 -3.72 1.69
CA TRP B 21 24.02 -4.01 1.21
C TRP B 21 25.09 -3.50 2.17
N GLU B 22 24.93 -2.30 2.71
CA GLU B 22 25.84 -1.88 3.78
C GLU B 22 25.90 -2.93 4.88
N VAL B 23 24.72 -3.39 5.32
CA VAL B 23 24.57 -4.16 6.55
C VAL B 23 25.17 -5.54 6.38
N ILE B 24 24.95 -6.16 5.21
CA ILE B 24 25.49 -7.49 4.99
C ILE B 24 26.90 -7.43 4.41
N SER B 25 27.32 -6.31 3.84
CA SER B 25 28.73 -6.23 3.49
C SER B 25 29.58 -6.17 4.74
N ASP B 26 29.09 -5.48 5.77
CA ASP B 26 29.76 -5.45 7.06
C ASP B 26 29.82 -6.84 7.71
N GLU B 27 28.78 -7.66 7.52
CA GLU B 27 28.81 -9.00 8.10
C GLU B 27 29.81 -9.89 7.37
N HIS B 28 29.84 -9.81 6.06
CA HIS B 28 30.77 -10.61 5.29
C HIS B 28 32.13 -9.95 5.21
N GLY B 29 32.32 -8.87 5.97
CA GLY B 29 33.62 -8.24 6.05
C GLY B 29 34.13 -7.71 4.74
N ILE B 30 33.25 -7.20 3.87
CA ILE B 30 33.64 -6.51 2.66
C ILE B 30 33.49 -5.01 2.89
N ASP B 31 34.43 -4.23 2.36
CA ASP B 31 34.39 -2.78 2.57
C ASP B 31 33.88 -2.08 1.33
N PRO B 32 33.71 -0.76 1.39
CA PRO B 32 33.15 -0.06 0.22
C PRO B 32 34.00 -0.19 -1.02
N THR B 33 35.31 -0.41 -0.89
CA THR B 33 36.14 -0.70 -2.07
C THR B 33 35.85 -2.05 -2.67
N GLY B 34 35.18 -2.94 -1.94
CA GLY B 34 34.92 -4.29 -2.41
C GLY B 34 35.92 -5.35 -1.97
N SER B 35 36.94 -4.98 -1.19
CA SER B 35 38.00 -5.90 -0.76
C SER B 35 37.65 -6.52 0.59
N TYR B 36 37.75 -7.86 0.65
CA TYR B 36 37.42 -8.59 1.86
C TYR B 36 38.53 -8.42 2.89
N HIS B 37 38.18 -7.87 4.06
CA HIS B 37 39.08 -7.79 5.23
C HIS B 37 38.37 -8.44 6.42
N GLY B 38 38.28 -9.78 6.42
CA GLY B 38 37.42 -10.49 7.33
C GLY B 38 38.12 -11.40 8.33
N ASP B 39 37.36 -11.77 9.35
CA ASP B 39 37.83 -12.54 10.48
C ASP B 39 37.75 -14.03 10.17
N SER B 40 36.55 -14.59 10.32
CA SER B 40 36.21 -15.98 10.02
C SER B 40 36.17 -16.24 8.53
N ASP B 41 36.22 -17.52 8.16
CA ASP B 41 35.96 -17.92 6.79
C ASP B 41 34.48 -18.13 6.53
N LEU B 42 33.70 -18.37 7.59
CA LEU B 42 32.25 -18.44 7.48
C LEU B 42 31.78 -17.27 6.62
N GLN B 43 32.45 -16.13 6.75
CA GLN B 43 32.14 -14.93 6.00
C GLN B 43 32.31 -15.07 4.49
N LEU B 44 33.09 -16.03 4.01
CA LEU B 44 33.19 -16.20 2.57
C LEU B 44 32.67 -17.53 2.06
N GLU B 45 32.17 -18.41 2.92
CA GLU B 45 31.78 -19.72 2.42
C GLU B 45 30.64 -19.63 1.43
N ARG B 46 29.68 -18.74 1.67
CA ARG B 46 28.50 -18.66 0.82
C ARG B 46 28.37 -17.27 0.22
N ILE B 47 29.50 -16.57 0.11
CA ILE B 47 29.48 -15.16 -0.27
C ILE B 47 28.94 -14.99 -1.68
N ASN B 48 29.01 -16.03 -2.51
CA ASN B 48 28.58 -15.90 -3.90
C ASN B 48 27.07 -15.88 -4.04
N VAL B 49 26.32 -16.26 -3.01
CA VAL B 49 24.86 -16.18 -3.10
C VAL B 49 24.44 -14.76 -3.46
N TYR B 50 25.08 -13.77 -2.83
CA TYR B 50 24.73 -12.38 -3.02
C TYR B 50 25.79 -11.54 -3.71
N TYR B 51 27.03 -12.00 -3.82
CA TYR B 51 28.09 -11.20 -4.43
C TYR B 51 28.70 -11.97 -5.60
N ASN B 52 28.86 -11.29 -6.74
CA ASN B 52 29.77 -11.75 -7.78
C ASN B 52 31.21 -11.42 -7.41
N GLU B 53 32.15 -12.22 -7.91
CA GLU B 53 33.57 -12.10 -7.59
C GLU B 53 34.31 -11.54 -8.80
N ALA B 54 35.05 -10.46 -8.58
CA ALA B 54 35.76 -9.75 -9.63
C ALA B 54 37.25 -10.03 -9.58
N THR B 55 37.88 -9.96 -10.75
CA THR B 55 39.33 -10.06 -10.84
C THR B 55 39.97 -9.07 -9.88
N GLY B 56 41.16 -9.41 -9.39
CA GLY B 56 41.66 -8.73 -8.23
C GLY B 56 40.98 -9.15 -6.96
N ASN B 57 40.22 -10.25 -6.99
CA ASN B 57 39.48 -10.79 -5.85
C ASN B 57 38.74 -9.69 -5.08
N LYS B 58 37.92 -8.96 -5.84
CA LYS B 58 36.93 -8.02 -5.31
C LYS B 58 35.54 -8.65 -5.37
N TYR B 59 34.64 -8.15 -4.52
CA TYR B 59 33.29 -8.67 -4.45
C TYR B 59 32.28 -7.61 -4.87
N VAL B 60 31.40 -7.97 -5.81
CA VAL B 60 30.49 -7.03 -6.45
C VAL B 60 29.04 -7.49 -6.24
N PRO B 61 28.21 -6.73 -5.54
CA PRO B 61 26.85 -7.19 -5.27
C PRO B 61 26.11 -7.50 -6.56
N ARG B 62 25.36 -8.60 -6.53
CA ARG B 62 24.54 -8.98 -7.67
C ARG B 62 23.25 -8.16 -7.60
N ALA B 63 23.42 -6.84 -7.74
CA ALA B 63 22.36 -5.87 -7.53
C ALA B 63 22.11 -5.03 -8.77
N ILE B 64 20.85 -4.94 -9.16
CA ILE B 64 20.40 -4.09 -10.24
C ILE B 64 19.65 -2.94 -9.61
N LEU B 65 20.10 -1.71 -9.88
CA LEU B 65 19.50 -0.50 -9.30
C LEU B 65 18.63 0.20 -10.33
N VAL B 66 17.35 0.38 -9.99
CA VAL B 66 16.31 0.74 -10.94
C VAL B 66 15.48 1.89 -10.41
N ASP B 67 15.24 2.89 -11.24
CA ASP B 67 14.40 4.00 -10.81
C ASP B 67 14.00 4.81 -12.04
N LEU B 68 12.89 5.51 -11.96
CA LEU B 68 12.42 6.32 -13.08
C LEU B 68 12.90 7.77 -13.01
N GLU B 69 13.69 8.12 -12.01
CA GLU B 69 14.08 9.43 -11.57
C GLU B 69 15.52 9.24 -11.15
N PRO B 70 16.42 10.20 -11.45
CA PRO B 70 17.83 10.02 -11.11
C PRO B 70 18.17 10.42 -9.69
N GLY B 71 17.26 11.08 -8.98
CA GLY B 71 17.46 11.51 -7.60
C GLY B 71 18.06 10.51 -6.62
N THR B 72 17.20 9.63 -6.07
CA THR B 72 17.68 8.65 -5.08
C THR B 72 18.87 7.85 -5.62
N MET B 73 18.86 7.49 -6.89
CA MET B 73 19.99 6.69 -7.36
C MET B 73 21.28 7.49 -7.49
N ASP B 74 21.25 8.81 -7.63
CA ASP B 74 22.49 9.56 -7.46
C ASP B 74 22.96 9.52 -6.02
N SER B 75 22.04 9.66 -5.06
CA SER B 75 22.38 9.49 -3.66
C SER B 75 23.09 8.17 -3.44
N VAL B 76 22.42 7.07 -3.77
CA VAL B 76 22.98 5.77 -3.48
C VAL B 76 24.42 5.69 -3.94
N ARG B 77 24.74 6.30 -5.09
CA ARG B 77 26.12 6.29 -5.57
C ARG B 77 27.02 7.14 -4.68
N SER B 78 26.54 8.30 -4.26
CA SER B 78 27.30 9.18 -3.38
C SER B 78 27.55 8.56 -2.00
N GLY B 79 26.78 7.56 -1.63
CA GLY B 79 26.73 7.11 -0.26
C GLY B 79 27.88 6.20 0.10
N PRO B 80 27.82 5.70 1.34
CA PRO B 80 29.00 5.04 1.94
C PRO B 80 29.47 3.77 1.23
N PHE B 81 28.54 2.95 0.74
CA PHE B 81 28.85 1.76 -0.02
C PHE B 81 28.47 1.91 -1.50
N GLY B 82 28.24 3.14 -1.95
CA GLY B 82 27.82 3.34 -3.32
C GLY B 82 28.81 2.81 -4.34
N GLN B 83 30.08 3.10 -4.15
CA GLN B 83 31.09 2.66 -5.10
C GLN B 83 31.16 1.14 -5.22
N ILE B 84 30.60 0.40 -4.27
CA ILE B 84 30.68 -1.05 -4.40
C ILE B 84 29.83 -1.51 -5.57
N PHE B 85 28.73 -0.81 -5.86
CA PHE B 85 27.79 -1.28 -6.87
C PHE B 85 28.36 -1.20 -8.27
N ARG B 86 28.03 -2.21 -9.07
CA ARG B 86 28.47 -2.31 -10.46
C ARG B 86 27.85 -1.21 -11.31
N PRO B 87 28.65 -0.27 -11.86
CA PRO B 87 28.05 0.91 -12.49
C PRO B 87 27.11 0.56 -13.63
N ASP B 88 27.43 -0.43 -14.46
CA ASP B 88 26.49 -0.77 -15.51
C ASP B 88 25.12 -1.17 -14.99
N ASN B 89 24.94 -1.34 -13.68
CA ASN B 89 23.67 -1.79 -13.13
C ASN B 89 22.81 -0.65 -12.58
N PHE B 90 23.20 0.59 -12.80
CA PHE B 90 22.35 1.73 -12.47
C PHE B 90 21.50 2.02 -13.70
N VAL B 91 20.33 1.39 -13.78
CA VAL B 91 19.41 1.57 -14.90
C VAL B 91 18.34 2.56 -14.48
N PHE B 92 18.29 3.73 -15.13
CA PHE B 92 17.28 4.70 -14.74
C PHE B 92 16.83 5.52 -15.94
N GLY B 93 15.61 6.06 -15.84
CA GLY B 93 15.14 7.12 -16.68
C GLY B 93 15.20 8.47 -15.98
N GLN B 94 14.43 9.43 -16.52
CA GLN B 94 14.47 10.82 -16.05
C GLN B 94 13.12 11.44 -15.73
N SER B 95 12.02 10.95 -16.29
CA SER B 95 10.73 11.62 -16.09
C SER B 95 10.33 11.62 -14.63
N GLY B 96 10.53 10.49 -13.97
CA GLY B 96 9.80 10.21 -12.75
C GLY B 96 8.51 9.46 -13.05
N ALA B 97 8.03 8.77 -12.03
CA ALA B 97 6.75 8.08 -12.06
C ALA B 97 5.68 8.80 -11.24
N GLY B 98 6.04 9.91 -10.61
CA GLY B 98 5.14 10.73 -9.83
C GLY B 98 4.14 10.04 -8.91
N ASN B 99 4.59 9.20 -7.97
CA ASN B 99 3.68 8.57 -7.01
C ASN B 99 2.43 8.00 -7.69
N ASN B 100 2.60 7.50 -8.90
CA ASN B 100 1.50 7.07 -9.75
C ASN B 100 1.75 5.64 -10.21
N TRP B 101 0.89 4.71 -9.80
CA TRP B 101 1.08 3.31 -10.18
C TRP B 101 0.93 3.10 -11.68
N ALA B 102 0.04 3.83 -12.34
CA ALA B 102 -0.08 3.67 -13.78
C ALA B 102 1.13 4.25 -14.52
N LYS B 103 1.74 5.28 -13.99
CA LYS B 103 2.92 5.78 -14.70
C LYS B 103 4.05 4.75 -14.70
N GLY B 104 4.10 3.86 -13.69
CA GLY B 104 5.22 2.95 -13.49
C GLY B 104 5.01 1.61 -14.17
N HIS B 105 3.78 1.17 -14.18
CA HIS B 105 3.40 -0.11 -14.75
C HIS B 105 3.13 -0.01 -16.24
N TYR B 106 2.55 1.11 -16.68
CA TYR B 106 1.97 1.17 -18.02
C TYR B 106 2.58 2.20 -18.97
N THR B 107 3.00 3.37 -18.50
CA THR B 107 3.61 4.29 -19.46
C THR B 107 5.08 4.57 -19.14
N GLU B 108 5.40 5.46 -18.21
CA GLU B 108 6.80 5.82 -18.04
C GLU B 108 7.66 4.59 -17.81
N GLY B 109 7.08 3.56 -17.18
CA GLY B 109 7.87 2.40 -16.81
C GLY B 109 8.02 1.40 -17.93
N ALA B 110 7.08 1.39 -18.88
CA ALA B 110 7.23 0.54 -20.05
C ALA B 110 8.47 0.93 -20.86
N GLU B 111 8.75 2.24 -20.98
CA GLU B 111 9.90 2.68 -21.78
C GLU B 111 11.19 2.08 -21.26
N LEU B 112 11.29 1.87 -19.95
CA LEU B 112 12.57 1.54 -19.36
C LEU B 112 12.73 0.07 -19.00
N VAL B 113 11.69 -0.74 -19.10
CA VAL B 113 11.80 -2.06 -18.47
C VAL B 113 12.72 -2.98 -19.29
N ASP B 114 12.69 -2.88 -20.62
CA ASP B 114 13.56 -3.78 -21.39
C ASP B 114 15.02 -3.51 -21.06
N SER B 115 15.37 -2.26 -20.74
CA SER B 115 16.77 -2.01 -20.41
C SER B 115 17.11 -2.55 -19.03
N VAL B 116 16.13 -2.58 -18.11
CA VAL B 116 16.36 -3.25 -16.84
C VAL B 116 16.51 -4.73 -17.07
N LEU B 117 15.57 -5.33 -17.82
CA LEU B 117 15.61 -6.76 -18.09
C LEU B 117 16.93 -7.19 -18.73
N ASP B 118 17.56 -6.30 -19.51
CA ASP B 118 18.84 -6.62 -20.11
C ASP B 118 19.92 -6.74 -19.04
N VAL B 119 19.91 -5.84 -18.06
CA VAL B 119 20.88 -5.95 -16.98
C VAL B 119 20.59 -7.18 -16.15
N VAL B 120 19.31 -7.54 -16.00
CA VAL B 120 18.94 -8.76 -15.31
C VAL B 120 19.54 -9.97 -16.03
N ARG B 121 19.11 -10.18 -17.27
CA ARG B 121 19.61 -11.27 -18.10
C ARG B 121 21.14 -11.37 -18.10
N LYS B 122 21.84 -10.24 -18.13
CA LYS B 122 23.30 -10.31 -18.06
C LYS B 122 23.73 -11.02 -16.77
N GLU B 123 23.25 -10.51 -15.63
CA GLU B 123 23.55 -11.16 -14.35
C GLU B 123 23.11 -12.63 -14.32
N SER B 124 21.94 -12.93 -14.88
CA SER B 124 21.42 -14.30 -14.85
C SER B 124 22.38 -15.24 -15.55
N GLU B 125 22.80 -14.88 -16.76
CA GLU B 125 23.68 -15.74 -17.56
C GLU B 125 24.93 -16.12 -16.78
N SER B 126 25.60 -15.12 -16.20
CA SER B 126 26.74 -15.40 -15.34
C SER B 126 26.49 -16.52 -14.32
N CYS B 127 25.24 -16.79 -13.97
CA CYS B 127 24.99 -17.55 -12.75
C CYS B 127 25.11 -19.05 -12.97
N ASP B 128 25.59 -19.72 -11.92
CA ASP B 128 25.82 -21.15 -11.92
C ASP B 128 24.52 -21.93 -11.72
N CYS B 129 23.85 -21.74 -10.57
CA CYS B 129 22.48 -22.21 -10.33
C CYS B 129 21.72 -21.04 -9.72
N LEU B 130 21.19 -20.19 -10.59
CA LEU B 130 20.37 -19.08 -10.13
C LEU B 130 19.22 -19.61 -9.29
N GLN B 131 19.14 -19.14 -8.04
CA GLN B 131 18.00 -19.48 -7.19
C GLN B 131 16.78 -18.72 -7.62
N GLY B 132 16.95 -17.44 -7.89
CA GLY B 132 15.86 -16.58 -8.24
C GLY B 132 16.16 -15.14 -7.86
N PHE B 133 15.09 -14.40 -7.55
CA PHE B 133 15.19 -12.95 -7.41
C PHE B 133 14.57 -12.52 -6.10
N GLN B 134 15.13 -11.44 -5.55
CA GLN B 134 14.49 -10.72 -4.47
C GLN B 134 14.49 -9.25 -4.83
N LEU B 135 13.36 -8.63 -4.59
CA LEU B 135 13.14 -7.24 -4.94
C LEU B 135 12.79 -6.46 -3.68
N THR B 136 13.44 -5.33 -3.48
CA THR B 136 13.00 -4.35 -2.51
C THR B 136 12.24 -3.28 -3.25
N HIS B 137 11.16 -2.77 -2.66
CA HIS B 137 10.35 -1.70 -3.23
C HIS B 137 9.29 -1.31 -2.21
N SER B 138 8.52 -0.28 -2.53
CA SER B 138 7.36 0.10 -1.73
C SER B 138 6.13 0.11 -2.60
N LEU B 139 4.99 -0.21 -2.01
CA LEU B 139 3.76 -0.35 -2.77
C LEU B 139 2.95 0.94 -2.86
N GLY B 140 3.39 2.03 -2.23
CA GLY B 140 2.54 3.21 -2.22
C GLY B 140 2.91 4.35 -3.16
N GLY B 141 4.10 4.31 -3.74
CA GLY B 141 4.52 5.27 -4.74
C GLY B 141 4.31 4.75 -6.14
N GLY B 142 5.08 5.25 -7.08
CA GLY B 142 4.85 4.87 -8.45
C GLY B 142 5.90 3.99 -9.10
N THR B 143 7.18 4.32 -8.98
CA THR B 143 8.20 3.48 -9.60
C THR B 143 8.17 2.10 -8.98
N GLY B 144 8.78 1.94 -7.82
CA GLY B 144 8.86 0.63 -7.23
C GLY B 144 7.51 -0.06 -7.10
N SER B 145 6.44 0.71 -7.00
CA SER B 145 5.14 0.10 -6.87
C SER B 145 4.65 -0.47 -8.18
N GLY B 146 4.49 0.39 -9.18
CA GLY B 146 4.00 0.01 -10.50
C GLY B 146 5.06 -0.57 -11.41
N MET B 147 6.19 0.11 -11.60
CA MET B 147 7.23 -0.53 -12.40
C MET B 147 7.71 -1.81 -11.74
N GLY B 148 7.83 -1.80 -10.42
CA GLY B 148 8.23 -2.98 -9.68
C GLY B 148 7.40 -4.20 -10.03
N THR B 149 6.09 -4.13 -9.79
CA THR B 149 5.24 -5.23 -10.16
C THR B 149 5.30 -5.55 -11.65
N LEU B 150 5.54 -4.54 -12.50
CA LEU B 150 5.69 -4.81 -13.92
C LEU B 150 6.90 -5.69 -14.18
N LEU B 151 8.07 -5.29 -13.65
CA LEU B 151 9.27 -6.10 -13.73
C LEU B 151 9.01 -7.53 -13.28
N ILE B 152 8.47 -7.68 -12.08
CA ILE B 152 8.17 -9.00 -11.54
C ILE B 152 7.35 -9.78 -12.55
N SER B 153 6.39 -9.12 -13.19
CA SER B 153 5.54 -9.80 -14.16
C SER B 153 6.32 -10.23 -15.39
N LYS B 154 7.42 -9.55 -15.68
CA LYS B 154 8.20 -9.95 -16.83
C LYS B 154 9.26 -10.97 -16.45
N ILE B 155 9.85 -10.84 -15.27
CA ILE B 155 10.84 -11.83 -14.84
C ILE B 155 10.20 -13.21 -14.77
N ARG B 156 8.93 -13.28 -14.33
CA ARG B 156 8.25 -14.57 -14.23
C ARG B 156 8.04 -15.19 -15.59
N GLU B 157 7.88 -14.37 -16.63
CA GLU B 157 7.69 -14.89 -17.98
C GLU B 157 8.99 -15.41 -18.57
N GLU B 158 10.07 -14.69 -18.33
CA GLU B 158 11.38 -15.09 -18.84
C GLU B 158 12.01 -16.18 -17.98
N TYR B 159 11.72 -16.20 -16.67
CA TYR B 159 12.32 -17.17 -15.75
C TYR B 159 11.21 -17.85 -14.96
N PRO B 160 10.27 -18.47 -15.66
CA PRO B 160 9.02 -18.88 -15.00
C PRO B 160 9.21 -19.83 -13.83
N ASP B 161 10.39 -20.42 -13.67
CA ASP B 161 10.61 -21.48 -12.71
C ASP B 161 11.68 -21.14 -11.67
N ARG B 162 12.14 -19.90 -11.62
CA ARG B 162 12.97 -19.42 -10.53
C ARG B 162 12.07 -18.84 -9.41
N ILE B 163 12.68 -18.53 -8.29
CA ILE B 163 11.89 -18.04 -7.16
C ILE B 163 11.82 -16.52 -7.16
N MET B 164 10.64 -15.99 -6.85
CA MET B 164 10.39 -14.56 -6.81
C MET B 164 10.09 -14.12 -5.37
N ASN B 165 10.98 -13.29 -4.84
CA ASN B 165 10.98 -12.85 -3.45
C ASN B 165 10.90 -11.31 -3.42
N THR B 166 9.99 -10.75 -2.62
CA THR B 166 10.00 -9.31 -2.40
C THR B 166 10.00 -8.97 -0.93
N PHE B 167 10.58 -7.80 -0.64
CA PHE B 167 10.38 -7.04 0.60
C PHE B 167 9.54 -5.81 0.23
N SER B 168 8.28 -5.77 0.62
CA SER B 168 7.35 -4.76 0.14
C SER B 168 6.93 -3.87 1.31
N VAL B 169 7.29 -2.58 1.27
CA VAL B 169 6.87 -1.63 2.29
C VAL B 169 5.40 -1.25 2.11
N MET B 170 4.55 -1.57 3.10
CA MET B 170 3.15 -1.13 3.03
C MET B 170 3.00 0.32 3.45
N PRO B 171 2.22 1.10 2.74
CA PRO B 171 2.01 2.50 3.14
C PRO B 171 1.21 2.60 4.42
N SER B 172 1.50 3.65 5.18
CA SER B 172 0.71 4.01 6.35
C SER B 172 0.44 5.51 6.36
N PRO B 173 -0.79 5.92 6.67
CA PRO B 173 -1.01 7.36 6.89
C PRO B 173 -0.07 7.96 7.90
N LYS B 174 0.27 7.23 8.96
CA LYS B 174 1.27 7.71 9.92
C LYS B 174 2.57 8.07 9.24
N VAL B 175 2.86 7.54 8.06
CA VAL B 175 4.09 7.90 7.36
C VAL B 175 3.80 7.85 5.86
N SER B 176 3.11 8.85 5.33
CA SER B 176 2.68 8.78 3.94
C SER B 176 3.09 10.02 3.18
N ASP B 177 3.44 9.82 1.90
CA ASP B 177 3.76 10.91 0.97
C ASP B 177 2.56 11.49 0.24
N THR B 178 1.52 10.69 -0.04
CA THR B 178 0.44 11.18 -0.89
C THR B 178 -0.82 10.41 -0.59
N VAL B 179 -1.96 10.99 -0.97
CA VAL B 179 -3.25 10.42 -0.63
C VAL B 179 -3.57 9.17 -1.42
N VAL B 180 -2.92 9.02 -2.58
CA VAL B 180 -3.21 7.91 -3.48
C VAL B 180 -2.50 6.61 -3.09
N GLU B 181 -1.72 6.61 -2.01
CA GLU B 181 -0.93 5.43 -1.70
C GLU B 181 -1.81 4.20 -1.51
N PRO B 182 -3.04 4.28 -1.03
CA PRO B 182 -3.88 3.08 -0.98
C PRO B 182 -4.25 2.54 -2.35
N TYR B 183 -4.48 3.41 -3.34
CA TYR B 183 -4.68 2.94 -4.72
C TYR B 183 -3.47 2.16 -5.19
N ASN B 184 -2.29 2.73 -5.03
CA ASN B 184 -1.08 2.07 -5.51
C ASN B 184 -0.90 0.72 -4.83
N ALA B 185 -1.13 0.66 -3.53
CA ALA B 185 -0.89 -0.58 -2.81
C ALA B 185 -1.86 -1.68 -3.23
N THR B 186 -3.14 -1.33 -3.42
CA THR B 186 -4.13 -2.34 -3.80
C THR B 186 -3.87 -2.89 -5.19
N LEU B 187 -3.36 -2.05 -6.08
CA LEU B 187 -2.98 -2.52 -7.40
C LEU B 187 -1.80 -3.48 -7.29
N SER B 188 -0.76 -3.09 -6.55
CA SER B 188 0.43 -3.93 -6.44
C SER B 188 0.12 -5.26 -5.75
N VAL B 189 -0.64 -5.22 -4.65
CA VAL B 189 -0.88 -6.44 -3.89
C VAL B 189 -1.57 -7.45 -4.76
N HIS B 190 -2.42 -6.96 -5.65
CA HIS B 190 -3.03 -7.80 -6.69
C HIS B 190 -1.95 -8.53 -7.49
N GLN B 191 -0.97 -7.77 -7.97
CA GLN B 191 0.19 -8.35 -8.62
C GLN B 191 0.88 -9.38 -7.73
N LEU B 192 1.11 -9.04 -6.46
CA LEU B 192 1.94 -9.88 -5.60
C LEU B 192 1.22 -11.18 -5.25
N VAL B 193 -0.11 -11.13 -5.09
CA VAL B 193 -0.84 -12.38 -4.86
C VAL B 193 -0.52 -13.40 -5.94
N GLU B 194 -0.23 -12.92 -7.16
CA GLU B 194 -0.11 -13.74 -8.34
C GLU B 194 1.34 -14.09 -8.71
N ASN B 195 2.31 -13.20 -8.49
CA ASN B 195 3.61 -13.38 -9.10
C ASN B 195 4.78 -13.41 -8.14
N THR B 196 4.55 -13.50 -6.84
CA THR B 196 5.66 -13.77 -5.95
C THR B 196 5.39 -15.07 -5.19
N ASP B 197 6.48 -15.81 -4.94
CA ASP B 197 6.45 -16.94 -4.03
C ASP B 197 6.46 -16.47 -2.57
N GLU B 198 7.33 -15.52 -2.22
CA GLU B 198 7.47 -14.99 -0.87
C GLU B 198 7.54 -13.48 -0.95
N THR B 199 6.70 -12.79 -0.18
CA THR B 199 6.94 -11.38 0.09
C THR B 199 6.83 -11.17 1.59
N TYR B 200 7.73 -10.33 2.09
CA TYR B 200 7.82 -9.94 3.49
C TYR B 200 7.15 -8.59 3.63
N CYS B 201 6.06 -8.54 4.40
CA CYS B 201 5.23 -7.34 4.50
C CYS B 201 5.82 -6.41 5.54
N ILE B 202 6.64 -5.46 5.10
CA ILE B 202 7.21 -4.47 6.00
C ILE B 202 6.24 -3.30 6.07
N ASP B 203 5.42 -3.28 7.11
CA ASP B 203 4.45 -2.21 7.27
C ASP B 203 5.16 -0.97 7.80
N ASN B 204 5.00 0.15 7.10
CA ASN B 204 5.54 1.40 7.61
C ASN B 204 4.77 1.87 8.83
N GLU B 205 3.55 1.38 9.04
CA GLU B 205 2.85 1.71 10.26
C GLU B 205 3.54 1.08 11.45
N ALA B 206 3.91 -0.19 11.33
CA ALA B 206 4.63 -0.87 12.41
C ALA B 206 5.98 -0.21 12.65
N LEU B 207 6.76 0.03 11.60
CA LEU B 207 8.05 0.65 11.82
C LEU B 207 7.90 1.96 12.57
N TYR B 208 6.76 2.64 12.39
CA TYR B 208 6.57 3.95 13.01
C TYR B 208 6.27 3.79 14.49
N ASP B 209 5.31 2.93 14.81
CA ASP B 209 4.99 2.59 16.19
C ASP B 209 6.22 2.09 16.94
N ILE B 210 6.98 1.19 16.34
CA ILE B 210 8.18 0.69 17.01
C ILE B 210 9.17 1.82 17.22
N CYS B 211 9.26 2.76 16.27
CA CYS B 211 10.17 3.87 16.48
C CYS B 211 9.62 4.85 17.50
N PHE B 212 8.31 5.05 17.51
CA PHE B 212 7.69 5.99 18.43
C PHE B 212 7.66 5.39 19.83
N ARG B 213 6.80 4.38 20.02
CA ARG B 213 6.59 3.73 21.31
C ARG B 213 7.85 3.07 21.84
N THR B 214 8.23 1.96 21.25
CA THR B 214 9.22 1.12 21.90
C THR B 214 10.60 1.81 21.98
N LEU B 215 11.07 2.47 20.93
CA LEU B 215 12.40 3.04 21.00
C LEU B 215 12.41 4.48 21.45
N LYS B 216 11.25 4.98 21.90
CA LYS B 216 11.09 6.34 22.37
C LYS B 216 11.81 7.32 21.43
N LEU B 217 11.36 7.34 20.18
CA LEU B 217 11.78 8.35 19.23
C LEU B 217 10.59 9.27 18.94
N THR B 218 10.78 10.53 19.28
CA THR B 218 9.71 11.51 19.16
C THR B 218 9.27 11.69 17.71
N THR B 219 10.22 11.99 16.81
CA THR B 219 9.88 12.29 15.43
C THR B 219 10.74 11.46 14.50
N PRO B 220 10.28 10.26 14.15
CA PRO B 220 11.11 9.29 13.44
C PRO B 220 11.23 9.64 11.97
N THR B 221 12.43 9.48 11.45
CA THR B 221 12.75 9.70 10.06
C THR B 221 12.69 8.38 9.29
N TYR B 222 12.78 8.47 7.97
CA TYR B 222 12.89 7.22 7.21
C TYR B 222 14.16 6.48 7.62
N GLY B 223 15.19 7.23 8.02
CA GLY B 223 16.43 6.60 8.46
C GLY B 223 16.25 5.73 9.68
N ASP B 224 15.40 6.15 10.61
CA ASP B 224 15.11 5.35 11.78
C ASP B 224 14.28 4.13 11.42
N LEU B 225 13.35 4.31 10.48
CA LEU B 225 12.57 3.18 9.98
C LEU B 225 13.42 2.20 9.18
N ASN B 226 14.35 2.71 8.35
CA ASN B 226 15.11 1.84 7.49
C ASN B 226 16.15 1.06 8.28
N HIS B 227 16.65 1.64 9.37
CA HIS B 227 17.45 0.87 10.34
C HIS B 227 16.72 -0.40 10.78
N LEU B 228 15.47 -0.27 11.21
CA LEU B 228 14.70 -1.47 11.51
C LEU B 228 14.62 -2.39 10.29
N VAL B 229 14.53 -1.83 9.10
CA VAL B 229 14.29 -2.68 7.93
C VAL B 229 15.54 -3.46 7.58
N SER B 230 16.70 -2.80 7.61
CA SER B 230 17.94 -3.49 7.30
C SER B 230 18.30 -4.52 8.37
N ALA B 231 17.82 -4.33 9.60
CA ALA B 231 17.95 -5.34 10.66
C ALA B 231 17.14 -6.58 10.35
N THR B 232 15.85 -6.41 10.01
CA THR B 232 15.04 -7.54 9.60
C THR B 232 15.58 -8.16 8.32
N MET B 233 15.94 -7.32 7.35
CA MET B 233 16.43 -7.88 6.08
C MET B 233 17.67 -8.72 6.30
N SER B 234 18.55 -8.32 7.21
CA SER B 234 19.70 -9.15 7.52
C SER B 234 19.26 -10.46 8.15
N GLY B 235 18.35 -10.38 9.11
CA GLY B 235 17.90 -11.56 9.83
C GLY B 235 17.31 -12.64 8.96
N VAL B 236 16.32 -12.29 8.14
CA VAL B 236 15.64 -13.29 7.31
C VAL B 236 16.56 -13.80 6.21
N THR B 237 17.58 -13.04 5.85
CA THR B 237 18.57 -13.51 4.91
C THR B 237 19.55 -14.51 5.52
N THR B 238 19.64 -14.57 6.86
CA THR B 238 20.80 -15.19 7.51
C THR B 238 21.02 -16.62 6.99
N CYS B 239 20.00 -17.49 7.13
CA CYS B 239 20.14 -18.87 6.70
C CYS B 239 20.39 -19.07 5.20
N LEU B 240 20.43 -17.99 4.42
CA LEU B 240 20.91 -18.07 3.06
C LEU B 240 22.38 -17.66 2.92
N ARG B 241 22.87 -16.80 3.79
CA ARG B 241 24.20 -16.24 3.61
C ARG B 241 25.27 -16.99 4.37
N PHE B 242 24.90 -17.75 5.38
CA PHE B 242 25.88 -18.46 6.18
C PHE B 242 25.64 -19.96 6.18
N PRO B 243 26.71 -20.74 6.41
CA PRO B 243 26.57 -22.19 6.47
C PRO B 243 25.93 -22.63 7.78
N GLY B 244 25.23 -23.76 7.72
CA GLY B 244 24.65 -24.28 8.94
C GLY B 244 24.09 -25.66 8.74
N GLN B 245 23.38 -26.14 9.77
CA GLN B 245 22.69 -27.40 9.64
C GLN B 245 21.65 -27.30 8.51
N LEU B 246 21.00 -26.14 8.39
CA LEU B 246 19.92 -26.00 7.42
C LEU B 246 20.44 -26.03 5.98
N ASN B 247 21.35 -25.11 5.63
CA ASN B 247 21.71 -25.00 4.22
C ASN B 247 20.49 -24.51 3.45
N ALA B 248 20.04 -23.28 3.71
CA ALA B 248 18.71 -22.85 3.28
C ALA B 248 18.77 -22.17 1.93
N ASP B 249 17.65 -22.23 1.20
CA ASP B 249 17.53 -21.50 -0.05
C ASP B 249 16.09 -21.01 -0.20
N LEU B 250 15.90 -20.14 -1.21
CA LEU B 250 14.61 -19.53 -1.43
C LEU B 250 13.52 -20.57 -1.69
N ARG B 251 13.82 -21.62 -2.45
CA ARG B 251 12.76 -22.56 -2.81
C ARG B 251 12.31 -23.35 -1.59
N LYS B 252 13.25 -23.91 -0.82
CA LYS B 252 12.82 -24.65 0.36
C LYS B 252 12.08 -23.72 1.29
N LEU B 253 12.55 -22.47 1.39
CA LEU B 253 11.85 -21.52 2.24
C LEU B 253 10.37 -21.43 1.85
N ALA B 254 10.09 -21.24 0.55
CA ALA B 254 8.72 -21.15 0.07
C ALA B 254 7.97 -22.45 0.24
N VAL B 255 8.63 -23.58 -0.01
CA VAL B 255 7.96 -24.88 0.08
C VAL B 255 7.42 -25.11 1.49
N ASN B 256 8.21 -24.77 2.49
CA ASN B 256 7.85 -25.04 3.86
C ASN B 256 6.98 -23.96 4.48
N MET B 257 7.03 -22.72 3.96
CA MET B 257 6.28 -21.62 4.58
C MET B 257 4.87 -21.43 3.98
N VAL B 258 4.66 -21.83 2.74
CA VAL B 258 3.48 -21.45 1.98
C VAL B 258 2.54 -22.63 1.76
N PRO B 259 1.60 -22.95 2.67
CA PRO B 259 0.73 -24.11 2.44
C PRO B 259 -0.18 -23.96 1.23
N PHE B 260 -0.68 -22.76 1.01
CA PHE B 260 -1.52 -22.44 -0.13
C PHE B 260 -0.87 -21.27 -0.83
N PRO B 261 -1.05 -21.14 -2.13
CA PRO B 261 -0.05 -20.39 -2.91
C PRO B 261 -0.26 -18.91 -2.78
N ARG B 262 -1.52 -18.47 -2.70
CA ARG B 262 -1.72 -17.04 -2.54
C ARG B 262 -1.32 -16.57 -1.15
N LEU B 263 -1.37 -17.43 -0.14
CA LEU B 263 -1.07 -17.03 1.24
C LEU B 263 0.43 -17.07 1.50
N HIS B 264 1.15 -16.12 0.90
CA HIS B 264 2.60 -16.11 0.95
C HIS B 264 3.14 -14.75 1.39
N PHE B 265 2.37 -14.08 2.26
CA PHE B 265 2.74 -12.79 2.85
C PHE B 265 3.10 -13.03 4.31
N PHE B 266 4.34 -12.72 4.66
CA PHE B 266 4.97 -13.02 5.93
C PHE B 266 5.07 -11.79 6.84
N MET B 267 4.94 -12.03 8.16
CA MET B 267 5.13 -11.01 9.19
C MET B 267 6.58 -11.08 9.71
N PRO B 268 7.46 -10.15 9.37
CA PRO B 268 8.80 -10.15 9.96
C PRO B 268 8.80 -9.63 11.38
N GLY B 269 9.70 -10.18 12.19
CA GLY B 269 9.92 -9.70 13.55
C GLY B 269 11.39 -9.65 13.93
N PHE B 270 11.79 -8.63 14.67
CA PHE B 270 13.16 -8.57 15.12
C PHE B 270 13.20 -8.39 16.63
N ALA B 271 14.15 -9.06 17.29
CA ALA B 271 14.43 -8.80 18.70
C ALA B 271 15.92 -8.97 18.94
N PRO B 272 16.55 -8.08 19.73
CA PRO B 272 15.96 -6.96 20.50
C PRO B 272 15.77 -5.74 19.63
N LEU B 273 14.68 -4.98 19.73
CA LEU B 273 14.59 -3.72 19.01
C LEU B 273 15.62 -2.72 19.51
N THR B 274 16.36 -2.12 18.59
CA THR B 274 17.49 -1.26 18.89
C THR B 274 17.34 0.02 18.07
N SER B 275 17.70 1.17 18.66
CA SER B 275 17.63 2.45 17.95
C SER B 275 19.01 2.89 17.53
N ARG B 276 19.08 3.60 16.39
CA ARG B 276 20.35 3.89 15.72
C ARG B 276 21.35 4.62 16.60
N GLY B 277 22.60 4.18 16.57
CA GLY B 277 23.65 4.79 17.35
C GLY B 277 23.77 4.27 18.77
N SER B 278 22.77 4.57 19.61
CA SER B 278 22.83 4.13 21.00
C SER B 278 22.83 2.61 21.06
N GLN B 279 23.91 2.05 21.59
CA GLN B 279 24.00 0.64 21.95
C GLN B 279 23.74 0.50 23.44
N GLN B 280 22.90 -0.45 23.81
CA GLN B 280 22.84 -0.92 25.19
C GLN B 280 23.62 -2.22 25.30
N TYR B 281 24.18 -2.45 26.49
CA TYR B 281 25.38 -3.28 26.66
C TYR B 281 25.13 -4.65 27.27
N ARG B 282 23.93 -4.93 27.78
CA ARG B 282 23.62 -6.27 28.28
C ARG B 282 22.96 -7.09 27.18
N ALA B 283 23.49 -8.27 26.92
CA ALA B 283 22.84 -9.14 25.96
C ALA B 283 21.54 -9.67 26.54
N LEU B 284 20.66 -10.13 25.65
CA LEU B 284 19.46 -10.76 26.15
C LEU B 284 19.76 -12.20 26.53
N THR B 285 18.91 -12.74 27.39
CA THR B 285 18.90 -14.16 27.66
C THR B 285 17.93 -14.85 26.70
N VAL B 286 18.34 -15.99 26.17
CA VAL B 286 17.56 -16.74 25.20
C VAL B 286 16.08 -16.69 25.55
N PRO B 287 15.71 -16.89 26.81
CA PRO B 287 14.30 -16.63 27.19
C PRO B 287 13.81 -15.27 26.74
N GLU B 288 14.64 -14.23 26.82
CA GLU B 288 14.19 -12.89 26.41
C GLU B 288 13.99 -12.81 24.91
N LEU B 289 15.01 -13.23 24.14
CA LEU B 289 14.88 -13.20 22.69
C LEU B 289 13.55 -13.80 22.25
N THR B 290 13.19 -14.95 22.84
CA THR B 290 12.01 -15.68 22.43
C THR B 290 10.72 -14.89 22.65
N GLN B 291 10.46 -14.44 23.88
CA GLN B 291 9.20 -13.72 24.06
C GLN B 291 9.17 -12.36 23.40
N GLN B 292 10.30 -11.75 23.10
CA GLN B 292 10.25 -10.52 22.32
C GLN B 292 9.89 -10.81 20.87
N MET B 293 10.65 -11.72 20.22
CA MET B 293 10.43 -12.04 18.82
C MET B 293 8.99 -12.46 18.54
N PHE B 294 8.33 -13.09 19.51
CA PHE B 294 6.92 -13.38 19.32
C PHE B 294 6.02 -12.26 19.77
N ASP B 295 6.57 -11.20 20.37
CA ASP B 295 5.78 -10.10 20.88
C ASP B 295 5.37 -9.19 19.74
N SER B 296 4.08 -8.81 19.71
CA SER B 296 3.61 -8.02 18.57
C SER B 296 4.33 -6.68 18.49
N LYS B 297 4.83 -6.17 19.61
CA LYS B 297 5.68 -4.99 19.66
C LYS B 297 6.98 -5.14 18.87
N ASN B 298 7.30 -6.37 18.46
CA ASN B 298 8.49 -6.68 17.67
C ASN B 298 8.13 -7.09 16.25
N MET B 299 6.84 -7.07 15.90
CA MET B 299 6.36 -7.36 14.56
C MET B 299 6.55 -6.14 13.66
N MET B 300 7.08 -6.36 12.46
CA MET B 300 7.24 -5.29 11.47
C MET B 300 6.04 -5.10 10.54
N ALA B 301 4.94 -5.81 10.77
CA ALA B 301 3.69 -5.62 10.03
C ALA B 301 2.59 -5.45 11.06
N ALA B 302 1.94 -4.29 11.05
CA ALA B 302 1.14 -3.87 12.18
C ALA B 302 -0.12 -4.73 12.20
N CYS B 303 0.05 -5.95 12.73
CA CYS B 303 -1.02 -6.90 13.00
C CYS B 303 -0.84 -7.49 14.39
N ASP B 304 -1.95 -7.93 14.95
CA ASP B 304 -1.96 -8.59 16.24
C ASP B 304 -1.90 -10.08 15.99
N PRO B 305 -0.85 -10.78 16.40
CA PRO B 305 -0.74 -12.20 16.07
C PRO B 305 -1.79 -13.01 16.77
N ARG B 306 -2.33 -12.50 17.89
CA ARG B 306 -3.42 -13.10 18.68
C ARG B 306 -4.78 -12.94 18.02
N HIS B 307 -4.89 -12.10 17.01
CA HIS B 307 -6.08 -12.01 16.19
C HIS B 307 -6.06 -13.03 15.07
N GLY B 308 -5.04 -13.88 15.03
CA GLY B 308 -4.92 -14.91 14.00
C GLY B 308 -4.20 -16.15 14.50
N ARG B 309 -4.08 -17.11 13.60
CA ARG B 309 -3.32 -18.34 13.85
C ARG B 309 -2.10 -18.38 12.95
N TYR B 310 -1.01 -18.96 13.45
CA TYR B 310 0.20 -19.15 12.66
C TYR B 310 0.07 -20.41 11.81
N LEU B 311 0.02 -20.23 10.50
CA LEU B 311 0.12 -21.39 9.62
C LEU B 311 1.51 -22.02 9.70
N THR B 312 2.56 -21.22 9.57
CA THR B 312 3.92 -21.72 9.73
C THR B 312 4.76 -20.61 10.32
N VAL B 313 5.85 -20.99 10.96
CA VAL B 313 6.73 -20.03 11.59
C VAL B 313 8.16 -20.45 11.28
N ALA B 314 9.06 -19.47 11.25
CA ALA B 314 10.48 -19.73 11.03
C ALA B 314 11.25 -18.66 11.80
N ALA B 315 12.11 -19.10 12.71
CA ALA B 315 12.88 -18.22 13.58
C ALA B 315 14.36 -18.55 13.46
N ILE B 316 15.18 -17.53 13.69
CA ILE B 316 16.61 -17.57 13.42
C ILE B 316 17.31 -16.88 14.58
N PHE B 317 18.18 -17.61 15.28
CA PHE B 317 18.85 -17.07 16.46
C PHE B 317 20.31 -16.82 16.12
N ARG B 318 20.77 -15.59 16.29
CA ARG B 318 22.14 -15.21 15.97
C ARG B 318 22.89 -14.84 17.23
N GLY B 319 24.13 -15.33 17.33
CA GLY B 319 24.96 -15.15 18.50
C GLY B 319 25.56 -16.46 18.97
N ARG B 320 26.29 -16.37 20.08
CA ARG B 320 26.79 -17.56 20.77
C ARG B 320 25.85 -17.86 21.94
N MET B 321 25.20 -19.01 21.89
CA MET B 321 24.22 -19.35 22.91
C MET B 321 23.93 -20.85 22.83
N SER B 322 23.23 -21.34 23.85
CA SER B 322 22.88 -22.75 23.99
C SER B 322 21.77 -23.12 23.01
N MET B 323 22.10 -23.95 22.02
CA MET B 323 21.03 -24.53 21.21
C MET B 323 20.06 -25.32 22.08
N LYS B 324 20.56 -25.91 23.17
CA LYS B 324 19.68 -26.56 24.14
C LYS B 324 18.63 -25.58 24.65
N GLU B 325 19.07 -24.40 25.07
CA GLU B 325 18.15 -23.44 25.65
C GLU B 325 17.21 -22.84 24.61
N VAL B 326 17.73 -22.55 23.40
CA VAL B 326 16.84 -22.16 22.32
C VAL B 326 15.74 -23.20 22.16
N ASP B 327 16.13 -24.45 21.91
CA ASP B 327 15.18 -25.54 21.74
C ASP B 327 14.15 -25.50 22.85
N GLU B 328 14.62 -25.40 24.09
CA GLU B 328 13.69 -25.45 25.21
C GLU B 328 12.79 -24.24 25.23
N GLN B 329 13.31 -23.10 24.78
CA GLN B 329 12.55 -21.85 24.84
C GLN B 329 11.58 -21.74 23.70
N MET B 330 11.94 -22.27 22.53
CA MET B 330 11.04 -22.27 21.39
C MET B 330 9.92 -23.28 21.59
N LEU B 331 10.27 -24.48 22.06
CA LEU B 331 9.25 -25.44 22.47
C LEU B 331 8.33 -24.87 23.53
N ASN B 332 8.87 -23.98 24.38
CA ASN B 332 8.11 -23.46 25.50
C ASN B 332 7.05 -22.46 25.08
N VAL B 333 7.28 -21.71 23.99
CA VAL B 333 6.29 -20.71 23.55
C VAL B 333 5.12 -21.40 22.84
N GLN B 334 5.42 -22.38 21.99
CA GLN B 334 4.37 -23.19 21.34
C GLN B 334 3.44 -23.83 22.35
N ASN B 335 3.99 -24.64 23.28
CA ASN B 335 3.17 -25.41 24.21
C ASN B 335 2.37 -24.49 25.14
N LYS B 336 2.92 -23.33 25.48
CA LYS B 336 2.18 -22.33 26.25
C LYS B 336 1.03 -21.74 25.45
N ASN B 337 1.25 -21.48 24.16
CA ASN B 337 0.32 -20.74 23.33
C ASN B 337 -0.07 -21.56 22.11
N SER B 338 -0.32 -22.84 22.34
CA SER B 338 -0.58 -23.79 21.26
C SER B 338 -1.87 -23.46 20.52
N SER B 339 -2.82 -22.81 21.19
CA SER B 339 -3.97 -22.25 20.49
C SER B 339 -3.54 -21.50 19.22
N TYR B 340 -2.69 -20.50 19.36
CA TYR B 340 -2.38 -19.60 18.26
C TYR B 340 -1.54 -20.23 17.15
N PHE B 341 -1.50 -21.56 17.08
CA PHE B 341 -0.89 -22.28 15.96
C PHE B 341 -1.91 -23.26 15.40
N VAL B 342 -1.96 -23.38 14.08
CA VAL B 342 -2.92 -24.33 13.53
C VAL B 342 -2.53 -25.76 13.92
N GLU B 343 -3.54 -26.55 14.25
CA GLU B 343 -3.38 -27.95 14.58
C GLU B 343 -3.19 -28.81 13.34
N TRP B 344 -3.58 -28.34 12.16
CA TRP B 344 -3.58 -29.19 11.01
C TRP B 344 -2.32 -29.05 10.15
N ILE B 345 -1.31 -28.35 10.63
CA ILE B 345 0.04 -28.45 10.10
C ILE B 345 0.96 -28.85 11.25
N PRO B 346 1.27 -30.13 11.37
CA PRO B 346 2.11 -30.57 12.48
C PRO B 346 3.50 -29.97 12.44
N ASN B 347 3.95 -29.54 13.63
CA ASN B 347 5.33 -29.10 13.85
C ASN B 347 5.69 -28.00 12.89
N ASN B 348 4.85 -26.96 12.84
CA ASN B 348 4.90 -25.88 11.87
C ASN B 348 5.86 -24.76 12.24
N VAL B 349 6.52 -24.84 13.39
CA VAL B 349 7.60 -23.93 13.79
C VAL B 349 8.93 -24.65 13.64
N LYS B 350 9.89 -23.99 13.02
CA LYS B 350 11.23 -24.48 12.73
C LYS B 350 12.22 -23.41 13.13
N THR B 351 13.35 -23.82 13.72
CA THR B 351 14.33 -22.93 14.31
C THR B 351 15.71 -23.19 13.72
N ALA B 352 16.51 -22.15 13.66
CA ALA B 352 17.84 -22.25 13.07
C ALA B 352 18.75 -21.35 13.87
N VAL B 353 20.05 -21.55 13.73
CA VAL B 353 21.01 -20.79 14.52
C VAL B 353 22.26 -20.50 13.71
N CYS B 354 22.80 -19.30 13.89
CA CYS B 354 24.02 -18.87 13.24
C CYS B 354 24.97 -18.32 14.30
N ASP B 355 26.23 -18.72 14.21
CA ASP B 355 27.20 -18.28 15.20
C ASP B 355 27.40 -16.77 15.15
N ILE B 356 27.58 -16.20 13.97
CA ILE B 356 27.90 -14.77 13.88
C ILE B 356 26.67 -13.95 14.22
N PRO B 357 26.75 -13.02 15.17
CA PRO B 357 25.65 -12.05 15.37
C PRO B 357 25.80 -10.88 14.42
N PRO B 358 24.82 -10.00 14.35
CA PRO B 358 24.95 -8.80 13.52
C PRO B 358 25.67 -7.69 14.26
N ARG B 359 26.35 -6.84 13.48
CA ARG B 359 26.98 -5.64 14.01
C ARG B 359 26.15 -5.00 15.11
N GLY B 360 26.64 -5.05 16.34
CA GLY B 360 26.06 -4.28 17.41
C GLY B 360 25.29 -5.08 18.43
N LEU B 361 25.10 -6.37 18.21
CA LEU B 361 24.41 -7.17 19.22
C LEU B 361 25.23 -8.41 19.49
N LYS B 362 25.22 -8.88 20.74
CA LYS B 362 25.84 -10.16 21.02
C LYS B 362 24.91 -11.34 20.78
N MET B 363 23.61 -11.08 20.74
CA MET B 363 22.61 -12.08 20.38
C MET B 363 21.34 -11.40 19.92
N SER B 364 20.70 -12.03 18.93
CA SER B 364 19.47 -11.50 18.35
C SER B 364 18.70 -12.64 17.69
N ALA B 365 17.39 -12.42 17.57
CA ALA B 365 16.45 -13.35 16.96
C ALA B 365 15.65 -12.63 15.89
N THR B 366 15.63 -13.19 14.67
CA THR B 366 14.73 -12.72 13.61
C THR B 366 13.61 -13.73 13.43
N PHE B 367 12.41 -13.24 13.13
CA PHE B 367 11.21 -14.05 13.14
C PHE B 367 10.47 -13.86 11.83
N ILE B 368 10.09 -14.97 11.19
CA ILE B 368 9.34 -14.97 9.95
C ILE B 368 8.04 -15.72 10.20
N GLY B 369 6.92 -15.01 10.26
CA GLY B 369 5.62 -15.60 10.55
C GLY B 369 4.64 -15.48 9.38
N ASN B 370 4.06 -16.62 9.02
CA ASN B 370 2.93 -16.68 8.10
C ASN B 370 1.67 -16.89 8.94
N SER B 371 1.25 -15.80 9.58
CA SER B 371 0.02 -15.72 10.37
C SER B 371 -1.19 -15.36 9.51
N THR B 372 -2.35 -15.94 9.83
CA THR B 372 -3.56 -15.46 9.19
C THR B 372 -3.93 -14.07 9.69
N ALA B 373 -3.20 -13.52 10.65
CA ALA B 373 -3.54 -12.18 11.10
C ALA B 373 -3.06 -11.11 10.14
N ILE B 374 -2.21 -11.44 9.16
CA ILE B 374 -1.82 -10.44 8.17
C ILE B 374 -3.03 -9.89 7.44
N GLN B 375 -4.13 -10.62 7.39
CA GLN B 375 -5.31 -10.04 6.76
C GLN B 375 -5.59 -8.67 7.35
N GLU B 376 -5.47 -8.51 8.67
CA GLU B 376 -5.64 -7.20 9.27
C GLU B 376 -4.94 -6.12 8.46
N LEU B 377 -3.75 -6.42 7.95
CA LEU B 377 -3.03 -5.46 7.13
C LEU B 377 -3.87 -5.09 5.89
N PHE B 378 -4.22 -6.10 5.09
CA PHE B 378 -4.92 -5.88 3.83
C PHE B 378 -6.30 -5.28 4.06
N LYS B 379 -7.00 -5.70 5.10
CA LYS B 379 -8.26 -5.04 5.44
C LYS B 379 -8.02 -3.55 5.60
N ARG B 380 -6.91 -3.18 6.23
CA ARG B 380 -6.66 -1.76 6.47
C ARG B 380 -6.49 -1.04 5.15
N ILE B 381 -5.77 -1.66 4.22
CA ILE B 381 -5.53 -0.99 2.96
C ILE B 381 -6.77 -1.02 2.11
N SER B 382 -7.62 -2.05 2.24
CA SER B 382 -8.83 -2.10 1.46
C SER B 382 -9.85 -1.04 1.91
N GLU B 383 -9.95 -0.79 3.21
CA GLU B 383 -10.83 0.27 3.68
C GLU B 383 -10.38 1.63 3.14
N GLN B 384 -9.12 2.00 3.39
CA GLN B 384 -8.61 3.26 2.86
C GLN B 384 -8.84 3.35 1.36
N PHE B 385 -8.73 2.22 0.67
CA PHE B 385 -8.98 2.20 -0.76
C PHE B 385 -10.40 2.65 -1.08
N THR B 386 -11.38 1.94 -0.55
CA THR B 386 -12.74 2.23 -1.00
C THR B 386 -13.25 3.54 -0.43
N ALA B 387 -12.68 4.04 0.67
CA ALA B 387 -13.11 5.35 1.13
C ALA B 387 -13.05 6.35 -0.01
N MET B 388 -11.99 6.28 -0.82
CA MET B 388 -11.82 7.13 -1.97
C MET B 388 -12.57 6.60 -3.18
N PHE B 389 -12.45 5.29 -3.48
CA PHE B 389 -13.00 4.74 -4.72
C PHE B 389 -14.51 4.86 -4.77
N ARG B 390 -15.20 4.74 -3.62
CA ARG B 390 -16.66 4.81 -3.69
C ARG B 390 -17.11 6.19 -4.16
N ARG B 391 -16.19 7.14 -4.21
CA ARG B 391 -16.43 8.47 -4.73
C ARG B 391 -15.54 8.72 -5.92
N LYS B 392 -15.01 7.66 -6.51
CA LYS B 392 -14.11 7.76 -7.65
C LYS B 392 -13.11 8.90 -7.50
N ALA B 393 -12.62 9.14 -6.27
CA ALA B 393 -11.70 10.25 -5.98
C ALA B 393 -10.29 9.97 -6.49
N PHE B 394 -9.59 11.04 -6.85
CA PHE B 394 -8.24 11.01 -7.41
C PHE B 394 -8.09 10.04 -8.55
N LEU B 395 -9.19 9.46 -9.02
CA LEU B 395 -9.10 8.47 -10.07
C LEU B 395 -8.58 9.06 -11.38
N HIS B 396 -8.74 10.38 -11.59
CA HIS B 396 -8.33 10.98 -12.86
C HIS B 396 -6.85 10.79 -13.09
N TRP B 397 -6.04 10.89 -12.04
CA TRP B 397 -4.61 10.72 -12.23
C TRP B 397 -4.29 9.40 -12.90
N TYR B 398 -5.23 8.45 -12.89
CA TYR B 398 -5.00 7.11 -13.39
C TYR B 398 -5.72 6.86 -14.71
N THR B 399 -7.01 7.18 -14.79
CA THR B 399 -7.70 7.11 -16.06
C THR B 399 -6.97 7.93 -17.11
N GLY B 400 -6.21 8.93 -16.65
CA GLY B 400 -5.42 9.75 -17.53
C GLY B 400 -4.29 9.03 -18.21
N GLU B 401 -3.88 7.87 -17.68
CA GLU B 401 -2.77 7.11 -18.22
C GLU B 401 -3.21 5.83 -18.90
N GLY B 402 -4.46 5.75 -19.34
CA GLY B 402 -4.98 4.55 -19.94
C GLY B 402 -5.78 3.67 -19.00
N MET B 403 -5.70 3.90 -17.69
CA MET B 403 -6.33 2.92 -16.83
C MET B 403 -7.83 3.05 -16.84
N ASP B 404 -8.49 2.06 -16.26
CA ASP B 404 -9.93 1.92 -16.35
C ASP B 404 -10.50 1.62 -14.97
N GLU B 405 -11.64 2.25 -14.65
CA GLU B 405 -12.28 2.01 -13.36
C GLU B 405 -12.35 0.51 -13.10
N MET B 406 -12.62 -0.26 -14.15
CA MET B 406 -12.78 -1.69 -14.06
C MET B 406 -11.57 -2.31 -13.39
N GLU B 407 -10.37 -1.96 -13.86
CA GLU B 407 -9.14 -2.49 -13.30
C GLU B 407 -9.08 -2.28 -11.79
N PHE B 408 -9.64 -1.17 -11.32
CA PHE B 408 -9.59 -0.89 -9.89
C PHE B 408 -10.51 -1.81 -9.13
N THR B 409 -11.70 -2.05 -9.69
CA THR B 409 -12.65 -2.99 -9.09
C THR B 409 -12.06 -4.38 -8.95
N GLU B 410 -11.35 -4.84 -9.97
CA GLU B 410 -10.72 -6.16 -9.96
C GLU B 410 -9.68 -6.28 -8.84
N ALA B 411 -8.83 -5.27 -8.68
CA ALA B 411 -7.80 -5.32 -7.66
C ALA B 411 -8.42 -5.32 -6.28
N GLU B 412 -9.18 -4.26 -5.96
CA GLU B 412 -9.99 -4.21 -4.75
C GLU B 412 -10.60 -5.58 -4.47
N SER B 413 -11.12 -6.21 -5.50
CA SER B 413 -11.83 -7.45 -5.32
C SER B 413 -10.86 -8.61 -5.10
N ASN B 414 -9.82 -8.73 -5.93
CA ASN B 414 -8.84 -9.79 -5.70
C ASN B 414 -8.32 -9.69 -4.28
N MET B 415 -8.14 -8.46 -3.77
CA MET B 415 -7.58 -8.30 -2.42
C MET B 415 -8.59 -8.70 -1.35
N ASN B 416 -9.84 -8.27 -1.50
CA ASN B 416 -10.89 -8.67 -0.59
C ASN B 416 -11.02 -10.18 -0.55
N ASP B 417 -10.83 -10.83 -1.70
CA ASP B 417 -10.72 -12.27 -1.74
C ASP B 417 -9.60 -12.75 -0.83
N LEU B 418 -8.39 -12.28 -1.09
CA LEU B 418 -7.24 -12.61 -0.25
C LEU B 418 -7.60 -12.54 1.22
N VAL B 419 -8.33 -11.50 1.64
CA VAL B 419 -8.74 -11.44 3.04
C VAL B 419 -9.65 -12.60 3.38
N SER B 420 -10.62 -12.89 2.52
CA SER B 420 -11.50 -14.02 2.79
C SER B 420 -10.69 -15.29 2.97
N GLU B 421 -9.85 -15.61 1.99
CA GLU B 421 -8.99 -16.78 2.11
C GLU B 421 -8.29 -16.78 3.45
N TYR B 422 -7.51 -15.73 3.75
CA TYR B 422 -6.79 -15.69 5.04
C TYR B 422 -7.73 -15.92 6.21
N GLN B 423 -9.03 -15.67 6.05
CA GLN B 423 -9.98 -15.85 7.14
C GLN B 423 -10.52 -17.27 7.21
N GLN B 424 -10.51 -17.97 6.09
CA GLN B 424 -10.96 -19.36 6.07
C GLN B 424 -10.17 -20.21 7.06
N TYR B 425 -8.83 -20.15 6.94
CA TYR B 425 -7.95 -21.04 7.67
C TYR B 425 -7.79 -20.63 9.13
N GLN B 426 -8.16 -19.41 9.47
CA GLN B 426 -8.06 -18.94 10.84
C GLN B 426 -9.14 -19.55 11.71
N ASP B 427 -10.06 -20.29 11.08
CA ASP B 427 -11.19 -20.97 11.73
C ASP B 427 -11.10 -22.50 11.69
N ALA B 428 -10.52 -23.07 10.63
CA ALA B 428 -10.32 -24.52 10.51
C ALA B 428 -9.76 -25.18 11.79
N MET C 1 17.17 18.94 -14.61
CA MET C 1 16.22 19.54 -15.55
C MET C 1 14.97 19.83 -14.76
N ARG C 2 13.81 19.43 -15.33
CA ARG C 2 12.49 19.77 -14.80
C ARG C 2 12.22 21.28 -14.87
N GLU C 3 12.38 21.84 -16.08
CA GLU C 3 12.26 23.27 -16.28
C GLU C 3 10.79 23.71 -16.29
N CYS C 4 10.54 24.90 -15.76
CA CYS C 4 9.23 25.52 -15.74
C CYS C 4 9.32 26.83 -16.52
N ILE C 5 8.37 27.08 -17.41
CA ILE C 5 8.35 28.31 -18.19
C ILE C 5 7.19 29.19 -17.71
N SER C 6 7.49 30.45 -17.44
CA SER C 6 6.51 31.37 -16.90
C SER C 6 5.93 32.26 -18.01
N ILE C 7 4.63 32.47 -17.98
CA ILE C 7 3.98 33.34 -18.94
C ILE C 7 3.16 34.35 -18.17
N HIS C 8 3.52 35.63 -18.31
CA HIS C 8 2.89 36.77 -17.65
C HIS C 8 2.10 37.56 -18.70
N VAL C 9 0.79 37.70 -18.48
CA VAL C 9 -0.14 38.26 -19.45
C VAL C 9 -0.89 39.46 -18.86
N GLY C 10 -0.94 40.55 -19.64
CA GLY C 10 -1.50 41.81 -19.18
C GLY C 10 -0.65 42.47 -18.11
N GLN C 11 -1.12 43.65 -17.71
CA GLN C 11 -0.48 44.42 -16.66
C GLN C 11 -0.29 43.60 -15.39
N ALA C 12 -1.38 43.02 -14.85
CA ALA C 12 -1.28 42.37 -13.55
C ALA C 12 -0.30 41.20 -13.59
N GLY C 13 -0.40 40.38 -14.63
CA GLY C 13 0.59 39.34 -14.80
C GLY C 13 1.98 39.92 -14.95
N VAL C 14 2.11 40.94 -15.79
CA VAL C 14 3.45 41.49 -16.05
C VAL C 14 4.03 42.08 -14.77
N GLN C 15 3.28 42.97 -14.12
CA GLN C 15 3.74 43.58 -12.89
C GLN C 15 3.91 42.56 -11.78
N ILE C 16 3.04 41.54 -11.72
CA ILE C 16 3.30 40.51 -10.72
C ILE C 16 4.55 39.69 -11.06
N GLY C 17 4.80 39.44 -12.34
CA GLY C 17 6.04 38.79 -12.72
C GLY C 17 7.27 39.62 -12.36
N ASN C 18 7.21 40.93 -12.57
CA ASN C 18 8.28 41.78 -12.08
C ASN C 18 8.56 41.53 -10.61
N ALA C 19 7.52 41.53 -9.77
CA ALA C 19 7.69 41.27 -8.34
C ALA C 19 8.38 39.93 -8.10
N CYS C 20 7.91 38.87 -8.78
CA CYS C 20 8.43 37.54 -8.52
C CYS C 20 9.87 37.41 -8.97
N TRP C 21 10.21 37.92 -10.15
CA TRP C 21 11.57 37.68 -10.61
C TRP C 21 12.56 38.55 -9.84
N GLU C 22 12.17 39.73 -9.40
CA GLU C 22 13.09 40.45 -8.53
C GLU C 22 13.31 39.66 -7.26
N LEU C 23 12.29 38.94 -6.80
CA LEU C 23 12.45 38.21 -5.55
C LEU C 23 13.25 36.94 -5.77
N TYR C 24 13.02 36.23 -6.88
CA TYR C 24 13.81 35.05 -7.20
C TYR C 24 15.29 35.40 -7.24
N CYS C 25 15.63 36.42 -8.02
CA CYS C 25 17.00 36.90 -8.07
C CYS C 25 17.55 37.13 -6.67
N LEU C 26 16.78 37.78 -5.80
CA LEU C 26 17.30 37.98 -4.45
C LEU C 26 17.44 36.67 -3.70
N GLU C 27 16.54 35.72 -3.91
CA GLU C 27 16.64 34.45 -3.19
C GLU C 27 17.82 33.62 -3.66
N HIS C 28 18.25 33.80 -4.92
CA HIS C 28 19.31 33.00 -5.51
C HIS C 28 20.62 33.79 -5.67
N GLY C 29 20.69 35.00 -5.17
CA GLY C 29 21.90 35.80 -5.34
C GLY C 29 22.26 36.06 -6.78
N ILE C 30 21.27 36.32 -7.62
CA ILE C 30 21.51 36.74 -8.99
C ILE C 30 21.47 38.25 -9.01
N GLN C 31 22.37 38.85 -9.77
CA GLN C 31 22.40 40.30 -9.87
C GLN C 31 21.56 40.79 -11.03
N PRO C 32 21.21 42.07 -11.03
CA PRO C 32 20.39 42.59 -12.13
C PRO C 32 21.01 42.43 -13.51
N ASP C 33 22.34 42.23 -13.60
CA ASP C 33 22.94 41.88 -14.88
C ASP C 33 23.05 40.36 -15.05
N GLY C 34 22.15 39.60 -14.43
CA GLY C 34 22.13 38.16 -14.57
C GLY C 34 23.33 37.40 -14.03
N GLN C 35 24.30 38.06 -13.43
CA GLN C 35 25.51 37.35 -13.02
C GLN C 35 25.32 36.79 -11.62
N MET C 36 25.73 35.53 -11.45
CA MET C 36 25.53 34.80 -10.20
C MET C 36 26.86 34.29 -9.68
N PRO C 37 27.51 35.01 -8.77
CA PRO C 37 28.86 34.61 -8.32
C PRO C 37 28.97 33.18 -7.81
N SER C 38 27.92 32.69 -7.14
CA SER C 38 27.93 31.35 -6.57
C SER C 38 27.88 30.27 -7.64
N ASP C 39 27.11 30.48 -8.71
CA ASP C 39 27.13 29.48 -9.77
C ASP C 39 28.55 29.36 -10.31
N LYS C 40 29.21 28.26 -9.99
CA LYS C 40 30.52 27.98 -10.57
C LYS C 40 30.43 27.20 -11.89
N THR C 41 29.21 26.75 -12.28
CA THR C 41 28.99 25.96 -13.49
C THR C 41 28.57 26.92 -14.60
N ILE C 42 29.57 27.38 -15.35
CA ILE C 42 29.37 28.47 -16.31
C ILE C 42 28.71 27.95 -17.57
N GLY C 43 27.73 28.70 -18.08
CA GLY C 43 27.01 28.33 -19.30
C GLY C 43 25.92 27.28 -19.15
N GLY C 44 25.89 26.55 -18.04
CA GLY C 44 24.88 25.53 -17.84
C GLY C 44 24.86 24.99 -16.41
N GLY C 45 24.29 23.80 -16.28
CA GLY C 45 24.14 23.16 -14.97
C GLY C 45 22.75 22.56 -14.80
N ASP C 46 22.57 21.71 -13.78
CA ASP C 46 21.25 21.17 -13.46
C ASP C 46 20.87 21.45 -12.02
N ASP C 47 21.55 22.40 -11.38
CA ASP C 47 21.19 22.90 -10.05
C ASP C 47 19.70 23.22 -9.93
N SER C 48 19.19 23.19 -8.70
CA SER C 48 17.75 23.36 -8.53
C SER C 48 17.26 24.65 -9.16
N PHE C 49 18.04 25.74 -9.04
CA PHE C 49 17.61 27.03 -9.58
C PHE C 49 17.58 27.06 -11.10
N ASN C 50 18.12 26.04 -11.76
CA ASN C 50 18.10 26.06 -13.22
C ASN C 50 16.72 25.78 -13.78
N THR C 51 15.78 25.33 -12.93
CA THR C 51 14.44 25.05 -13.42
C THR C 51 13.72 26.34 -13.79
N PHE C 52 14.18 27.48 -13.26
CA PHE C 52 13.62 28.79 -13.59
C PHE C 52 14.58 29.68 -14.38
N PHE C 53 15.87 29.58 -14.16
CA PHE C 53 16.83 30.39 -14.89
C PHE C 53 17.66 29.50 -15.81
N SER C 54 17.95 30.00 -17.00
CA SER C 54 18.94 29.33 -17.84
C SER C 54 20.20 30.18 -17.86
N GLU C 55 21.33 29.56 -18.22
CA GLU C 55 22.64 30.20 -18.14
C GLU C 55 23.20 30.39 -19.55
N THR C 56 23.74 31.58 -19.82
CA THR C 56 24.49 31.84 -21.05
C THR C 56 25.96 31.57 -20.84
N GLY C 57 26.66 31.29 -21.95
CA GLY C 57 28.10 31.20 -21.88
C GLY C 57 28.72 32.37 -21.15
N ALA C 58 28.17 33.58 -21.35
CA ALA C 58 28.71 34.78 -20.70
C ALA C 58 28.45 34.80 -19.21
N GLY C 59 27.83 33.76 -18.66
CA GLY C 59 27.55 33.69 -17.24
C GLY C 59 26.29 34.38 -16.78
N LYS C 60 25.39 34.73 -17.71
CA LYS C 60 24.13 35.39 -17.37
C LYS C 60 23.01 34.37 -17.16
N HIS C 61 22.30 34.50 -16.04
CA HIS C 61 21.16 33.63 -15.75
C HIS C 61 19.91 34.35 -16.23
N VAL C 62 19.12 33.68 -17.05
CA VAL C 62 18.04 34.34 -17.78
C VAL C 62 16.72 33.66 -17.43
N PRO C 63 15.74 34.38 -16.89
CA PRO C 63 14.42 33.80 -16.65
C PRO C 63 13.93 32.92 -17.79
N ARG C 64 13.28 31.80 -17.47
CA ARG C 64 12.52 31.03 -18.43
C ARG C 64 11.10 31.57 -18.52
N ALA C 65 11.02 32.85 -18.82
CA ALA C 65 9.79 33.60 -18.74
C ALA C 65 9.48 34.32 -20.03
N VAL C 66 8.24 34.74 -20.17
CA VAL C 66 7.78 35.52 -21.30
C VAL C 66 6.75 36.51 -20.80
N PHE C 67 6.86 37.74 -21.29
CA PHE C 67 5.94 38.80 -20.91
C PHE C 67 5.17 39.19 -22.16
N VAL C 68 3.86 39.06 -22.10
CA VAL C 68 3.00 39.40 -23.21
C VAL C 68 1.99 40.42 -22.69
N ASP C 69 1.92 41.57 -23.35
CA ASP C 69 0.82 42.51 -23.14
C ASP C 69 0.41 43.05 -24.51
N LEU C 70 -0.88 43.33 -24.66
CA LEU C 70 -1.34 43.86 -25.93
C LEU C 70 -1.04 45.35 -26.10
N GLU C 71 -0.38 45.97 -25.13
CA GLU C 71 0.06 47.35 -25.25
C GLU C 71 1.39 47.50 -24.55
N PRO C 72 2.10 48.56 -24.81
CA PRO C 72 3.52 48.61 -24.47
C PRO C 72 3.85 49.39 -23.21
N THR C 73 2.90 50.14 -22.64
CA THR C 73 3.16 50.87 -21.40
C THR C 73 3.83 49.99 -20.34
N VAL C 74 3.21 48.85 -20.03
CA VAL C 74 3.61 48.13 -18.83
C VAL C 74 4.87 47.32 -19.12
N ILE C 75 5.01 46.76 -20.31
CA ILE C 75 6.24 46.02 -20.58
C ILE C 75 7.38 46.95 -21.00
N ASP C 76 7.07 48.18 -21.41
CA ASP C 76 8.13 49.17 -21.58
C ASP C 76 8.84 49.49 -20.27
N GLU C 77 8.14 49.46 -19.12
CA GLU C 77 8.85 49.81 -17.88
C GLU C 77 9.85 48.73 -17.50
N VAL C 78 9.57 47.46 -17.85
CA VAL C 78 10.55 46.40 -17.74
C VAL C 78 11.76 46.68 -18.64
N ARG C 79 11.50 46.90 -19.94
CA ARG C 79 12.58 47.05 -20.90
C ARG C 79 13.59 48.11 -20.47
N THR C 80 13.17 49.08 -19.66
CA THR C 80 14.02 50.19 -19.23
C THR C 80 14.30 50.25 -17.74
N GLY C 81 13.76 49.32 -16.94
CA GLY C 81 13.89 49.36 -15.50
C GLY C 81 15.06 48.56 -14.98
N THR C 82 15.11 48.45 -13.65
CA THR C 82 16.28 47.92 -12.97
C THR C 82 16.75 46.58 -13.51
N TYR C 83 15.83 45.74 -14.01
CA TYR C 83 16.19 44.39 -14.44
C TYR C 83 16.10 44.22 -15.95
N ARG C 84 16.25 45.32 -16.70
CA ARG C 84 16.26 45.21 -18.16
C ARG C 84 17.32 44.23 -18.65
N GLN C 85 18.48 44.20 -18.02
CA GLN C 85 19.55 43.30 -18.46
C GLN C 85 19.17 41.83 -18.31
N LEU C 86 18.15 41.54 -17.49
CA LEU C 86 17.86 40.16 -17.13
C LEU C 86 17.24 39.38 -18.29
N PHE C 87 16.60 40.06 -19.23
CA PHE C 87 15.80 39.42 -20.24
C PHE C 87 16.39 39.69 -21.63
N HIS C 88 16.39 38.69 -22.48
CA HIS C 88 16.57 38.94 -23.89
C HIS C 88 15.37 39.72 -24.41
N PRO C 89 15.57 40.68 -25.29
CA PRO C 89 14.44 41.46 -25.81
C PRO C 89 13.27 40.59 -26.25
N GLU C 90 13.53 39.55 -27.03
CA GLU C 90 12.45 38.75 -27.62
C GLU C 90 11.54 38.08 -26.58
N GLN C 91 11.96 38.04 -25.31
CA GLN C 91 11.10 37.60 -24.21
C GLN C 91 9.99 38.58 -23.88
N LEU C 92 10.15 39.88 -24.20
CA LEU C 92 9.16 40.89 -23.86
C LEU C 92 8.41 41.28 -25.12
N ILE C 93 7.14 40.91 -25.20
CA ILE C 93 6.31 41.05 -26.39
C ILE C 93 5.22 42.07 -26.11
N THR C 94 5.00 43.00 -27.05
CA THR C 94 3.90 43.93 -26.90
C THR C 94 3.24 44.17 -28.24
N GLY C 95 1.93 44.41 -28.23
CA GLY C 95 1.22 45.02 -29.32
C GLY C 95 1.13 46.53 -29.12
N LYS C 96 0.15 47.14 -29.76
CA LYS C 96 0.01 48.59 -29.73
C LYS C 96 -1.31 49.07 -29.17
N GLU C 97 -2.37 48.31 -29.35
CA GLU C 97 -3.69 48.64 -28.86
C GLU C 97 -4.02 47.58 -27.83
N ASP C 98 -4.36 47.97 -26.61
CA ASP C 98 -4.66 46.92 -25.65
C ASP C 98 -6.07 46.37 -25.93
N ALA C 99 -6.59 45.56 -25.02
CA ALA C 99 -7.86 44.91 -25.23
C ALA C 99 -9.04 45.73 -24.73
N ALA C 100 -8.79 46.99 -24.35
CA ALA C 100 -9.81 47.94 -23.89
C ALA C 100 -10.78 47.31 -22.88
N ASN C 101 -10.21 46.60 -21.91
CA ASN C 101 -10.96 45.88 -20.87
C ASN C 101 -11.95 44.89 -21.45
N ASN C 102 -11.77 44.42 -22.68
CA ASN C 102 -12.75 43.56 -23.34
C ASN C 102 -12.19 42.16 -23.59
N TYR C 103 -12.87 41.15 -23.03
CA TYR C 103 -12.45 39.78 -23.25
C TYR C 103 -12.46 39.44 -24.73
N ALA C 104 -13.47 39.92 -25.46
CA ALA C 104 -13.58 39.57 -26.87
C ALA C 104 -12.40 40.07 -27.66
N ARG C 105 -11.84 41.21 -27.29
CA ARG C 105 -10.75 41.75 -28.08
C ARG C 105 -9.46 41.04 -27.74
N GLY C 106 -9.26 40.73 -26.46
CA GLY C 106 -8.06 40.01 -26.08
C GLY C 106 -8.02 38.62 -26.66
N HIS C 107 -9.18 37.95 -26.69
CA HIS C 107 -9.22 36.60 -27.23
C HIS C 107 -9.15 36.56 -28.75
N TYR C 108 -10.01 37.35 -29.43
CA TYR C 108 -10.15 37.33 -30.87
C TYR C 108 -9.47 38.53 -31.53
N THR C 109 -10.18 39.68 -31.57
CA THR C 109 -9.83 40.87 -32.35
C THR C 109 -8.38 41.27 -32.23
N ILE C 110 -7.95 41.78 -31.09
CA ILE C 110 -6.54 42.16 -31.03
C ILE C 110 -5.65 40.94 -30.83
N GLY C 111 -6.12 39.95 -30.07
CA GLY C 111 -5.24 38.86 -29.66
C GLY C 111 -4.78 37.99 -30.80
N LYS C 112 -5.69 37.63 -31.70
CA LYS C 112 -5.35 36.82 -32.86
C LYS C 112 -4.18 37.39 -33.64
N GLU C 113 -3.92 38.68 -33.51
CA GLU C 113 -2.84 39.25 -34.27
C GLU C 113 -1.46 39.00 -33.67
N ILE C 114 -1.38 38.51 -32.43
CA ILE C 114 -0.08 38.35 -31.78
C ILE C 114 0.13 36.93 -31.25
N ILE C 115 -0.91 36.09 -31.31
CA ILE C 115 -0.85 34.78 -30.69
C ILE C 115 0.21 33.92 -31.33
N ASP C 116 0.32 33.95 -32.67
CA ASP C 116 1.35 33.14 -33.34
C ASP C 116 2.74 33.62 -32.90
N LEU C 117 2.94 34.92 -32.78
CA LEU C 117 4.26 35.39 -32.39
C LEU C 117 4.56 34.95 -30.96
N VAL C 118 3.58 35.10 -30.06
CA VAL C 118 3.78 34.70 -28.67
C VAL C 118 4.12 33.22 -28.59
N LEU C 119 3.35 32.36 -29.28
CA LEU C 119 3.65 30.93 -29.24
C LEU C 119 5.02 30.61 -29.82
N ASP C 120 5.46 31.36 -30.84
CA ASP C 120 6.80 31.13 -31.39
C ASP C 120 7.88 31.42 -30.37
N ARG C 121 7.76 32.51 -29.61
CA ARG C 121 8.76 32.74 -28.58
C ARG C 121 8.69 31.70 -27.49
N ILE C 122 7.48 31.28 -27.09
CA ILE C 122 7.37 30.26 -26.05
C ILE C 122 8.07 28.99 -26.52
N ARG C 123 7.76 28.56 -27.73
CA ARG C 123 8.50 27.44 -28.32
C ARG C 123 10.00 27.64 -28.23
N LYS C 124 10.49 28.87 -28.44
CA LYS C 124 11.93 29.08 -28.41
C LYS C 124 12.48 28.76 -27.04
N LEU C 125 11.71 29.06 -25.99
CA LEU C 125 12.10 28.72 -24.62
C LEU C 125 12.00 27.22 -24.38
N ALA C 126 10.91 26.61 -24.82
CA ALA C 126 10.74 25.17 -24.65
C ALA C 126 11.96 24.43 -25.19
N ASP C 127 12.50 24.89 -26.31
CA ASP C 127 13.54 24.13 -26.99
C ASP C 127 14.87 24.17 -26.26
N GLN C 128 15.07 25.15 -25.38
CA GLN C 128 16.27 25.15 -24.57
C GLN C 128 16.21 24.19 -23.40
N CYS C 129 15.14 23.40 -23.28
CA CYS C 129 14.82 22.63 -22.09
C CYS C 129 15.13 21.17 -22.33
N THR C 130 15.89 20.55 -21.41
CA THR C 130 16.11 19.13 -21.57
C THR C 130 14.92 18.31 -21.08
N GLY C 131 14.25 18.75 -20.02
CA GLY C 131 13.05 18.05 -19.59
C GLY C 131 11.95 18.95 -19.11
N LEU C 132 11.42 19.80 -19.98
CA LEU C 132 10.38 20.75 -19.59
C LEU C 132 9.21 20.06 -18.93
N GLN C 133 8.75 20.68 -17.85
CA GLN C 133 7.76 20.17 -16.92
C GLN C 133 6.38 20.77 -17.19
N GLY C 134 6.32 22.08 -17.39
CA GLY C 134 5.04 22.71 -17.61
C GLY C 134 5.19 24.22 -17.64
N PHE C 135 4.04 24.88 -17.58
CA PHE C 135 3.91 26.33 -17.68
C PHE C 135 3.27 26.90 -16.44
N LEU C 136 3.75 28.07 -16.00
CA LEU C 136 3.11 28.86 -14.94
C LEU C 136 2.61 30.16 -15.54
N VAL C 137 1.28 30.29 -15.63
CA VAL C 137 0.64 31.43 -16.29
C VAL C 137 0.09 32.41 -15.25
N PHE C 138 0.62 33.63 -15.28
CA PHE C 138 0.16 34.73 -14.45
C PHE C 138 -0.72 35.66 -15.26
N HIS C 139 -1.84 36.08 -14.70
CA HIS C 139 -2.75 36.92 -15.47
C HIS C 139 -3.87 37.32 -14.55
N SER C 140 -4.61 38.32 -14.97
CA SER C 140 -5.77 38.77 -14.21
C SER C 140 -7.05 38.15 -14.77
N PHE C 141 -8.06 38.00 -13.92
CA PHE C 141 -9.38 37.65 -14.41
C PHE C 141 -10.00 38.83 -15.12
N GLY C 142 -9.74 40.05 -14.64
CA GLY C 142 -10.60 41.18 -14.93
C GLY C 142 -10.27 41.98 -16.17
N GLY C 143 -8.99 42.03 -16.57
CA GLY C 143 -8.63 42.75 -17.76
C GLY C 143 -8.97 41.98 -19.02
N GLY C 144 -9.14 42.71 -20.11
CA GLY C 144 -9.48 42.08 -21.38
C GLY C 144 -8.34 41.28 -21.98
N THR C 145 -7.09 41.63 -21.67
CA THR C 145 -5.98 40.79 -22.08
C THR C 145 -5.81 39.62 -21.11
N GLY C 146 -5.54 39.94 -19.85
CA GLY C 146 -5.61 39.00 -18.76
C GLY C 146 -6.66 37.92 -18.93
N SER C 147 -7.88 38.29 -19.36
CA SER C 147 -8.94 37.30 -19.55
C SER C 147 -8.94 36.69 -20.95
N GLY C 148 -9.14 37.52 -21.96
CA GLY C 148 -9.25 37.01 -23.32
C GLY C 148 -7.95 36.43 -23.86
N PHE C 149 -6.82 37.11 -23.69
CA PHE C 149 -5.63 36.59 -24.32
C PHE C 149 -5.16 35.32 -23.63
N THR C 150 -5.10 35.35 -22.30
CA THR C 150 -4.78 34.15 -21.51
C THR C 150 -5.56 32.93 -21.99
N SER C 151 -6.86 33.07 -22.19
CA SER C 151 -7.61 31.87 -22.50
C SER C 151 -7.30 31.37 -23.91
N LEU C 152 -7.27 32.27 -24.90
CA LEU C 152 -6.67 31.98 -26.21
C LEU C 152 -5.36 31.21 -26.10
N LEU C 153 -4.40 31.78 -25.39
CA LEU C 153 -3.12 31.12 -25.21
C LEU C 153 -3.28 29.71 -24.64
N MET C 154 -4.07 29.59 -23.56
CA MET C 154 -4.22 28.28 -22.91
C MET C 154 -4.70 27.21 -23.89
N GLU C 155 -5.74 27.52 -24.67
CA GLU C 155 -6.19 26.66 -25.77
C GLU C 155 -5.01 26.30 -26.67
N ARG C 156 -4.27 27.31 -27.11
CA ARG C 156 -3.17 27.05 -28.01
C ARG C 156 -2.11 26.19 -27.33
N LEU C 157 -1.81 26.47 -26.06
CA LEU C 157 -0.82 25.66 -25.36
C LEU C 157 -1.26 24.21 -25.25
N SER C 158 -2.54 23.98 -24.97
CA SER C 158 -3.05 22.61 -24.94
C SER C 158 -2.78 21.89 -26.25
N VAL C 159 -2.89 22.61 -27.36
CA VAL C 159 -2.72 22.03 -28.69
C VAL C 159 -1.26 21.73 -28.97
N ASP C 160 -0.35 22.62 -28.58
CA ASP C 160 1.04 22.45 -28.98
C ASP C 160 1.83 21.66 -27.97
N TYR C 161 1.33 21.52 -26.74
CA TYR C 161 2.06 20.74 -25.75
C TYR C 161 1.13 19.74 -25.05
N GLY C 162 -0.06 19.53 -25.57
CA GLY C 162 -0.86 18.42 -25.10
C GLY C 162 -1.12 18.55 -23.62
N LYS C 163 -0.89 17.48 -22.88
CA LYS C 163 -1.33 17.39 -21.50
C LYS C 163 -0.29 17.88 -20.49
N LYS C 164 0.92 18.20 -20.96
CA LYS C 164 1.91 19.01 -20.24
C LYS C 164 1.27 20.05 -19.32
N SER C 165 1.77 20.14 -18.07
CA SER C 165 1.11 20.92 -17.01
C SER C 165 0.98 22.41 -17.32
N LYS C 166 -0.19 22.97 -16.99
CA LYS C 166 -0.38 24.41 -16.99
C LYS C 166 -1.03 24.85 -15.67
N LEU C 167 -0.24 25.52 -14.83
CA LEU C 167 -0.70 26.15 -13.60
C LEU C 167 -1.00 27.63 -13.83
N GLU C 168 -2.03 28.13 -13.16
CA GLU C 168 -2.46 29.52 -13.19
C GLU C 168 -2.24 30.22 -11.85
N PHE C 169 -1.71 31.44 -11.91
CA PHE C 169 -1.82 32.41 -10.82
C PHE C 169 -2.76 33.49 -11.33
N SER C 170 -4.03 33.43 -10.95
CA SER C 170 -5.06 34.32 -11.50
C SER C 170 -5.48 35.36 -10.47
N ILE C 171 -5.54 36.63 -10.89
CA ILE C 171 -5.99 37.72 -10.01
C ILE C 171 -7.49 37.85 -10.14
N TYR C 172 -8.19 37.47 -9.08
CA TYR C 172 -9.63 37.60 -8.91
C TYR C 172 -9.96 39.03 -8.50
N PRO C 173 -10.99 39.65 -9.06
CA PRO C 173 -11.13 41.10 -8.97
C PRO C 173 -11.75 41.56 -7.67
N ALA C 174 -11.33 42.74 -7.25
CA ALA C 174 -11.88 43.40 -6.09
C ALA C 174 -12.23 44.83 -6.45
N PRO C 175 -13.35 45.35 -5.94
CA PRO C 175 -13.73 46.76 -6.19
C PRO C 175 -12.69 47.79 -5.74
N GLN C 176 -12.00 47.58 -4.60
CA GLN C 176 -11.04 48.58 -4.12
C GLN C 176 -10.02 48.96 -5.18
N VAL C 177 -9.66 48.04 -6.07
CA VAL C 177 -8.65 48.30 -7.10
C VAL C 177 -9.14 48.04 -8.51
N SER C 178 -10.38 47.57 -8.69
CA SER C 178 -10.90 47.29 -10.02
C SER C 178 -10.70 48.48 -10.97
N THR C 179 -10.37 48.17 -12.23
CA THR C 179 -10.18 49.16 -13.27
C THR C 179 -11.32 49.18 -14.29
N ALA C 180 -12.47 48.51 -14.01
CA ALA C 180 -13.39 48.16 -15.09
C ALA C 180 -14.72 47.60 -14.64
N VAL C 181 -15.82 48.17 -15.13
CA VAL C 181 -17.11 47.74 -14.63
C VAL C 181 -17.51 46.37 -15.20
N VAL C 182 -16.84 45.91 -16.24
CA VAL C 182 -17.14 44.63 -16.86
C VAL C 182 -16.23 43.51 -16.35
N GLU C 183 -15.48 43.75 -15.27
CA GLU C 183 -14.57 42.68 -14.82
C GLU C 183 -15.31 41.38 -14.58
N PRO C 184 -16.54 41.35 -14.02
CA PRO C 184 -17.24 40.06 -13.91
C PRO C 184 -17.43 39.31 -15.22
N TYR C 185 -17.85 39.98 -16.29
CA TYR C 185 -17.99 39.30 -17.57
C TYR C 185 -16.66 38.67 -18.02
N ASN C 186 -15.57 39.41 -17.96
CA ASN C 186 -14.34 38.79 -18.41
C ASN C 186 -13.99 37.61 -17.50
N SER C 187 -14.26 37.73 -16.20
CA SER C 187 -13.94 36.65 -15.27
C SER C 187 -14.64 35.37 -15.65
N ILE C 188 -15.96 35.42 -15.78
CA ILE C 188 -16.70 34.21 -16.13
C ILE C 188 -16.24 33.68 -17.48
N LEU C 189 -16.08 34.56 -18.47
CA LEU C 189 -15.72 34.08 -19.80
C LEU C 189 -14.44 33.28 -19.75
N THR C 190 -13.38 33.88 -19.21
CA THR C 190 -12.09 33.20 -19.20
C THR C 190 -12.13 31.96 -18.32
N THR C 191 -12.84 32.02 -17.18
CA THR C 191 -12.88 30.84 -16.32
C THR C 191 -13.50 29.66 -17.04
N HIS C 192 -14.57 29.92 -17.79
CA HIS C 192 -15.19 28.85 -18.57
C HIS C 192 -14.25 28.36 -19.65
N THR C 193 -13.65 29.29 -20.39
CA THR C 193 -12.80 28.94 -21.52
C THR C 193 -11.51 28.24 -21.12
N THR C 194 -11.07 28.40 -19.89
CA THR C 194 -9.81 27.84 -19.44
C THR C 194 -9.98 26.54 -18.68
N LEU C 195 -11.13 26.36 -18.04
CA LEU C 195 -11.27 25.35 -17.02
C LEU C 195 -10.68 24.03 -17.50
N GLU C 196 -10.99 23.64 -18.75
CA GLU C 196 -10.41 22.46 -19.40
C GLU C 196 -8.92 22.49 -19.61
N HIS C 197 -8.26 23.63 -19.51
CA HIS C 197 -6.87 23.69 -19.94
C HIS C 197 -5.92 23.99 -18.80
N SER C 198 -6.43 24.11 -17.58
CA SER C 198 -5.61 24.37 -16.43
C SER C 198 -5.63 23.15 -15.54
N ASP C 199 -4.45 22.74 -15.11
CA ASP C 199 -4.25 21.60 -14.23
C ASP C 199 -4.44 21.98 -12.78
N CYS C 200 -4.20 23.25 -12.47
CA CYS C 200 -4.23 23.72 -11.10
C CYS C 200 -4.15 25.24 -11.12
N ALA C 201 -5.03 25.94 -10.43
CA ALA C 201 -5.08 27.40 -10.49
C ALA C 201 -5.14 28.00 -9.08
N PHE C 202 -4.07 28.70 -8.69
CA PHE C 202 -4.03 29.44 -7.43
C PHE C 202 -4.62 30.84 -7.67
N MET C 203 -5.83 31.09 -7.13
CA MET C 203 -6.50 32.39 -7.24
C MET C 203 -6.07 33.34 -6.14
N VAL C 204 -5.76 34.57 -6.49
CA VAL C 204 -5.48 35.63 -5.53
C VAL C 204 -6.59 36.67 -5.60
N ASP C 205 -7.18 36.96 -4.45
CA ASP C 205 -8.32 37.87 -4.37
C ASP C 205 -7.81 39.24 -3.95
N ASN C 206 -7.82 40.19 -4.90
CA ASN C 206 -7.23 41.49 -4.62
C ASN C 206 -7.74 42.09 -3.33
N GLU C 207 -8.97 41.78 -2.92
CA GLU C 207 -9.44 42.38 -1.67
C GLU C 207 -8.78 41.72 -0.47
N ALA C 208 -8.63 40.40 -0.48
CA ALA C 208 -7.86 39.74 0.57
C ALA C 208 -6.48 40.37 0.71
N ILE C 209 -5.74 40.42 -0.39
CA ILE C 209 -4.40 41.00 -0.39
C ILE C 209 -4.45 42.46 0.07
N TYR C 210 -5.40 43.24 -0.46
CA TYR C 210 -5.57 44.62 -0.01
C TYR C 210 -5.82 44.71 1.48
N ASP C 211 -6.75 43.91 1.99
CA ASP C 211 -7.03 43.92 3.42
C ASP C 211 -5.79 43.58 4.21
N ILE C 212 -5.15 42.44 3.90
CA ILE C 212 -3.91 42.05 4.59
C ILE C 212 -2.92 43.21 4.67
N CYS C 213 -2.69 43.91 3.56
CA CYS C 213 -1.72 45.00 3.58
C CYS C 213 -2.13 46.10 4.55
N ARG C 214 -3.38 46.56 4.41
CA ARG C 214 -3.91 47.53 5.36
C ARG C 214 -3.74 47.05 6.80
N ARG C 215 -4.16 45.83 7.08
CA ARG C 215 -4.24 45.35 8.45
C ARG C 215 -2.88 45.04 9.06
N ASN C 216 -1.95 44.43 8.30
CA ASN C 216 -0.76 43.89 8.94
C ASN C 216 0.47 44.70 8.64
N LEU C 217 0.38 45.67 7.75
CA LEU C 217 1.53 46.46 7.36
C LEU C 217 1.25 47.95 7.53
N ASP C 218 0.29 48.29 8.40
CA ASP C 218 -0.73 49.27 8.06
C ASP C 218 -0.30 50.17 6.90
N ILE C 219 -0.68 49.79 5.68
CA ILE C 219 -0.62 50.64 4.51
C ILE C 219 -2.02 51.22 4.30
N GLU C 220 -2.16 52.54 4.50
CA GLU C 220 -3.49 53.15 4.43
C GLU C 220 -4.20 52.79 3.14
N ARG C 221 -3.57 53.08 2.01
CA ARG C 221 -4.14 52.79 0.69
C ARG C 221 -3.09 52.04 -0.10
N PRO C 222 -2.99 50.74 0.12
CA PRO C 222 -1.90 49.97 -0.51
C PRO C 222 -1.95 50.14 -2.00
N THR C 223 -0.78 50.11 -2.62
CA THR C 223 -0.70 50.22 -4.07
C THR C 223 -0.57 48.85 -4.72
N TYR C 224 -0.59 48.84 -6.05
CA TYR C 224 -0.28 47.60 -6.76
C TYR C 224 1.13 47.13 -6.41
N THR C 225 2.03 48.07 -6.18
CA THR C 225 3.37 47.68 -5.77
C THR C 225 3.34 47.03 -4.41
N ASN C 226 2.44 47.49 -3.53
CA ASN C 226 2.30 46.87 -2.21
C ASN C 226 1.81 45.44 -2.33
N LEU C 227 0.73 45.23 -3.09
CA LEU C 227 0.12 43.90 -3.20
C LEU C 227 1.02 42.94 -3.93
N ASN C 228 1.67 43.42 -5.00
CA ASN C 228 2.53 42.55 -5.76
C ASN C 228 3.70 42.05 -4.91
N ARG C 229 4.17 42.87 -3.99
CA ARG C 229 5.29 42.40 -3.19
C ARG C 229 4.83 41.35 -2.20
N LEU C 230 3.55 41.31 -1.87
CA LEU C 230 3.03 40.24 -1.05
C LEU C 230 2.64 39.02 -1.87
N ILE C 231 2.03 39.25 -3.02
CA ILE C 231 1.68 38.13 -3.88
C ILE C 231 2.92 37.33 -4.20
N SER C 232 4.05 38.02 -4.34
CA SER C 232 5.21 37.29 -4.80
C SER C 232 5.79 36.43 -3.69
N GLN C 233 5.66 36.86 -2.44
CA GLN C 233 6.13 36.00 -1.36
C GLN C 233 5.41 34.66 -1.42
N ILE C 234 4.11 34.69 -1.73
CA ILE C 234 3.31 33.47 -1.80
C ILE C 234 3.68 32.67 -3.05
N VAL C 235 3.75 33.35 -4.20
CA VAL C 235 4.25 32.69 -5.41
C VAL C 235 5.59 32.03 -5.13
N SER C 236 6.44 32.69 -4.33
CA SER C 236 7.75 32.13 -4.07
C SER C 236 7.67 30.86 -3.23
N SER C 237 6.84 30.84 -2.19
CA SER C 237 6.69 29.63 -1.38
C SER C 237 6.20 28.46 -2.19
N ILE C 238 5.30 28.70 -3.14
CA ILE C 238 4.77 27.60 -3.94
C ILE C 238 5.84 27.05 -4.88
N THR C 239 6.64 27.92 -5.49
CA THR C 239 7.70 27.44 -6.36
C THR C 239 8.99 27.15 -5.62
N ALA C 240 9.11 27.54 -4.35
CA ALA C 240 10.36 27.34 -3.65
C ALA C 240 10.83 25.90 -3.71
N SER C 241 9.89 24.96 -3.82
CA SER C 241 10.19 23.53 -3.92
C SER C 241 10.72 23.13 -5.30
N LEU C 242 10.40 23.90 -6.33
CA LEU C 242 10.99 23.72 -7.64
C LEU C 242 12.38 24.32 -7.77
N ARG C 243 12.65 25.41 -7.08
CA ARG C 243 13.88 26.15 -7.28
C ARG C 243 14.99 25.75 -6.32
N PHE C 244 14.64 25.18 -5.18
CA PHE C 244 15.57 24.91 -4.11
C PHE C 244 15.70 23.41 -3.88
N ASP C 245 16.94 22.96 -3.81
CA ASP C 245 17.23 21.59 -3.45
C ASP C 245 16.92 21.43 -1.96
N GLY C 246 16.52 20.23 -1.57
CA GLY C 246 16.35 19.99 -0.15
C GLY C 246 15.96 18.59 0.27
N ALA C 247 16.43 18.18 1.46
CA ALA C 247 16.03 16.89 2.03
C ALA C 247 14.54 16.87 2.36
N LEU C 248 14.13 17.71 3.32
CA LEU C 248 12.74 17.82 3.74
C LEU C 248 11.86 18.56 2.73
N ASN C 249 12.31 18.60 1.47
CA ASN C 249 11.69 19.42 0.44
C ASN C 249 10.77 18.56 -0.43
N VAL C 250 9.52 18.98 -0.55
CA VAL C 250 8.47 18.24 -1.23
C VAL C 250 8.17 18.94 -2.55
N ASP C 251 8.06 18.18 -3.64
CA ASP C 251 7.89 18.76 -4.97
C ASP C 251 6.47 19.32 -5.16
N LEU C 252 6.37 20.53 -5.71
CA LEU C 252 5.04 21.12 -5.90
C LEU C 252 4.09 20.21 -6.69
N THR C 253 4.63 19.21 -7.39
CA THR C 253 3.78 18.26 -8.09
C THR C 253 3.28 17.15 -7.18
N GLU C 254 4.00 16.88 -6.09
CA GLU C 254 3.50 15.96 -5.06
C GLU C 254 2.29 16.55 -4.34
N PHE C 255 2.31 17.87 -4.15
CA PHE C 255 1.17 18.53 -3.53
C PHE C 255 -0.03 18.55 -4.49
N GLN C 256 0.21 18.71 -5.80
CA GLN C 256 -0.92 18.76 -6.73
C GLN C 256 -1.64 17.42 -6.80
N THR C 257 -0.94 16.33 -6.51
CA THR C 257 -1.61 15.06 -6.41
C THR C 257 -2.70 15.12 -5.36
N ASN C 258 -2.37 15.73 -4.21
CA ASN C 258 -3.29 15.83 -3.09
C ASN C 258 -4.31 16.94 -3.26
N LEU C 259 -4.02 17.94 -4.10
CA LEU C 259 -4.88 19.11 -4.19
C LEU C 259 -5.99 18.97 -5.21
N VAL C 260 -5.85 18.08 -6.19
CA VAL C 260 -6.89 17.98 -7.21
C VAL C 260 -7.65 16.66 -7.07
N PRO C 261 -8.79 16.64 -6.37
CA PRO C 261 -9.52 15.39 -6.25
C PRO C 261 -10.17 14.96 -7.53
N TYR C 262 -10.67 15.91 -8.31
CA TYR C 262 -11.18 15.69 -9.65
C TYR C 262 -10.64 16.79 -10.54
N PRO C 263 -10.75 16.63 -11.86
CA PRO C 263 -10.13 17.64 -12.74
C PRO C 263 -10.67 19.04 -12.58
N ARG C 264 -11.96 19.25 -12.35
CA ARG C 264 -12.49 20.60 -12.21
C ARG C 264 -12.24 21.20 -10.81
N ILE C 265 -12.19 20.40 -9.77
CA ILE C 265 -11.79 20.92 -8.47
C ILE C 265 -10.28 21.10 -8.42
N HIS C 266 -9.80 22.19 -9.00
CA HIS C 266 -8.36 22.40 -9.04
C HIS C 266 -8.02 23.82 -8.62
N PHE C 267 -8.77 24.36 -7.63
CA PHE C 267 -8.60 25.72 -7.13
C PHE C 267 -8.18 25.73 -5.67
N PRO C 268 -6.90 25.58 -5.41
CA PRO C 268 -6.43 25.52 -4.03
C PRO C 268 -6.56 26.89 -3.39
N LEU C 269 -6.73 26.88 -2.08
CA LEU C 269 -6.76 28.08 -1.28
C LEU C 269 -5.40 28.27 -0.64
N ALA C 270 -4.76 29.40 -0.91
CA ALA C 270 -3.50 29.75 -0.26
C ALA C 270 -3.73 30.65 0.96
N THR C 271 -2.78 30.57 1.89
CA THR C 271 -2.80 31.26 3.16
C THR C 271 -1.36 31.33 3.61
N TYR C 272 -0.89 32.54 3.93
CA TYR C 272 0.53 32.80 4.18
C TYR C 272 0.68 33.56 5.48
N ALA C 273 1.79 33.30 6.20
CA ALA C 273 2.07 33.94 7.47
C ALA C 273 3.55 33.76 7.76
N PRO C 274 4.20 34.70 8.45
CA PRO C 274 3.70 35.95 8.98
C PRO C 274 3.82 37.08 7.98
N VAL C 275 2.75 37.86 7.82
CA VAL C 275 2.81 39.16 7.18
C VAL C 275 2.87 40.21 8.29
N ILE C 276 4.05 40.73 8.53
CA ILE C 276 4.29 41.56 9.70
C ILE C 276 5.25 42.66 9.29
N SER C 277 5.08 43.83 9.88
CA SER C 277 5.95 44.95 9.58
C SER C 277 7.19 44.96 10.47
N ALA C 278 8.24 45.63 9.99
CA ALA C 278 9.52 45.66 10.70
C ALA C 278 9.34 46.06 12.16
N GLU C 279 8.66 47.17 12.41
CA GLU C 279 8.42 47.62 13.76
C GLU C 279 7.83 46.51 14.62
N LYS C 280 6.73 45.92 14.16
CA LYS C 280 6.01 44.92 14.94
C LYS C 280 6.73 43.55 14.96
N ALA C 281 7.69 43.31 14.07
CA ALA C 281 8.46 42.08 14.07
C ALA C 281 9.70 42.19 14.95
N TYR C 282 10.07 43.39 15.30
CA TYR C 282 11.25 43.65 16.13
C TYR C 282 10.97 43.23 17.56
N HIS C 283 11.88 42.42 18.12
CA HIS C 283 11.76 41.88 19.46
C HIS C 283 10.66 40.82 19.63
N GLU C 284 9.74 40.67 18.67
CA GLU C 284 8.87 39.50 18.67
C GLU C 284 9.24 38.58 17.52
N GLN C 285 9.86 37.44 17.85
CA GLN C 285 10.05 36.34 16.92
C GLN C 285 8.83 35.43 16.97
N LEU C 286 8.24 35.15 15.80
CA LEU C 286 7.09 34.25 15.76
C LEU C 286 7.52 32.81 15.51
N SER C 287 6.91 31.91 16.25
CA SER C 287 7.34 30.53 16.34
C SER C 287 6.60 29.69 15.32
N VAL C 288 7.11 28.48 15.10
CA VAL C 288 6.45 27.56 14.18
C VAL C 288 5.00 27.31 14.59
N ALA C 289 4.68 27.39 15.89
CA ALA C 289 3.27 27.24 16.22
C ALA C 289 2.47 28.51 15.96
N GLU C 290 3.12 29.66 15.97
CA GLU C 290 2.37 30.90 15.78
C GLU C 290 2.01 31.08 14.32
N ILE C 291 2.99 30.85 13.44
CA ILE C 291 2.76 30.98 12.02
C ILE C 291 1.88 29.86 11.49
N THR C 292 1.99 28.66 12.06
CA THR C 292 1.06 27.59 11.68
C THR C 292 -0.37 27.98 12.02
N ASN C 293 -0.59 28.46 13.24
CA ASN C 293 -1.92 28.93 13.62
C ASN C 293 -2.45 29.96 12.63
N ALA C 294 -1.60 30.92 12.24
CA ALA C 294 -2.01 31.96 11.31
C ALA C 294 -2.76 31.37 10.12
N CYS C 295 -2.32 30.22 9.63
CA CYS C 295 -2.88 29.67 8.40
C CYS C 295 -4.36 29.40 8.53
N PHE C 296 -4.81 29.02 9.72
CA PHE C 296 -6.21 28.74 9.92
C PHE C 296 -6.99 29.95 10.38
N GLU C 297 -6.38 31.13 10.35
CA GLU C 297 -7.12 32.37 10.55
C GLU C 297 -7.58 32.93 9.22
N PRO C 298 -8.90 32.89 8.91
CA PRO C 298 -9.40 33.29 7.59
C PRO C 298 -8.91 34.65 7.14
N ALA C 299 -8.52 35.51 8.07
CA ALA C 299 -8.03 36.84 7.71
C ALA C 299 -6.63 36.83 7.10
N ASN C 300 -5.98 35.67 6.96
CA ASN C 300 -4.67 35.55 6.32
C ASN C 300 -4.75 34.82 4.99
N GLN C 301 -5.95 34.60 4.47
CA GLN C 301 -6.19 33.87 3.24
C GLN C 301 -6.08 34.79 2.03
N MET C 302 -6.10 34.17 0.88
CA MET C 302 -5.83 34.90 -0.32
C MET C 302 -7.06 35.07 -1.14
N VAL C 303 -8.03 34.18 -0.96
CA VAL C 303 -9.38 34.39 -1.41
C VAL C 303 -10.22 34.54 -0.15
N LYS C 304 -11.08 35.55 -0.11
CA LYS C 304 -12.01 35.68 1.00
C LYS C 304 -13.10 34.61 0.89
N CYS C 305 -13.05 33.61 1.78
CA CYS C 305 -14.11 32.61 1.92
C CYS C 305 -14.13 32.13 3.36
N ASP C 306 -15.09 31.27 3.71
CA ASP C 306 -15.00 30.78 5.08
C ASP C 306 -14.72 29.29 5.11
N PRO C 307 -13.46 28.87 5.32
CA PRO C 307 -13.20 27.43 5.39
C PRO C 307 -14.02 26.78 6.48
N ARG C 308 -14.14 27.42 7.64
CA ARG C 308 -14.93 26.87 8.73
C ARG C 308 -16.32 26.44 8.30
N HIS C 309 -16.94 27.11 7.33
CA HIS C 309 -18.28 26.70 6.95
C HIS C 309 -18.28 25.91 5.64
N GLY C 310 -17.17 25.21 5.37
CA GLY C 310 -17.03 24.31 4.23
C GLY C 310 -16.21 23.10 4.63
N LYS C 311 -15.75 22.28 3.69
CA LYS C 311 -15.04 21.03 4.02
C LYS C 311 -13.69 20.94 3.32
N TYR C 312 -12.70 20.38 4.00
CA TYR C 312 -11.40 20.19 3.39
C TYR C 312 -11.33 18.90 2.61
N MET C 313 -10.71 18.97 1.44
CA MET C 313 -10.37 17.78 0.68
C MET C 313 -8.87 17.61 0.57
N ALA C 314 -8.10 18.36 1.35
CA ALA C 314 -6.66 18.44 1.17
C ALA C 314 -6.11 19.63 1.94
N CYS C 315 -4.90 19.50 2.45
CA CYS C 315 -4.30 20.48 3.35
C CYS C 315 -2.80 20.27 3.39
N CYS C 316 -2.05 21.25 2.92
CA CYS C 316 -0.61 21.13 2.77
C CYS C 316 0.04 22.30 3.48
N LEU C 317 1.14 22.05 4.16
CA LEU C 317 1.92 23.14 4.73
C LEU C 317 3.29 23.14 4.08
N LEU C 318 3.65 24.27 3.54
CA LEU C 318 4.95 24.49 2.91
C LEU C 318 5.73 25.48 3.78
N TYR C 319 6.63 24.97 4.63
CA TYR C 319 7.43 25.79 5.52
C TYR C 319 8.74 26.14 4.84
N ARG C 320 9.22 27.35 5.04
CA ARG C 320 10.57 27.69 4.63
C ARG C 320 11.28 28.41 5.75
N GLY C 321 12.60 28.27 5.75
CA GLY C 321 13.44 28.82 6.77
C GLY C 321 13.64 27.90 7.94
N ASP C 322 13.61 28.48 9.14
CA ASP C 322 14.08 27.83 10.35
C ASP C 322 12.94 27.01 10.96
N VAL C 323 12.77 25.79 10.43
CA VAL C 323 11.70 24.89 10.86
C VAL C 323 12.22 23.45 10.86
N VAL C 324 11.76 22.66 11.83
CA VAL C 324 12.18 21.26 11.95
C VAL C 324 10.91 20.46 12.12
N PRO C 325 10.86 19.23 11.62
CA PRO C 325 9.58 18.49 11.70
C PRO C 325 9.01 18.35 13.10
N LYS C 326 9.81 18.17 14.15
CA LYS C 326 9.27 18.08 15.51
C LYS C 326 8.28 19.22 15.81
N ASP C 327 8.73 20.46 15.63
CA ASP C 327 7.88 21.63 15.88
C ASP C 327 6.59 21.53 15.09
N VAL C 328 6.70 21.54 13.77
CA VAL C 328 5.60 21.33 12.84
C VAL C 328 4.60 20.31 13.36
N ASN C 329 5.08 19.13 13.73
CA ASN C 329 4.17 18.12 14.25
C ASN C 329 3.49 18.60 15.52
N ALA C 330 4.28 19.11 16.48
CA ALA C 330 3.69 19.67 17.70
C ALA C 330 2.53 20.61 17.36
N ALA C 331 2.85 21.66 16.59
CA ALA C 331 1.88 22.69 16.23
C ALA C 331 0.62 22.10 15.61
N ILE C 332 0.78 21.21 14.63
CA ILE C 332 -0.38 20.63 13.97
C ILE C 332 -1.27 19.92 14.98
N ALA C 333 -0.65 19.28 15.97
CA ALA C 333 -1.41 18.58 17.00
C ALA C 333 -2.33 19.51 17.73
N THR C 334 -1.79 20.64 18.22
CA THR C 334 -2.62 21.58 18.93
C THR C 334 -3.75 22.09 18.05
N ILE C 335 -3.44 22.44 16.80
CA ILE C 335 -4.48 22.97 15.93
C ILE C 335 -5.60 21.98 15.72
N LYS C 336 -5.27 20.69 15.57
CA LYS C 336 -6.33 19.73 15.27
C LYS C 336 -7.30 19.59 16.44
N THR C 337 -6.85 19.83 17.68
CA THR C 337 -7.81 19.85 18.78
C THR C 337 -8.56 21.18 18.82
N LYS C 338 -7.85 22.28 18.64
CA LYS C 338 -8.37 23.61 18.94
C LYS C 338 -8.99 24.33 17.73
N ARG C 339 -9.02 23.73 16.54
CA ARG C 339 -9.66 24.41 15.42
C ARG C 339 -10.67 23.52 14.70
N SER C 340 -11.55 24.23 13.99
CA SER C 340 -12.61 23.68 13.16
C SER C 340 -12.00 23.24 11.81
N ILE C 341 -11.66 21.95 11.67
CA ILE C 341 -11.03 21.45 10.45
C ILE C 341 -11.77 20.19 10.04
N GLN C 342 -12.82 20.32 9.23
CA GLN C 342 -13.64 19.19 8.89
C GLN C 342 -13.28 18.69 7.49
N PHE C 343 -12.87 17.43 7.38
CA PHE C 343 -12.58 16.84 6.07
C PHE C 343 -13.82 16.15 5.50
N VAL C 344 -13.92 16.13 4.18
CA VAL C 344 -14.95 15.32 3.54
C VAL C 344 -14.71 13.88 3.98
N ASP C 345 -15.75 13.05 3.91
CA ASP C 345 -15.55 11.70 4.41
C ASP C 345 -14.80 10.80 3.44
N TRP C 346 -14.47 11.27 2.25
CA TRP C 346 -13.85 10.39 1.31
C TRP C 346 -12.36 10.60 1.19
N CYS C 347 -11.72 11.34 2.09
CA CYS C 347 -10.28 11.48 1.92
C CYS C 347 -9.61 11.65 3.27
N PRO C 348 -8.37 11.21 3.41
CA PRO C 348 -7.71 11.19 4.72
C PRO C 348 -7.53 12.61 5.24
N THR C 349 -7.25 12.72 6.53
CA THR C 349 -7.15 14.04 7.14
C THR C 349 -5.72 14.44 7.49
N GLY C 350 -4.73 13.65 7.12
CA GLY C 350 -3.36 14.02 7.44
C GLY C 350 -2.85 15.19 6.60
N PHE C 351 -2.05 16.04 7.22
CA PHE C 351 -1.55 17.24 6.57
C PHE C 351 -0.21 16.98 5.89
N LYS C 352 -0.12 17.33 4.61
CA LYS C 352 1.11 17.14 3.87
C LYS C 352 2.03 18.33 4.10
N VAL C 353 3.29 18.03 4.41
CA VAL C 353 4.23 19.01 4.94
C VAL C 353 5.53 18.99 4.16
N GLY C 354 6.06 20.18 3.91
CA GLY C 354 7.35 20.29 3.29
C GLY C 354 8.09 21.41 3.98
N ILE C 355 9.41 21.35 3.88
CA ILE C 355 10.27 22.34 4.52
C ILE C 355 11.40 22.66 3.57
N ASN C 356 11.54 23.94 3.22
CA ASN C 356 12.74 24.47 2.62
C ASN C 356 13.49 25.28 3.64
N TYR C 357 14.80 25.14 3.66
CA TYR C 357 15.50 25.77 4.76
C TYR C 357 15.86 27.18 4.42
N GLN C 358 16.08 27.45 3.15
CA GLN C 358 16.39 28.78 2.66
C GLN C 358 15.33 29.72 3.23
N PRO C 359 15.70 30.63 4.14
CA PRO C 359 14.68 31.49 4.78
C PRO C 359 14.12 32.48 3.78
N PRO C 360 12.94 33.01 4.03
CA PRO C 360 12.34 33.94 3.08
C PRO C 360 13.16 35.21 2.96
N THR C 361 13.14 35.81 1.78
CA THR C 361 13.79 37.09 1.62
C THR C 361 12.75 38.21 1.58
N VAL C 362 13.25 39.43 1.69
CA VAL C 362 12.44 40.62 1.51
C VAL C 362 13.17 41.47 0.50
N VAL C 363 12.38 42.24 -0.23
CA VAL C 363 12.91 43.26 -1.13
C VAL C 363 13.26 44.51 -0.34
N PRO C 364 14.44 45.12 -0.61
CA PRO C 364 14.79 46.42 -0.04
C PRO C 364 13.63 47.40 0.08
N GLY C 365 13.51 48.03 1.25
CA GLY C 365 12.50 49.06 1.41
C GLY C 365 11.09 48.55 1.26
N GLY C 366 10.88 47.24 1.26
CA GLY C 366 9.55 46.71 1.32
C GLY C 366 8.99 46.84 2.71
N ASP C 367 7.72 46.53 2.84
CA ASP C 367 7.12 46.66 4.14
C ASP C 367 7.10 45.35 4.94
N LEU C 368 7.38 44.21 4.29
CA LEU C 368 7.46 42.96 5.03
C LEU C 368 8.70 42.91 5.89
N ALA C 369 8.51 42.46 7.12
CA ALA C 369 9.65 42.19 7.97
C ALA C 369 10.36 40.97 7.44
N LYS C 370 11.68 40.98 7.52
CA LYS C 370 12.41 39.75 7.24
C LYS C 370 12.20 38.84 8.45
N VAL C 371 11.52 37.74 8.25
CA VAL C 371 11.29 36.77 9.33
C VAL C 371 12.27 35.61 9.18
N GLN C 372 12.60 34.97 10.31
CA GLN C 372 13.44 33.77 10.25
C GLN C 372 12.72 32.56 9.66
N ARG C 373 11.41 32.44 9.89
CA ARG C 373 10.65 31.31 9.35
C ARG C 373 9.30 31.79 8.83
N ALA C 374 8.73 31.01 7.91
CA ALA C 374 7.50 31.38 7.22
C ALA C 374 6.78 30.11 6.80
N VAL C 375 5.52 30.26 6.35
CA VAL C 375 4.70 29.12 5.96
C VAL C 375 3.63 29.56 4.98
N CYS C 376 3.35 28.71 4.01
CA CYS C 376 2.21 28.88 3.12
C CYS C 376 1.46 27.57 3.12
N MET C 377 0.18 27.63 3.43
CA MET C 377 -0.70 26.48 3.43
C MET C 377 -1.48 26.48 2.12
N LEU C 378 -1.56 25.31 1.49
CA LEU C 378 -2.39 25.13 0.31
C LEU C 378 -3.44 24.10 0.68
N SER C 379 -4.71 24.46 0.56
CA SER C 379 -5.81 23.57 0.90
C SER C 379 -6.89 23.62 -0.16
N ASN C 380 -7.43 22.46 -0.50
CA ASN C 380 -8.62 22.37 -1.33
C ASN C 380 -9.84 22.34 -0.40
N THR C 381 -10.53 23.46 -0.30
CA THR C 381 -11.70 23.56 0.56
C THR C 381 -12.88 23.95 -0.31
N THR C 382 -14.05 23.41 -0.01
CA THR C 382 -15.22 23.82 -0.74
C THR C 382 -15.50 25.29 -0.56
N ALA C 383 -15.06 25.85 0.56
CA ALA C 383 -15.27 27.27 0.82
C ALA C 383 -14.87 28.15 -0.37
N ILE C 384 -13.86 27.75 -1.16
CA ILE C 384 -13.44 28.55 -2.30
C ILE C 384 -14.61 28.85 -3.22
N ALA C 385 -15.61 27.97 -3.28
CA ALA C 385 -16.69 28.20 -4.21
C ALA C 385 -17.40 29.49 -3.90
N GLU C 386 -17.38 29.93 -2.65
CA GLU C 386 -17.95 31.22 -2.31
C GLU C 386 -17.49 32.28 -3.30
N ALA C 387 -16.19 32.32 -3.57
CA ALA C 387 -15.66 33.27 -4.54
C ALA C 387 -16.36 33.11 -5.90
N TRP C 388 -16.68 31.89 -6.30
CA TRP C 388 -17.40 31.70 -7.56
C TRP C 388 -18.79 32.31 -7.50
N ALA C 389 -19.51 32.13 -6.37
CA ALA C 389 -20.84 32.69 -6.25
C ALA C 389 -20.82 34.22 -6.25
N ARG C 390 -20.02 34.82 -5.38
CA ARG C 390 -19.86 36.26 -5.47
C ARG C 390 -19.74 36.72 -6.91
N LEU C 391 -18.73 36.21 -7.66
CA LEU C 391 -18.60 36.60 -9.07
C LEU C 391 -19.82 36.22 -9.88
N ASP C 392 -20.28 34.96 -9.77
CA ASP C 392 -21.43 34.55 -10.55
C ASP C 392 -22.63 35.47 -10.32
N HIS C 393 -22.78 36.02 -9.11
CA HIS C 393 -23.87 36.98 -8.87
C HIS C 393 -23.66 38.30 -9.61
N LYS C 394 -22.49 38.93 -9.45
CA LYS C 394 -22.29 40.19 -10.14
C LYS C 394 -22.48 40.00 -11.64
N PHE C 395 -21.91 38.93 -12.19
CA PHE C 395 -22.18 38.58 -13.57
C PHE C 395 -23.67 38.60 -13.87
N ASP C 396 -24.46 37.94 -13.02
CA ASP C 396 -25.89 37.80 -13.29
C ASP C 396 -26.62 39.14 -13.27
N LEU C 397 -26.28 40.04 -12.34
CA LEU C 397 -26.99 41.30 -12.27
C LEU C 397 -26.97 42.04 -13.60
N MET C 398 -25.83 42.04 -14.27
CA MET C 398 -25.70 42.82 -15.49
C MET C 398 -26.23 42.04 -16.69
N TYR C 399 -26.00 40.74 -16.72
CA TYR C 399 -26.39 39.99 -17.90
C TYR C 399 -27.92 39.96 -18.05
N ALA C 400 -28.65 40.05 -16.95
CA ALA C 400 -30.11 40.03 -17.03
C ALA C 400 -30.65 41.22 -17.81
N LYS C 401 -30.04 42.39 -17.63
CA LYS C 401 -30.35 43.54 -18.49
C LYS C 401 -29.46 43.61 -19.72
N ARG C 402 -28.68 42.56 -19.98
CA ARG C 402 -27.70 42.52 -21.07
C ARG C 402 -26.76 43.73 -21.09
N ALA C 403 -26.52 44.35 -19.94
CA ALA C 403 -25.64 45.51 -19.87
C ALA C 403 -24.26 45.19 -20.42
N PHE C 404 -23.75 46.08 -21.27
CA PHE C 404 -22.43 46.03 -21.88
C PHE C 404 -22.27 44.87 -22.84
N VAL C 405 -23.29 44.05 -23.06
CA VAL C 405 -23.06 42.86 -23.85
C VAL C 405 -22.75 43.24 -25.29
N HIS C 406 -23.19 44.43 -25.72
CA HIS C 406 -22.93 44.88 -27.08
C HIS C 406 -21.45 45.11 -27.35
N TRP C 407 -20.65 45.53 -26.38
CA TRP C 407 -19.24 45.72 -26.66
C TRP C 407 -18.57 44.38 -26.96
N TYR C 408 -19.17 43.28 -26.53
CA TYR C 408 -18.63 41.97 -26.84
C TYR C 408 -19.21 41.42 -28.15
N VAL C 409 -20.50 41.63 -28.39
CA VAL C 409 -21.11 41.17 -29.65
C VAL C 409 -20.51 41.89 -30.87
N GLY C 410 -20.18 43.17 -30.75
CA GLY C 410 -19.57 43.93 -31.83
C GLY C 410 -18.16 43.52 -32.17
N GLU C 411 -17.49 42.77 -31.29
CA GLU C 411 -16.19 42.20 -31.56
C GLU C 411 -16.30 40.73 -32.00
N GLY C 412 -17.50 40.24 -32.28
CA GLY C 412 -17.70 38.94 -32.87
C GLY C 412 -18.16 37.82 -31.96
N MET C 413 -18.50 38.11 -30.71
CA MET C 413 -19.02 37.10 -29.81
C MET C 413 -20.54 37.04 -29.88
N GLU C 414 -21.09 35.88 -29.50
CA GLU C 414 -22.52 35.64 -29.48
C GLU C 414 -22.99 35.57 -28.05
N GLU C 415 -24.22 36.06 -27.82
CA GLU C 415 -24.83 35.89 -26.51
C GLU C 415 -24.68 34.46 -26.01
N GLY C 416 -24.65 33.48 -26.92
CA GLY C 416 -24.58 32.09 -26.50
C GLY C 416 -23.39 31.82 -25.61
N GLU C 417 -22.20 32.20 -26.06
CA GLU C 417 -21.00 32.09 -25.24
C GLU C 417 -21.23 32.56 -23.82
N PHE C 418 -21.95 33.65 -23.65
CA PHE C 418 -22.24 34.16 -22.32
C PHE C 418 -22.97 33.12 -21.50
N SER C 419 -24.12 32.66 -21.99
CA SER C 419 -24.87 31.66 -21.25
C SER C 419 -24.10 30.34 -21.17
N GLU C 420 -23.32 30.03 -22.22
CA GLU C 420 -22.54 28.81 -22.19
C GLU C 420 -21.48 28.88 -21.10
N ALA C 421 -20.88 30.06 -20.91
CA ALA C 421 -19.94 30.22 -19.80
C ALA C 421 -20.68 30.17 -18.47
N ARG C 422 -21.74 30.96 -18.33
CA ARG C 422 -22.36 31.03 -17.02
C ARG C 422 -22.88 29.67 -16.58
N GLU C 423 -23.37 28.85 -17.52
CA GLU C 423 -23.81 27.52 -17.15
C GLU C 423 -22.65 26.66 -16.65
N ASP C 424 -21.49 26.80 -17.27
CA ASP C 424 -20.32 26.10 -16.76
C ASP C 424 -20.08 26.50 -15.31
N MET C 425 -20.01 27.81 -15.05
CA MET C 425 -19.80 28.29 -13.68
C MET C 425 -20.89 27.77 -12.75
N ALA C 426 -22.13 27.80 -13.22
CA ALA C 426 -23.24 27.25 -12.46
C ALA C 426 -22.97 25.81 -12.05
N ALA C 427 -22.40 25.02 -12.97
CA ALA C 427 -22.10 23.62 -12.72
C ALA C 427 -20.88 23.47 -11.81
N LEU C 428 -19.81 24.21 -12.10
CA LEU C 428 -18.67 24.27 -11.22
C LEU C 428 -19.10 24.48 -9.77
N GLU C 429 -20.08 25.35 -9.55
CA GLU C 429 -20.54 25.62 -8.19
C GLU C 429 -21.27 24.43 -7.60
N LYS C 430 -21.95 23.65 -8.45
CA LYS C 430 -22.64 22.47 -7.98
C LYS C 430 -21.69 21.30 -7.73
N ASP C 431 -20.71 21.12 -8.61
CA ASP C 431 -19.60 20.22 -8.32
C ASP C 431 -19.04 20.53 -6.95
N TYR C 432 -18.87 21.80 -6.66
CA TYR C 432 -18.32 22.13 -5.36
C TYR C 432 -19.28 21.72 -4.27
N GLU C 433 -20.61 21.82 -4.47
CA GLU C 433 -21.51 21.25 -3.46
C GLU C 433 -21.38 19.74 -3.39
N GLU C 434 -21.35 19.09 -4.54
CA GLU C 434 -21.40 17.63 -4.58
C GLU C 434 -20.20 17.01 -3.86
N VAL C 435 -19.00 17.53 -4.10
CA VAL C 435 -17.85 16.92 -3.43
C VAL C 435 -18.05 16.94 -1.92
N GLY C 436 -18.78 17.90 -1.41
CA GLY C 436 -18.82 18.04 0.04
C GLY C 436 -19.87 17.20 0.74
N VAL C 437 -20.81 16.64 -0.01
CA VAL C 437 -21.84 15.81 0.59
C VAL C 437 -21.25 14.48 1.04
N ASP C 438 -21.76 13.95 2.14
CA ASP C 438 -21.31 12.65 2.60
C ASP C 438 -21.66 11.56 1.60
N SER C 439 -21.06 10.37 1.83
CA SER C 439 -21.20 9.20 0.99
C SER C 439 -22.32 8.31 1.53
N VAL C 440 -22.60 7.22 0.82
CA VAL C 440 -23.79 6.39 1.06
C VAL C 440 -23.51 4.88 1.16
N MET D 1 2.02 55.53 -28.33
CA MET D 1 1.21 56.69 -28.72
C MET D 1 -0.22 56.28 -29.07
N ARG D 2 -1.19 57.00 -28.53
CA ARG D 2 -2.61 56.80 -28.80
C ARG D 2 -3.11 58.18 -29.20
N GLU D 3 -3.16 58.43 -30.50
CA GLU D 3 -3.49 59.76 -30.95
C GLU D 3 -4.99 59.93 -31.02
N ILE D 4 -5.44 61.05 -30.56
CA ILE D 4 -6.80 61.49 -30.77
C ILE D 4 -6.71 62.61 -31.81
N VAL D 5 -7.60 62.55 -32.80
CA VAL D 5 -7.78 63.64 -33.76
C VAL D 5 -8.94 64.50 -33.29
N HIS D 6 -8.75 65.82 -33.35
CA HIS D 6 -9.68 66.85 -32.88
C HIS D 6 -10.35 67.55 -34.05
N ILE D 7 -11.60 67.99 -33.83
CA ILE D 7 -12.39 68.61 -34.88
C ILE D 7 -13.38 69.63 -34.33
N GLN D 8 -13.06 70.93 -34.54
CA GLN D 8 -13.96 72.06 -34.31
C GLN D 8 -14.79 72.36 -35.55
N ALA D 9 -16.05 72.74 -35.33
CA ALA D 9 -16.95 73.00 -36.45
C ALA D 9 -18.00 74.03 -36.05
N GLY D 10 -18.39 74.84 -37.03
CA GLY D 10 -19.41 75.85 -36.81
C GLY D 10 -18.92 77.02 -35.98
N GLN D 11 -19.86 77.89 -35.64
CA GLN D 11 -19.48 79.05 -34.85
C GLN D 11 -19.09 78.63 -33.42
N CYS D 12 -20.06 78.04 -32.69
CA CYS D 12 -19.80 77.54 -31.33
C CYS D 12 -18.61 76.59 -31.27
N GLY D 13 -18.59 75.60 -32.15
CA GLY D 13 -17.54 74.60 -32.08
C GLY D 13 -16.15 75.20 -32.00
N ASN D 14 -15.84 76.12 -32.90
CA ASN D 14 -14.46 76.61 -32.96
C ASN D 14 -14.07 77.33 -31.68
N GLN D 15 -14.99 78.13 -31.12
CA GLN D 15 -14.63 78.95 -29.97
C GLN D 15 -14.28 78.07 -28.76
N ILE D 16 -15.19 77.17 -28.36
CA ILE D 16 -14.91 76.30 -27.21
C ILE D 16 -13.73 75.39 -27.53
N GLY D 17 -13.58 75.00 -28.79
CA GLY D 17 -12.37 74.32 -29.21
C GLY D 17 -11.12 75.14 -28.95
N ALA D 18 -11.18 76.44 -29.21
CA ALA D 18 -10.01 77.28 -29.00
C ALA D 18 -9.57 77.28 -27.54
N LYS D 19 -10.50 77.61 -26.64
CA LYS D 19 -10.08 77.80 -25.25
C LYS D 19 -9.65 76.48 -24.65
N PHE D 20 -10.18 75.37 -25.17
CA PHE D 20 -9.70 74.04 -24.78
C PHE D 20 -8.19 73.94 -25.03
N TRP D 21 -7.76 74.20 -26.27
CA TRP D 21 -6.35 74.10 -26.61
C TRP D 21 -5.50 75.06 -25.77
N GLU D 22 -6.03 76.26 -25.49
CA GLU D 22 -5.29 77.16 -24.61
C GLU D 22 -5.06 76.50 -23.25
N VAL D 23 -6.11 75.91 -22.68
CA VAL D 23 -6.07 75.47 -21.28
C VAL D 23 -5.15 74.27 -21.13
N ILE D 24 -5.37 73.23 -21.93
CA ILE D 24 -4.55 72.03 -21.81
C ILE D 24 -3.13 72.28 -22.31
N SER D 25 -2.95 73.32 -23.14
CA SER D 25 -1.61 73.76 -23.51
C SER D 25 -0.85 74.28 -22.29
N ASP D 26 -1.48 75.21 -21.57
CA ASP D 26 -0.91 75.70 -20.32
C ASP D 26 -0.61 74.58 -19.34
N GLU D 27 -1.54 73.63 -19.18
CA GLU D 27 -1.33 72.53 -18.24
C GLU D 27 -0.10 71.71 -18.62
N HIS D 28 0.10 71.48 -19.91
CA HIS D 28 1.25 70.74 -20.44
C HIS D 28 2.49 71.61 -20.67
N GLY D 29 2.39 72.92 -20.44
CA GLY D 29 3.54 73.80 -20.65
C GLY D 29 3.92 73.97 -22.11
N ILE D 30 3.05 74.60 -22.89
CA ILE D 30 3.28 74.88 -24.30
C ILE D 30 2.76 76.28 -24.62
N ASP D 31 3.65 77.13 -25.09
CA ASP D 31 3.32 78.50 -25.46
C ASP D 31 2.81 78.57 -26.89
N PRO D 32 2.25 79.70 -27.29
CA PRO D 32 1.64 79.78 -28.63
C PRO D 32 2.60 79.44 -29.77
N THR D 33 3.90 79.32 -29.50
CA THR D 33 4.79 78.94 -30.58
C THR D 33 4.83 77.42 -30.77
N GLY D 34 4.53 76.64 -29.74
CA GLY D 34 4.57 75.20 -29.84
C GLY D 34 5.73 74.55 -29.13
N SER D 35 6.52 75.30 -28.39
CA SER D 35 7.65 74.74 -27.65
C SER D 35 7.27 74.58 -26.18
N TYR D 36 8.09 73.82 -25.47
CA TYR D 36 7.75 73.33 -24.14
C TYR D 36 8.59 74.04 -23.09
N HIS D 37 7.99 75.02 -22.44
CA HIS D 37 8.56 75.66 -21.26
C HIS D 37 7.76 75.16 -20.07
N GLY D 38 8.10 73.95 -19.62
CA GLY D 38 7.37 73.29 -18.57
C GLY D 38 8.29 72.79 -17.48
N ASP D 39 7.71 72.69 -16.28
CA ASP D 39 8.49 72.28 -15.12
C ASP D 39 8.64 70.77 -15.03
N SER D 40 7.52 70.05 -14.99
CA SER D 40 7.51 68.61 -14.83
C SER D 40 7.37 67.91 -16.18
N ASP D 41 8.07 66.80 -16.34
CA ASP D 41 7.94 66.02 -17.57
C ASP D 41 6.64 65.24 -17.61
N LEU D 42 5.92 65.15 -16.49
CA LEU D 42 4.60 64.55 -16.51
C LEU D 42 3.75 65.18 -17.60
N GLN D 43 4.07 66.42 -17.98
CA GLN D 43 3.32 67.15 -18.99
C GLN D 43 3.60 66.69 -20.41
N LEU D 44 4.66 65.92 -20.61
CA LEU D 44 5.01 65.45 -21.93
C LEU D 44 4.76 63.98 -22.15
N GLU D 45 4.90 63.16 -21.09
CA GLU D 45 4.79 61.70 -21.18
C GLU D 45 3.70 61.17 -22.09
N ARG D 46 2.54 61.81 -22.11
CA ARG D 46 1.46 61.44 -22.99
C ARG D 46 1.05 62.62 -23.87
N ILE D 47 2.01 63.50 -24.15
CA ILE D 47 1.69 64.75 -24.83
C ILE D 47 1.28 64.52 -26.27
N ASN D 48 1.73 63.42 -26.87
CA ASN D 48 1.41 63.04 -28.23
C ASN D 48 -0.04 62.62 -28.43
N VAL D 49 -0.81 62.45 -27.35
CA VAL D 49 -2.23 62.18 -27.50
C VAL D 49 -2.89 63.31 -28.30
N TYR D 50 -2.62 64.55 -27.92
CA TYR D 50 -3.25 65.71 -28.54
C TYR D 50 -2.29 66.56 -29.35
N TYR D 51 -1.02 66.18 -29.45
CA TYR D 51 -0.01 67.05 -30.03
C TYR D 51 0.88 66.28 -30.99
N ASN D 52 1.06 66.84 -32.19
CA ASN D 52 2.01 66.34 -33.18
C ASN D 52 3.39 66.89 -32.87
N GLU D 53 4.41 66.06 -33.01
CA GLU D 53 5.76 66.50 -32.67
C GLU D 53 6.46 66.97 -33.94
N ALA D 54 6.80 68.25 -33.98
CA ALA D 54 7.55 68.83 -35.08
C ALA D 54 8.97 69.11 -34.60
N THR D 55 9.95 68.70 -35.40
CA THR D 55 11.34 68.98 -35.06
C THR D 55 11.56 70.48 -34.88
N GLY D 56 12.68 70.82 -34.24
CA GLY D 56 12.75 72.04 -33.51
C GLY D 56 11.96 71.98 -32.22
N ASN D 57 11.77 70.76 -31.67
CA ASN D 57 10.83 70.46 -30.60
C ASN D 57 9.67 71.44 -30.50
N LYS D 58 8.82 71.44 -31.51
CA LYS D 58 7.57 72.18 -31.47
C LYS D 58 6.42 71.20 -31.55
N TYR D 59 5.40 71.42 -30.72
CA TYR D 59 4.27 70.51 -30.61
C TYR D 59 3.06 71.16 -31.24
N VAL D 60 2.40 70.45 -32.15
CA VAL D 60 1.31 70.99 -32.95
C VAL D 60 0.01 70.31 -32.52
N PRO D 61 -1.02 71.07 -32.19
CA PRO D 61 -2.33 70.45 -31.98
C PRO D 61 -2.71 69.58 -33.17
N ARG D 62 -3.12 68.35 -32.89
CA ARG D 62 -3.72 67.53 -33.95
C ARG D 62 -5.18 67.95 -34.13
N ALA D 63 -5.34 69.16 -34.68
CA ALA D 63 -6.64 69.81 -34.72
C ALA D 63 -7.04 70.15 -36.14
N ILE D 64 -8.35 70.17 -36.39
CA ILE D 64 -8.93 70.54 -37.66
C ILE D 64 -9.95 71.64 -37.38
N LEU D 65 -9.71 72.82 -37.93
CA LEU D 65 -10.62 73.94 -37.76
C LEU D 65 -11.52 74.00 -38.99
N VAL D 66 -12.83 74.17 -38.78
CA VAL D 66 -13.82 74.07 -39.86
C VAL D 66 -14.94 75.07 -39.62
N ASP D 67 -15.45 75.64 -40.71
CA ASP D 67 -16.63 76.50 -40.66
C ASP D 67 -17.11 76.74 -42.08
N LEU D 68 -18.38 77.12 -42.21
CA LEU D 68 -18.94 77.46 -43.50
C LEU D 68 -18.88 78.96 -43.79
N GLU D 69 -18.14 79.72 -42.98
CA GLU D 69 -18.03 81.17 -43.06
C GLU D 69 -16.68 81.65 -42.56
N PRO D 70 -15.84 82.21 -43.42
CA PRO D 70 -14.45 82.53 -43.03
C PRO D 70 -14.35 83.45 -41.84
N GLY D 71 -15.48 83.97 -41.36
CA GLY D 71 -15.47 84.83 -40.20
C GLY D 71 -14.81 84.18 -39.00
N THR D 72 -15.44 83.11 -38.51
CA THR D 72 -14.90 82.43 -37.33
C THR D 72 -13.45 82.00 -37.54
N MET D 73 -13.11 81.53 -38.74
CA MET D 73 -11.76 81.04 -38.95
C MET D 73 -10.73 82.13 -38.67
N ASP D 74 -11.02 83.36 -39.10
CA ASP D 74 -10.07 84.46 -38.92
C ASP D 74 -9.82 84.73 -37.45
N SER D 75 -10.88 85.00 -36.69
CA SER D 75 -10.76 85.26 -35.26
C SER D 75 -9.93 84.20 -34.55
N VAL D 76 -9.84 83.00 -35.13
CA VAL D 76 -9.11 81.93 -34.48
C VAL D 76 -7.61 82.17 -34.54
N ARG D 77 -7.06 82.21 -35.76
CA ARG D 77 -5.63 82.47 -35.91
C ARG D 77 -5.26 83.76 -35.20
N SER D 78 -6.06 84.81 -35.40
CA SER D 78 -5.88 86.04 -34.65
C SER D 78 -5.92 85.78 -33.16
N GLY D 79 -6.88 84.98 -32.70
CA GLY D 79 -7.06 84.70 -31.30
C GLY D 79 -5.77 84.34 -30.57
N PRO D 80 -5.89 84.17 -29.26
CA PRO D 80 -4.73 83.74 -28.47
C PRO D 80 -4.28 82.33 -28.88
N PHE D 81 -2.97 82.16 -29.07
CA PHE D 81 -2.38 80.88 -29.52
C PHE D 81 -2.60 80.58 -31.00
N GLY D 82 -3.33 81.41 -31.76
CA GLY D 82 -3.67 81.07 -33.12
C GLY D 82 -2.52 80.57 -33.98
N GLN D 83 -1.28 80.87 -33.57
CA GLN D 83 -0.08 80.56 -34.34
C GLN D 83 0.56 79.24 -33.94
N ILE D 84 -0.13 78.41 -33.15
CA ILE D 84 0.35 77.05 -32.88
C ILE D 84 -0.35 76.02 -33.74
N PHE D 85 -1.52 76.33 -34.27
CA PHE D 85 -2.22 75.38 -35.11
C PHE D 85 -1.44 75.17 -36.41
N ARG D 86 -1.78 74.07 -37.11
CA ARG D 86 -1.19 73.86 -38.43
C ARG D 86 -2.00 74.64 -39.45
N PRO D 87 -1.35 75.48 -40.27
CA PRO D 87 -2.12 76.37 -41.15
C PRO D 87 -2.91 75.60 -42.20
N ASP D 88 -2.41 74.46 -42.66
CA ASP D 88 -3.18 73.65 -43.58
C ASP D 88 -4.50 73.17 -42.99
N ASN D 89 -4.62 73.14 -41.66
CA ASN D 89 -5.76 72.52 -41.01
C ASN D 89 -6.94 73.45 -40.81
N PHE D 90 -6.97 74.57 -41.51
CA PHE D 90 -8.14 75.44 -41.52
C PHE D 90 -8.90 75.15 -42.82
N VAL D 91 -10.15 74.73 -42.69
CA VAL D 91 -11.05 74.54 -43.82
C VAL D 91 -12.27 75.41 -43.61
N PHE D 92 -12.49 76.33 -44.53
CA PHE D 92 -13.45 77.39 -44.39
C PHE D 92 -14.28 77.45 -45.66
N GLY D 93 -15.59 77.57 -45.49
CA GLY D 93 -16.46 77.88 -46.60
C GLY D 93 -16.53 79.37 -46.85
N GLN D 94 -17.67 79.81 -47.37
CA GLN D 94 -17.89 81.23 -47.56
C GLN D 94 -19.36 81.49 -47.38
N SER D 95 -20.17 80.78 -48.17
CA SER D 95 -21.62 81.00 -48.20
C SER D 95 -22.20 81.14 -46.80
N GLY D 96 -21.58 80.52 -45.80
CA GLY D 96 -22.14 80.46 -44.47
C GLY D 96 -23.33 79.52 -44.40
N ALA D 97 -23.72 79.18 -43.17
CA ALA D 97 -24.80 78.22 -42.93
C ALA D 97 -26.12 78.87 -42.59
N GLY D 98 -26.11 80.06 -42.01
CA GLY D 98 -27.33 80.76 -41.69
C GLY D 98 -28.27 79.95 -40.82
N ASN D 99 -27.74 79.31 -39.78
CA ASN D 99 -28.54 78.56 -38.80
C ASN D 99 -29.48 77.54 -39.44
N ASN D 100 -29.21 77.08 -40.65
CA ASN D 100 -30.04 76.05 -41.26
C ASN D 100 -29.25 74.74 -41.26
N TRP D 101 -29.88 73.69 -40.73
CA TRP D 101 -29.24 72.38 -40.66
C TRP D 101 -29.12 71.74 -42.04
N ALA D 102 -30.22 71.67 -42.79
CA ALA D 102 -30.16 71.10 -44.14
C ALA D 102 -29.03 71.74 -44.96
N LYS D 103 -28.77 73.03 -44.74
CA LYS D 103 -27.67 73.70 -45.43
C LYS D 103 -26.31 73.17 -45.02
N GLY D 104 -26.16 72.80 -43.75
CA GLY D 104 -24.89 72.31 -43.27
C GLY D 104 -24.73 70.84 -43.57
N HIS D 105 -25.82 70.09 -43.43
CA HIS D 105 -25.79 68.65 -43.62
C HIS D 105 -25.81 68.25 -45.09
N TYR D 106 -26.86 68.65 -45.81
CA TYR D 106 -27.09 68.07 -47.12
C TYR D 106 -26.49 68.87 -48.27
N THR D 107 -26.53 70.21 -48.22
CA THR D 107 -26.21 70.99 -49.40
C THR D 107 -24.83 71.62 -49.18
N GLU D 108 -24.76 72.82 -48.62
CA GLU D 108 -23.52 73.60 -48.66
C GLU D 108 -22.39 72.93 -47.89
N GLY D 109 -22.68 72.42 -46.69
CA GLY D 109 -21.69 71.61 -46.00
C GLY D 109 -21.27 70.40 -46.82
N ALA D 110 -22.23 69.72 -47.44
CA ALA D 110 -21.92 68.58 -48.30
C ALA D 110 -20.81 68.91 -49.28
N GLU D 111 -20.79 70.13 -49.80
CA GLU D 111 -19.79 70.53 -50.79
C GLU D 111 -18.42 70.75 -50.15
N LEU D 112 -18.38 71.42 -49.01
CA LEU D 112 -17.10 71.56 -48.32
C LEU D 112 -16.65 70.29 -47.62
N VAL D 113 -17.51 69.28 -47.45
CA VAL D 113 -17.20 68.14 -46.57
C VAL D 113 -15.99 67.38 -47.09
N ASP D 114 -16.01 66.98 -48.37
CA ASP D 114 -14.91 66.18 -48.91
C ASP D 114 -13.60 66.94 -48.81
N SER D 115 -13.67 68.27 -48.72
CA SER D 115 -12.51 69.15 -48.53
C SER D 115 -11.96 69.08 -47.11
N VAL D 116 -12.82 68.71 -46.14
CA VAL D 116 -12.40 68.48 -44.75
C VAL D 116 -11.87 67.07 -44.57
N LEU D 117 -12.64 66.09 -45.07
CA LEU D 117 -12.24 64.70 -44.94
C LEU D 117 -10.80 64.51 -45.37
N ASP D 118 -10.40 65.14 -46.47
CA ASP D 118 -9.00 65.10 -46.86
C ASP D 118 -8.10 65.39 -45.67
N VAL D 119 -8.46 66.42 -44.89
CA VAL D 119 -7.52 66.88 -43.87
C VAL D 119 -7.51 65.89 -42.70
N VAL D 120 -8.61 65.16 -42.47
CA VAL D 120 -8.61 64.15 -41.42
C VAL D 120 -7.62 63.04 -41.77
N ARG D 121 -7.82 62.38 -42.92
CA ARG D 121 -6.89 61.37 -43.42
C ARG D 121 -5.43 61.76 -43.26
N LYS D 122 -5.07 62.96 -43.69
CA LYS D 122 -3.68 63.38 -43.58
C LYS D 122 -3.22 63.26 -42.13
N GLU D 123 -4.05 63.71 -41.18
CA GLU D 123 -3.66 63.60 -39.77
C GLU D 123 -3.77 62.16 -39.29
N SER D 124 -4.81 61.46 -39.71
CA SER D 124 -5.02 60.08 -39.30
C SER D 124 -3.80 59.22 -39.65
N GLU D 125 -3.40 59.21 -40.94
CA GLU D 125 -2.32 58.32 -41.37
C GLU D 125 -1.02 58.60 -40.61
N SER D 126 -0.83 59.83 -40.15
CA SER D 126 0.35 60.14 -39.36
C SER D 126 0.29 59.52 -37.97
N CYS D 127 -0.81 58.87 -37.60
CA CYS D 127 -0.97 58.28 -36.27
C CYS D 127 -0.45 56.86 -36.21
N ASP D 128 0.41 56.60 -35.22
CA ASP D 128 0.80 55.24 -34.93
C ASP D 128 -0.41 54.40 -34.52
N CYS D 129 -1.25 54.95 -33.63
CA CYS D 129 -2.40 54.19 -33.11
C CYS D 129 -3.57 55.15 -32.91
N LEU D 130 -4.32 55.38 -33.97
CA LEU D 130 -5.41 56.33 -33.89
C LEU D 130 -6.48 55.81 -32.93
N GLN D 131 -6.66 56.50 -31.80
CA GLN D 131 -7.79 56.23 -30.89
C GLN D 131 -9.10 56.53 -31.59
N GLY D 132 -9.29 57.80 -31.87
CA GLY D 132 -10.48 58.23 -32.58
C GLY D 132 -10.51 59.74 -32.61
N PHE D 133 -11.73 60.26 -32.61
CA PHE D 133 -11.98 61.67 -32.83
C PHE D 133 -12.84 62.23 -31.70
N GLN D 134 -12.77 63.55 -31.52
CA GLN D 134 -13.63 64.27 -30.58
C GLN D 134 -14.03 65.61 -31.22
N LEU D 135 -15.24 65.67 -31.75
CA LEU D 135 -15.76 66.88 -32.36
C LEU D 135 -16.31 67.81 -31.29
N THR D 136 -15.99 69.10 -31.41
CA THR D 136 -16.63 70.15 -30.64
C THR D 136 -17.56 70.94 -31.54
N HIS D 137 -18.72 71.32 -31.04
CA HIS D 137 -19.67 72.00 -31.89
C HIS D 137 -20.87 72.42 -31.05
N SER D 138 -21.94 72.83 -31.72
CA SER D 138 -23.19 73.17 -31.12
C SER D 138 -24.26 72.43 -31.90
N LEU D 139 -25.48 72.40 -31.38
CA LEU D 139 -26.56 71.69 -32.05
C LEU D 139 -27.69 72.61 -32.49
N GLY D 140 -27.44 73.93 -32.50
CA GLY D 140 -28.32 74.92 -33.08
C GLY D 140 -27.72 75.68 -34.26
N GLY D 141 -26.39 75.76 -34.31
CA GLY D 141 -25.69 76.63 -35.25
C GLY D 141 -25.50 76.17 -36.68
N GLY D 142 -26.45 75.40 -37.21
CA GLY D 142 -26.45 75.04 -38.61
C GLY D 142 -25.18 74.41 -39.18
N THR D 143 -24.03 75.04 -38.96
CA THR D 143 -22.78 74.46 -39.44
C THR D 143 -22.23 73.42 -38.47
N GLY D 144 -22.07 73.81 -37.21
CA GLY D 144 -21.67 72.85 -36.20
C GLY D 144 -22.65 71.70 -36.02
N SER D 145 -23.95 71.96 -36.14
CA SER D 145 -24.91 70.87 -36.00
C SER D 145 -25.03 70.06 -37.26
N GLY D 146 -25.26 70.70 -38.40
CA GLY D 146 -25.50 69.99 -39.63
C GLY D 146 -24.27 69.39 -40.28
N MET D 147 -23.31 70.23 -40.67
CA MET D 147 -22.10 69.69 -41.25
C MET D 147 -21.39 68.79 -40.26
N GLY D 148 -21.42 69.18 -38.98
CA GLY D 148 -20.73 68.42 -37.95
C GLY D 148 -21.25 67.00 -37.78
N THR D 149 -22.58 66.82 -37.84
CA THR D 149 -23.13 65.48 -37.79
C THR D 149 -23.05 64.80 -39.14
N LEU D 150 -22.92 65.55 -40.24
CA LEU D 150 -22.55 64.93 -41.51
C LEU D 150 -21.08 64.51 -41.50
N LEU D 151 -20.22 65.35 -40.92
CA LEU D 151 -18.81 65.02 -40.87
C LEU D 151 -18.60 63.75 -40.05
N ILE D 152 -19.31 63.60 -38.94
CA ILE D 152 -19.34 62.35 -38.19
C ILE D 152 -19.65 61.22 -39.17
N SER D 153 -20.86 61.19 -39.71
CA SER D 153 -21.23 60.13 -40.65
C SER D 153 -20.08 59.76 -41.59
N LYS D 154 -19.42 60.77 -42.17
CA LYS D 154 -18.42 60.45 -43.18
C LYS D 154 -17.17 59.86 -42.54
N ILE D 155 -16.81 60.34 -41.36
CA ILE D 155 -15.63 59.82 -40.67
C ILE D 155 -15.88 58.38 -40.24
N ARG D 156 -17.09 58.11 -39.70
CA ARG D 156 -17.44 56.79 -39.22
C ARG D 156 -17.53 55.77 -40.36
N GLU D 157 -17.92 56.22 -41.56
CA GLU D 157 -17.91 55.32 -42.71
C GLU D 157 -16.48 54.87 -43.03
N GLU D 158 -15.51 55.73 -42.82
CA GLU D 158 -14.14 55.46 -43.19
C GLU D 158 -13.29 54.91 -42.05
N TYR D 159 -13.72 55.10 -40.81
CA TYR D 159 -13.03 54.56 -39.64
C TYR D 159 -14.05 53.89 -38.74
N PRO D 160 -14.79 52.92 -39.26
CA PRO D 160 -15.95 52.42 -38.51
C PRO D 160 -15.57 51.69 -37.23
N ASP D 161 -14.26 51.63 -36.95
CA ASP D 161 -13.70 50.91 -35.82
C ASP D 161 -12.79 51.82 -35.00
N ARG D 162 -13.14 53.10 -34.93
CA ARG D 162 -12.47 54.10 -34.12
C ARG D 162 -13.53 54.81 -33.30
N ILE D 163 -13.13 55.40 -32.20
CA ILE D 163 -14.14 55.95 -31.30
C ILE D 163 -14.54 57.33 -31.78
N MET D 164 -15.84 57.61 -31.76
CA MET D 164 -16.36 58.92 -32.15
C MET D 164 -16.89 59.62 -30.90
N ASN D 165 -16.13 60.58 -30.40
CA ASN D 165 -16.45 61.34 -29.20
C ASN D 165 -16.84 62.78 -29.58
N THR D 166 -17.95 63.29 -29.04
CA THR D 166 -18.34 64.66 -29.33
C THR D 166 -18.64 65.41 -28.04
N PHE D 167 -18.40 66.72 -28.08
CA PHE D 167 -18.86 67.70 -27.10
C PHE D 167 -19.94 68.55 -27.78
N SER D 168 -21.20 68.22 -27.55
CA SER D 168 -22.30 68.91 -28.21
C SER D 168 -22.87 69.93 -27.25
N VAL D 169 -23.03 71.18 -27.71
CA VAL D 169 -23.60 72.27 -26.93
C VAL D 169 -25.06 72.50 -27.32
N MET D 170 -25.98 72.40 -26.34
CA MET D 170 -27.43 72.36 -26.54
C MET D 170 -28.03 73.76 -26.48
N PRO D 171 -29.03 73.98 -27.34
CA PRO D 171 -29.70 75.28 -27.41
C PRO D 171 -30.63 75.57 -26.24
N SER D 172 -30.51 76.80 -25.71
CA SER D 172 -31.33 77.26 -24.58
C SER D 172 -31.94 78.63 -24.90
N PRO D 173 -33.29 78.76 -24.90
CA PRO D 173 -33.89 80.08 -25.12
C PRO D 173 -33.36 81.14 -24.17
N LYS D 174 -32.70 80.71 -23.10
CA LYS D 174 -31.99 81.63 -22.21
C LYS D 174 -30.67 82.09 -22.79
N VAL D 175 -30.36 81.84 -24.07
CA VAL D 175 -29.06 82.23 -24.63
C VAL D 175 -29.13 82.56 -26.13
N SER D 176 -30.08 81.99 -26.86
CA SER D 176 -30.25 82.41 -28.24
C SER D 176 -31.73 82.50 -28.56
N ASP D 177 -32.08 83.57 -29.28
CA ASP D 177 -33.46 83.84 -29.62
C ASP D 177 -33.87 83.17 -30.91
N THR D 178 -32.90 82.72 -31.72
CA THR D 178 -33.17 82.25 -33.07
C THR D 178 -34.12 81.06 -33.06
N VAL D 179 -35.38 81.33 -33.41
CA VAL D 179 -36.49 80.39 -33.19
C VAL D 179 -36.14 78.96 -33.59
N VAL D 180 -35.29 78.77 -34.61
CA VAL D 180 -35.17 77.47 -35.26
C VAL D 180 -34.15 76.54 -34.60
N GLU D 181 -33.81 76.79 -33.34
CA GLU D 181 -32.85 75.90 -32.69
C GLU D 181 -33.43 74.58 -32.20
N PRO D 182 -34.65 74.55 -31.66
CA PRO D 182 -35.26 73.24 -31.37
C PRO D 182 -35.34 72.34 -32.60
N TYR D 183 -35.30 72.90 -33.81
CA TYR D 183 -35.22 72.08 -35.02
C TYR D 183 -33.82 71.52 -35.22
N ASN D 184 -32.81 72.39 -35.15
CA ASN D 184 -31.44 71.97 -35.43
C ASN D 184 -31.04 70.83 -34.51
N ALA D 185 -31.02 71.09 -33.20
CA ALA D 185 -30.64 70.07 -32.24
C ALA D 185 -31.38 68.75 -32.51
N THR D 186 -32.71 68.75 -32.42
CA THR D 186 -33.45 67.49 -32.61
C THR D 186 -33.06 66.77 -33.90
N LEU D 187 -32.57 67.49 -34.90
CA LEU D 187 -32.06 66.79 -36.07
C LEU D 187 -30.63 66.32 -35.83
N SER D 188 -29.82 67.14 -35.16
CA SER D 188 -28.48 66.70 -34.75
C SER D 188 -28.54 65.41 -33.94
N VAL D 189 -29.46 65.34 -32.97
CA VAL D 189 -29.49 64.22 -32.03
C VAL D 189 -29.80 62.92 -32.77
N HIS D 190 -30.93 62.87 -33.47
CA HIS D 190 -31.23 61.79 -34.41
C HIS D 190 -29.99 61.22 -35.10
N GLN D 191 -28.96 62.05 -35.31
CA GLN D 191 -27.68 61.60 -35.84
C GLN D 191 -26.75 61.13 -34.73
N LEU D 192 -26.68 61.88 -33.62
CA LEU D 192 -25.73 61.53 -32.55
C LEU D 192 -26.10 60.23 -31.86
N VAL D 193 -27.38 59.88 -31.80
CA VAL D 193 -27.77 58.60 -31.21
C VAL D 193 -27.23 57.42 -32.02
N GLU D 194 -27.01 57.59 -33.32
CA GLU D 194 -26.61 56.47 -34.15
C GLU D 194 -25.13 56.40 -34.48
N ASN D 195 -24.38 57.50 -34.34
CA ASN D 195 -23.03 57.51 -34.91
C ASN D 195 -21.95 58.03 -33.97
N THR D 196 -22.23 58.19 -32.68
CA THR D 196 -21.21 58.46 -31.68
C THR D 196 -21.21 57.41 -30.58
N ASP D 197 -20.00 57.15 -30.09
CA ASP D 197 -19.79 56.29 -28.94
C ASP D 197 -19.88 57.03 -27.62
N GLU D 198 -19.48 58.30 -27.57
CA GLU D 198 -19.64 59.12 -26.38
C GLU D 198 -20.04 60.56 -26.74
N THR D 199 -21.11 61.08 -26.11
CA THR D 199 -21.42 62.50 -26.18
C THR D 199 -21.51 63.11 -24.79
N TYR D 200 -20.65 64.10 -24.54
CA TYR D 200 -20.69 64.98 -23.38
C TYR D 200 -21.69 66.10 -23.66
N CYS D 201 -22.90 65.99 -23.09
CA CYS D 201 -23.89 67.06 -23.19
C CYS D 201 -23.43 68.29 -22.45
N ILE D 202 -23.24 69.40 -23.18
CA ILE D 202 -22.89 70.70 -22.62
C ILE D 202 -24.13 71.56 -22.79
N ASP D 203 -24.91 71.75 -21.73
CA ASP D 203 -26.20 72.42 -21.83
C ASP D 203 -26.02 73.92 -21.59
N ASN D 204 -26.22 74.72 -22.65
CA ASN D 204 -26.11 76.17 -22.49
C ASN D 204 -27.11 76.69 -21.45
N GLU D 205 -28.32 76.13 -21.42
CA GLU D 205 -29.24 76.42 -20.33
C GLU D 205 -28.58 76.16 -18.98
N ALA D 206 -27.78 75.10 -18.90
CA ALA D 206 -27.10 74.80 -17.64
C ALA D 206 -25.98 75.79 -17.34
N LEU D 207 -25.27 76.24 -18.38
CA LEU D 207 -24.16 77.18 -18.19
C LEU D 207 -24.67 78.55 -17.79
N TYR D 208 -25.71 79.02 -18.48
CA TYR D 208 -26.36 80.27 -18.10
C TYR D 208 -26.85 80.22 -16.65
N ASP D 209 -27.60 79.18 -16.30
CA ASP D 209 -28.18 79.12 -14.96
C ASP D 209 -27.10 79.01 -13.90
N ILE D 210 -25.95 78.44 -14.24
CA ILE D 210 -24.83 78.48 -13.30
C ILE D 210 -24.37 79.92 -13.11
N CYS D 211 -23.86 80.54 -14.18
CA CYS D 211 -23.27 81.86 -14.11
C CYS D 211 -24.22 82.86 -13.42
N PHE D 212 -25.51 82.78 -13.75
CA PHE D 212 -26.50 83.72 -13.22
C PHE D 212 -26.69 83.53 -11.71
N ARG D 213 -26.93 82.28 -11.29
CA ARG D 213 -27.23 82.03 -9.87
C ARG D 213 -25.97 81.90 -9.05
N THR D 214 -25.13 80.93 -9.37
CA THR D 214 -24.03 80.61 -8.47
C THR D 214 -22.90 81.62 -8.58
N LEU D 215 -22.62 82.11 -9.79
CA LEU D 215 -21.58 83.11 -10.01
C LEU D 215 -22.12 84.54 -10.02
N LYS D 216 -23.44 84.72 -10.02
CA LYS D 216 -24.04 86.05 -9.94
C LYS D 216 -23.55 86.95 -11.09
N LEU D 217 -23.95 86.58 -12.30
CA LEU D 217 -23.63 87.35 -13.48
C LEU D 217 -24.97 87.71 -14.13
N THR D 218 -25.41 88.95 -13.94
CA THR D 218 -26.77 89.30 -14.38
C THR D 218 -26.94 89.04 -15.87
N THR D 219 -26.04 89.59 -16.68
CA THR D 219 -25.95 89.28 -18.11
C THR D 219 -24.62 88.59 -18.37
N PRO D 220 -24.61 87.27 -18.64
CA PRO D 220 -23.34 86.56 -18.92
C PRO D 220 -23.04 86.44 -20.41
N THR D 221 -21.78 86.71 -20.76
CA THR D 221 -21.28 86.64 -22.12
C THR D 221 -21.09 85.19 -22.56
N TYR D 222 -21.08 84.97 -23.89
CA TYR D 222 -20.64 83.68 -24.39
C TYR D 222 -19.22 83.40 -23.94
N GLY D 223 -18.61 84.30 -23.19
CA GLY D 223 -17.26 84.07 -22.75
C GLY D 223 -17.22 83.67 -21.29
N ASP D 224 -18.25 84.05 -20.55
CA ASP D 224 -18.46 83.51 -19.21
C ASP D 224 -18.83 82.03 -19.28
N LEU D 225 -19.84 81.69 -20.07
CA LEU D 225 -20.23 80.29 -20.29
C LEU D 225 -19.02 79.45 -20.69
N ASN D 226 -18.39 79.80 -21.81
CA ASN D 226 -17.27 79.01 -22.30
C ASN D 226 -16.16 78.93 -21.26
N HIS D 227 -16.15 79.81 -20.27
CA HIS D 227 -15.22 79.64 -19.15
C HIS D 227 -15.51 78.34 -18.43
N LEU D 228 -16.80 78.10 -18.14
CA LEU D 228 -17.26 76.86 -17.54
C LEU D 228 -16.80 75.66 -18.38
N VAL D 229 -16.91 75.78 -19.71
CA VAL D 229 -16.68 74.66 -20.62
C VAL D 229 -15.22 74.27 -20.71
N SER D 230 -14.28 75.21 -20.60
CA SER D 230 -12.89 74.78 -20.62
C SER D 230 -12.51 74.01 -19.37
N ALA D 231 -13.06 74.37 -18.20
CA ALA D 231 -12.77 73.62 -17.00
C ALA D 231 -13.36 72.21 -17.07
N THR D 232 -14.63 72.10 -17.45
CA THR D 232 -15.26 70.82 -17.75
C THR D 232 -14.39 69.96 -18.67
N MET D 233 -14.12 70.47 -19.88
CA MET D 233 -13.39 69.69 -20.87
C MET D 233 -11.99 69.35 -20.41
N SER D 234 -11.28 70.29 -19.79
CA SER D 234 -9.99 69.91 -19.21
C SER D 234 -10.16 68.82 -18.17
N GLY D 235 -11.33 68.74 -17.54
CA GLY D 235 -11.58 67.74 -16.53
C GLY D 235 -11.67 66.35 -17.12
N VAL D 236 -12.60 66.17 -18.06
CA VAL D 236 -12.90 64.83 -18.55
C VAL D 236 -11.81 64.25 -19.44
N THR D 237 -10.82 65.05 -19.84
CA THR D 237 -9.70 64.53 -20.62
C THR D 237 -8.47 64.30 -19.76
N THR D 238 -8.56 64.54 -18.44
CA THR D 238 -7.37 64.51 -17.59
C THR D 238 -6.72 63.13 -17.61
N CYS D 239 -7.51 62.06 -17.52
CA CYS D 239 -6.97 60.72 -17.53
C CYS D 239 -6.53 60.27 -18.92
N LEU D 240 -6.83 61.05 -19.96
CA LEU D 240 -6.24 60.80 -21.27
C LEU D 240 -4.85 61.43 -21.38
N ARG D 241 -4.74 62.71 -20.97
CA ARG D 241 -3.52 63.50 -21.17
C ARG D 241 -2.41 63.12 -20.19
N PHE D 242 -2.76 62.81 -18.95
CA PHE D 242 -1.73 62.51 -17.97
C PHE D 242 -1.72 61.03 -17.67
N PRO D 243 -0.61 60.52 -17.17
CA PRO D 243 -0.55 59.10 -16.79
C PRO D 243 -1.54 58.81 -15.66
N GLY D 244 -1.42 57.67 -15.01
CA GLY D 244 -2.27 57.39 -13.87
C GLY D 244 -2.31 55.91 -13.58
N GLN D 245 -3.06 55.54 -12.53
CA GLN D 245 -3.13 54.13 -12.18
C GLN D 245 -3.79 53.37 -13.33
N LEU D 246 -4.79 53.99 -13.96
CA LEU D 246 -5.48 53.37 -15.09
C LEU D 246 -5.02 53.99 -16.41
N ASN D 247 -5.08 53.18 -17.46
CA ASN D 247 -4.58 53.56 -18.79
C ASN D 247 -5.70 54.17 -19.63
N ALA D 248 -6.19 55.32 -19.20
CA ALA D 248 -7.43 55.84 -19.77
C ALA D 248 -7.28 56.08 -21.26
N ASP D 249 -8.36 55.83 -22.00
CA ASP D 249 -8.45 56.20 -23.41
C ASP D 249 -9.91 56.15 -23.86
N LEU D 250 -10.14 56.61 -25.09
CA LEU D 250 -11.50 56.82 -25.55
C LEU D 250 -12.31 55.53 -25.56
N ARG D 251 -11.66 54.38 -25.78
CA ARG D 251 -12.41 53.13 -25.92
C ARG D 251 -12.81 52.57 -24.55
N LYS D 252 -11.85 52.55 -23.62
CA LYS D 252 -12.13 52.03 -22.30
C LYS D 252 -13.18 52.88 -21.59
N LEU D 253 -13.13 54.20 -21.77
CA LEU D 253 -14.18 55.04 -21.23
C LEU D 253 -15.54 54.63 -21.76
N ALA D 254 -15.65 54.45 -23.08
CA ALA D 254 -16.92 54.08 -23.71
C ALA D 254 -17.40 52.68 -23.28
N VAL D 255 -16.47 51.71 -23.18
CA VAL D 255 -16.82 50.36 -22.70
C VAL D 255 -17.38 50.40 -21.28
N ASN D 256 -16.65 51.01 -20.35
CA ASN D 256 -17.10 51.05 -18.97
C ASN D 256 -18.29 51.98 -18.73
N MET D 257 -18.54 52.96 -19.62
CA MET D 257 -19.61 53.92 -19.39
C MET D 257 -20.88 53.61 -20.16
N VAL D 258 -20.80 52.99 -21.32
CA VAL D 258 -22.01 52.88 -22.12
C VAL D 258 -22.59 51.47 -22.01
N PRO D 259 -23.55 51.27 -21.11
CA PRO D 259 -24.10 49.92 -20.93
C PRO D 259 -25.04 49.52 -22.04
N PHE D 260 -25.48 50.46 -22.87
CA PHE D 260 -26.31 50.17 -24.00
C PHE D 260 -25.92 51.21 -25.03
N PRO D 261 -25.74 50.82 -26.30
CA PRO D 261 -25.03 51.71 -27.24
C PRO D 261 -25.70 53.07 -27.41
N ARG D 262 -27.04 53.13 -27.39
CA ARG D 262 -27.73 54.41 -27.60
C ARG D 262 -27.59 55.34 -26.40
N LEU D 263 -27.67 54.82 -25.17
CA LEU D 263 -27.60 55.62 -23.95
C LEU D 263 -26.15 56.00 -23.66
N HIS D 264 -25.63 56.92 -24.48
CA HIS D 264 -24.25 57.35 -24.42
C HIS D 264 -24.11 58.86 -24.26
N PHE D 265 -25.05 59.49 -23.53
CA PHE D 265 -25.03 60.94 -23.37
C PHE D 265 -24.79 61.26 -21.89
N PHE D 266 -23.74 62.03 -21.62
CA PHE D 266 -23.23 62.17 -20.26
C PHE D 266 -23.50 63.56 -19.69
N MET D 267 -23.93 63.58 -18.43
CA MET D 267 -24.00 64.77 -17.60
C MET D 267 -22.62 65.03 -17.02
N PRO D 268 -21.93 66.07 -17.47
CA PRO D 268 -20.65 66.44 -16.84
C PRO D 268 -20.85 67.32 -15.60
N GLY D 269 -19.85 67.29 -14.73
CA GLY D 269 -19.93 68.06 -13.50
C GLY D 269 -18.60 68.57 -13.02
N PHE D 270 -18.55 69.81 -12.56
CA PHE D 270 -17.32 70.42 -12.07
C PHE D 270 -17.58 71.08 -10.72
N ALA D 271 -16.57 71.02 -9.86
CA ALA D 271 -16.55 71.63 -8.54
C ALA D 271 -15.10 71.88 -8.18
N PRO D 272 -14.78 73.04 -7.59
CA PRO D 272 -15.70 74.13 -7.18
C PRO D 272 -15.97 75.13 -8.30
N LEU D 273 -17.00 75.96 -8.16
CA LEU D 273 -17.28 76.95 -9.20
C LEU D 273 -17.06 78.36 -8.65
N LEU D 284 -10.85 74.06 -0.90
CA LEU D 284 -12.06 73.29 -0.66
C LEU D 284 -11.74 71.96 0.04
N THR D 285 -12.70 71.40 0.78
CA THR D 285 -12.47 70.14 1.48
C THR D 285 -12.89 68.95 0.64
N VAL D 286 -12.28 67.79 0.94
CA VAL D 286 -12.51 66.59 0.12
C VAL D 286 -13.95 66.15 0.20
N PRO D 287 -14.63 66.20 1.35
CA PRO D 287 -16.07 65.93 1.36
C PRO D 287 -16.87 67.01 0.71
N GLU D 288 -16.40 68.25 0.70
CA GLU D 288 -17.12 69.30 0.00
C GLU D 288 -16.99 69.16 -1.50
N LEU D 289 -15.80 68.80 -2.00
CA LEU D 289 -15.69 68.45 -3.41
C LEU D 289 -16.75 67.42 -3.78
N THR D 290 -16.74 66.27 -3.09
CA THR D 290 -17.69 65.21 -3.38
C THR D 290 -19.14 65.67 -3.21
N GLN D 291 -19.45 66.30 -2.07
CA GLN D 291 -20.77 66.83 -1.85
C GLN D 291 -21.23 67.63 -3.07
N GLN D 292 -20.47 68.68 -3.40
CA GLN D 292 -20.81 69.55 -4.52
C GLN D 292 -20.88 68.78 -5.82
N MET D 293 -19.87 67.94 -6.07
CA MET D 293 -19.73 67.25 -7.36
C MET D 293 -20.93 66.36 -7.70
N PHE D 294 -21.69 65.90 -6.70
CA PHE D 294 -22.94 65.21 -6.96
C PHE D 294 -24.14 66.12 -6.79
N ASP D 295 -23.91 67.43 -6.74
CA ASP D 295 -24.98 68.40 -6.52
C ASP D 295 -25.52 68.85 -7.86
N SER D 296 -26.84 68.80 -8.02
CA SER D 296 -27.45 69.28 -9.26
C SER D 296 -26.99 70.68 -9.65
N LYS D 297 -26.49 71.47 -8.70
CA LYS D 297 -25.98 72.79 -9.00
C LYS D 297 -24.62 72.76 -9.71
N ASN D 298 -23.91 71.64 -9.68
CA ASN D 298 -22.62 71.55 -10.33
C ASN D 298 -22.66 70.74 -11.62
N MET D 299 -23.86 70.43 -12.13
CA MET D 299 -24.01 69.66 -13.36
C MET D 299 -24.08 70.59 -14.56
N MET D 300 -23.18 70.38 -15.52
CA MET D 300 -23.18 71.08 -16.79
C MET D 300 -24.25 70.59 -17.75
N ALA D 301 -25.30 69.93 -17.24
CA ALA D 301 -26.52 69.69 -18.00
C ALA D 301 -27.67 70.17 -17.15
N ALA D 302 -28.69 70.72 -17.78
CA ALA D 302 -29.84 71.22 -17.04
C ALA D 302 -30.68 70.05 -16.55
N CYS D 303 -30.10 69.18 -15.71
CA CYS D 303 -30.75 67.97 -15.20
C CYS D 303 -30.48 67.80 -13.72
N ASP D 304 -31.44 67.15 -13.03
CA ASP D 304 -31.35 66.85 -11.60
C ASP D 304 -31.04 65.36 -11.44
N PRO D 305 -29.88 64.97 -10.89
CA PRO D 305 -29.62 63.54 -10.72
C PRO D 305 -30.70 62.81 -9.95
N ARG D 306 -31.21 63.41 -8.89
CA ARG D 306 -32.20 62.82 -8.00
C ARG D 306 -33.56 62.65 -8.64
N HIS D 307 -33.67 62.91 -9.94
CA HIS D 307 -34.89 62.64 -10.66
C HIS D 307 -34.79 61.38 -11.52
N GLY D 308 -33.57 60.90 -11.75
CA GLY D 308 -33.36 59.57 -12.29
C GLY D 308 -32.39 58.73 -11.47
N ARG D 309 -31.85 57.69 -12.09
CA ARG D 309 -30.84 56.84 -11.49
C ARG D 309 -29.56 56.88 -12.33
N TYR D 310 -28.41 56.83 -11.67
CA TYR D 310 -27.13 56.70 -12.36
C TYR D 310 -26.94 55.29 -12.89
N LEU D 311 -26.66 55.19 -14.19
CA LEU D 311 -26.16 53.93 -14.74
C LEU D 311 -24.68 53.76 -14.43
N THR D 312 -23.84 54.70 -14.89
CA THR D 312 -22.42 54.66 -14.54
C THR D 312 -21.91 56.06 -14.26
N VAL D 313 -20.76 56.13 -13.61
CA VAL D 313 -20.18 57.40 -13.14
C VAL D 313 -18.67 57.25 -13.08
N ALA D 314 -17.97 58.17 -13.75
CA ALA D 314 -16.55 58.39 -13.55
C ALA D 314 -16.35 59.72 -12.81
N ALA D 315 -15.23 59.84 -12.11
CA ALA D 315 -14.94 60.98 -11.24
C ALA D 315 -13.45 61.25 -11.27
N ILE D 316 -13.03 62.46 -11.65
CA ILE D 316 -11.61 62.82 -11.63
C ILE D 316 -11.36 63.79 -10.48
N PHE D 317 -10.53 63.37 -9.51
CA PHE D 317 -10.02 64.27 -8.48
C PHE D 317 -8.65 64.78 -8.89
N ARG D 318 -8.58 66.05 -9.24
CA ARG D 318 -7.33 66.71 -9.58
C ARG D 318 -6.88 67.51 -8.36
N GLY D 319 -5.60 67.40 -8.03
CA GLY D 319 -5.04 68.10 -6.91
C GLY D 319 -4.24 67.17 -6.03
N ARG D 320 -3.66 67.75 -5.01
CA ARG D 320 -2.96 67.03 -3.95
C ARG D 320 -3.93 66.83 -2.80
N MET D 321 -4.14 65.58 -2.40
CA MET D 321 -5.17 65.27 -1.41
C MET D 321 -4.99 63.83 -0.97
N SER D 322 -5.52 63.51 0.21
CA SER D 322 -5.31 62.19 0.79
C SER D 322 -6.30 61.22 0.16
N MET D 323 -5.81 60.39 -0.77
CA MET D 323 -6.68 59.57 -1.58
C MET D 323 -7.40 58.49 -0.76
N LYS D 324 -6.87 58.15 0.41
CA LYS D 324 -7.66 57.40 1.40
C LYS D 324 -8.92 58.16 1.77
N GLU D 325 -8.79 59.45 2.08
CA GLU D 325 -9.97 60.27 2.32
C GLU D 325 -10.92 60.20 1.14
N VAL D 326 -10.38 60.27 -0.10
CA VAL D 326 -11.24 60.26 -1.28
C VAL D 326 -11.91 58.91 -1.44
N ASP D 327 -11.19 57.84 -1.10
CA ASP D 327 -11.78 56.51 -1.14
C ASP D 327 -13.03 56.46 -0.27
N GLU D 328 -12.87 56.81 1.01
CA GLU D 328 -14.00 56.84 1.94
C GLU D 328 -15.06 57.83 1.49
N GLN D 329 -14.66 58.97 0.94
CA GLN D 329 -15.67 59.96 0.58
C GLN D 329 -16.50 59.50 -0.62
N MET D 330 -15.85 58.94 -1.63
CA MET D 330 -16.60 58.42 -2.76
C MET D 330 -17.46 57.23 -2.36
N LEU D 331 -17.04 56.49 -1.32
CA LEU D 331 -17.85 55.42 -0.75
C LEU D 331 -18.97 55.97 0.11
N ASN D 332 -18.69 57.00 0.90
CA ASN D 332 -19.75 57.52 1.75
C ASN D 332 -20.93 57.91 0.88
N VAL D 333 -20.66 58.58 -0.26
CA VAL D 333 -21.72 59.21 -1.05
C VAL D 333 -22.61 58.17 -1.72
N GLN D 334 -22.06 56.99 -2.04
CA GLN D 334 -22.87 55.95 -2.65
C GLN D 334 -23.75 55.26 -1.61
N ASN D 335 -23.22 55.04 -0.40
CA ASN D 335 -24.03 54.65 0.75
C ASN D 335 -25.18 55.61 0.98
N LYS D 336 -24.83 56.82 1.39
CA LYS D 336 -25.81 57.84 1.73
C LYS D 336 -26.78 58.11 0.56
N ASN D 337 -26.40 57.79 -0.68
CA ASN D 337 -27.27 58.03 -1.84
C ASN D 337 -27.50 56.77 -2.67
N SER D 338 -27.59 55.61 -2.02
CA SER D 338 -27.61 54.35 -2.76
C SER D 338 -28.79 54.23 -3.70
N SER D 339 -29.93 54.83 -3.37
CA SER D 339 -31.10 54.61 -4.22
C SER D 339 -31.02 55.38 -5.53
N TYR D 340 -29.93 56.08 -5.79
CA TYR D 340 -29.74 56.83 -7.02
C TYR D 340 -28.70 56.21 -7.95
N PHE D 341 -28.31 54.95 -7.72
CA PHE D 341 -27.39 54.21 -8.58
C PHE D 341 -28.04 52.88 -8.96
N VAL D 342 -28.12 52.54 -10.25
CA VAL D 342 -28.81 51.30 -10.55
C VAL D 342 -28.10 50.13 -9.87
N GLU D 343 -28.90 49.25 -9.29
CA GLU D 343 -28.42 48.12 -8.51
C GLU D 343 -27.91 46.95 -9.35
N TRP D 344 -28.34 46.82 -10.61
CA TRP D 344 -27.94 45.71 -11.50
C TRP D 344 -26.62 45.96 -12.25
N ILE D 345 -25.88 47.03 -11.95
CA ILE D 345 -24.53 47.21 -12.48
C ILE D 345 -23.60 47.44 -11.30
N PRO D 346 -23.03 46.40 -10.73
CA PRO D 346 -22.23 46.57 -9.51
C PRO D 346 -21.04 47.48 -9.75
N ASN D 347 -20.64 48.20 -8.71
CA ASN D 347 -19.36 48.91 -8.74
C ASN D 347 -19.29 49.79 -9.99
N ASN D 348 -20.39 50.50 -10.21
CA ASN D 348 -20.56 51.37 -11.36
C ASN D 348 -20.09 52.78 -11.10
N VAL D 349 -19.38 53.04 -10.02
CA VAL D 349 -18.87 54.38 -9.73
C VAL D 349 -17.36 54.31 -9.56
N LYS D 350 -16.61 54.69 -10.58
CA LYS D 350 -15.15 54.59 -10.60
C LYS D 350 -14.53 55.97 -10.47
N THR D 351 -13.34 56.05 -9.89
CA THR D 351 -12.65 57.33 -9.72
C THR D 351 -11.15 57.25 -9.99
N ALA D 352 -10.62 58.33 -10.56
CA ALA D 352 -9.19 58.55 -10.75
C ALA D 352 -8.74 59.82 -10.03
N VAL D 353 -7.43 59.89 -9.74
CA VAL D 353 -6.83 61.06 -9.13
C VAL D 353 -5.57 61.46 -9.88
N CYS D 354 -5.38 62.77 -10.05
CA CYS D 354 -4.22 63.34 -10.74
C CYS D 354 -3.55 64.40 -9.84
N ASP D 355 -2.23 64.58 -10.02
CA ASP D 355 -1.50 65.53 -9.17
C ASP D 355 -1.53 66.98 -9.68
N ILE D 356 -1.69 67.23 -10.97
CA ILE D 356 -1.81 68.59 -11.48
C ILE D 356 -3.27 69.01 -11.42
N PRO D 357 -3.64 70.01 -10.62
CA PRO D 357 -4.95 70.66 -10.79
C PRO D 357 -4.88 71.73 -11.85
N PRO D 358 -6.01 72.14 -12.41
CA PRO D 358 -5.98 73.21 -13.42
C PRO D 358 -5.41 74.50 -12.84
N ARG D 359 -4.87 75.34 -13.72
CA ARG D 359 -4.41 76.65 -13.29
C ARG D 359 -5.54 77.34 -12.53
N GLY D 360 -5.29 77.64 -11.26
CA GLY D 360 -6.15 78.52 -10.48
C GLY D 360 -6.97 77.84 -9.40
N LEU D 361 -6.94 76.51 -9.33
CA LEU D 361 -7.62 75.78 -8.27
C LEU D 361 -6.63 74.81 -7.65
N LYS D 362 -6.58 74.81 -6.32
CA LYS D 362 -5.67 73.94 -5.56
C LYS D 362 -6.14 72.49 -5.56
N MET D 363 -7.45 72.28 -5.73
CA MET D 363 -7.96 70.96 -6.05
C MET D 363 -9.36 71.12 -6.61
N SER D 364 -9.59 70.50 -7.76
CA SER D 364 -10.91 70.41 -8.35
C SER D 364 -11.32 68.95 -8.40
N ALA D 365 -12.52 68.74 -8.94
CA ALA D 365 -13.00 67.42 -9.29
C ALA D 365 -13.80 67.56 -10.57
N THR D 366 -13.68 66.59 -11.48
CA THR D 366 -14.59 66.49 -12.61
C THR D 366 -15.38 65.20 -12.56
N PHE D 367 -16.62 65.28 -13.04
CA PHE D 367 -17.64 64.27 -12.80
C PHE D 367 -18.34 63.97 -14.12
N ILE D 368 -18.23 62.73 -14.59
CA ILE D 368 -18.92 62.28 -15.80
C ILE D 368 -19.99 61.30 -15.36
N GLY D 369 -21.21 61.52 -15.83
CA GLY D 369 -22.34 60.72 -15.38
C GLY D 369 -23.22 60.28 -16.52
N ASN D 370 -23.65 59.05 -16.45
CA ASN D 370 -24.59 58.47 -17.40
C ASN D 370 -25.83 58.23 -16.56
N SER D 371 -26.67 59.26 -16.46
CA SER D 371 -27.88 59.26 -15.65
C SER D 371 -29.13 59.19 -16.51
N THR D 372 -30.09 58.34 -16.13
CA THR D 372 -31.38 58.35 -16.81
C THR D 372 -32.05 59.71 -16.73
N ALA D 373 -31.58 60.60 -15.86
CA ALA D 373 -32.17 61.92 -15.71
C ALA D 373 -31.93 62.82 -16.92
N ILE D 374 -31.01 62.44 -17.82
CA ILE D 374 -30.74 63.22 -19.01
C ILE D 374 -32.00 63.36 -19.83
N GLN D 375 -32.95 62.42 -19.70
CA GLN D 375 -34.23 62.60 -20.37
C GLN D 375 -34.82 63.95 -20.03
N GLU D 376 -34.46 64.56 -18.89
CA GLU D 376 -34.89 65.93 -18.63
C GLU D 376 -34.46 66.84 -19.77
N LEU D 377 -33.16 66.84 -20.08
CA LEU D 377 -32.56 67.59 -21.19
C LEU D 377 -33.22 67.29 -22.54
N PHE D 378 -33.32 66.04 -22.93
CA PHE D 378 -33.98 65.73 -24.19
C PHE D 378 -35.48 65.98 -24.17
N LYS D 379 -36.10 66.04 -22.99
CA LYS D 379 -37.53 66.37 -22.94
C LYS D 379 -37.78 67.85 -23.18
N ARG D 380 -36.84 68.71 -22.74
CA ARG D 380 -36.91 70.14 -23.01
C ARG D 380 -36.80 70.47 -24.49
N ILE D 381 -35.88 69.80 -25.19
CA ILE D 381 -35.75 70.01 -26.62
C ILE D 381 -36.90 69.36 -27.37
N SER D 382 -37.51 68.32 -26.80
CA SER D 382 -38.62 67.69 -27.51
C SER D 382 -39.86 68.56 -27.46
N GLU D 383 -39.98 69.40 -26.44
CA GLU D 383 -41.15 70.27 -26.32
C GLU D 383 -41.02 71.47 -27.25
N GLN D 384 -39.90 72.18 -27.15
CA GLN D 384 -39.62 73.29 -28.06
C GLN D 384 -39.75 72.86 -29.51
N PHE D 385 -39.17 71.72 -29.87
CA PHE D 385 -39.39 71.18 -31.20
C PHE D 385 -40.87 71.16 -31.53
N THR D 386 -41.65 70.36 -30.80
CA THR D 386 -43.04 70.10 -31.20
C THR D 386 -43.90 71.36 -31.19
N ALA D 387 -43.55 72.36 -30.38
CA ALA D 387 -44.20 73.66 -30.50
C ALA D 387 -44.19 74.13 -31.93
N MET D 388 -43.02 74.09 -32.57
CA MET D 388 -42.92 74.53 -33.95
C MET D 388 -43.47 73.49 -34.93
N PHE D 389 -43.18 72.21 -34.73
CA PHE D 389 -43.53 71.22 -35.75
C PHE D 389 -45.04 71.02 -35.86
N ARG D 390 -45.79 71.12 -34.76
CA ARG D 390 -47.24 71.06 -34.91
C ARG D 390 -47.79 72.28 -35.63
N ARG D 391 -47.03 73.39 -35.66
CA ARG D 391 -47.35 74.57 -36.46
C ARG D 391 -46.78 74.51 -37.88
N LYS D 392 -45.91 73.54 -38.17
CA LYS D 392 -45.19 73.44 -39.44
C LYS D 392 -44.25 74.60 -39.66
N ALA D 393 -44.11 75.49 -38.66
CA ALA D 393 -43.31 76.72 -38.77
C ALA D 393 -41.90 76.46 -39.28
N PHE D 394 -41.47 77.27 -40.24
CA PHE D 394 -40.12 77.37 -40.76
C PHE D 394 -39.70 76.17 -41.59
N LEU D 395 -40.61 75.22 -41.85
CA LEU D 395 -40.28 74.04 -42.65
C LEU D 395 -39.71 74.40 -44.01
N HIS D 396 -40.04 75.58 -44.54
CA HIS D 396 -39.53 75.96 -45.84
C HIS D 396 -38.00 76.12 -45.80
N TRP D 397 -37.46 76.65 -44.70
CA TRP D 397 -36.01 76.76 -44.61
C TRP D 397 -35.36 75.38 -44.78
N TYR D 398 -36.10 74.30 -44.56
CA TYR D 398 -35.55 72.94 -44.68
C TYR D 398 -36.11 72.21 -45.90
N THR D 399 -37.42 72.01 -45.96
CA THR D 399 -38.03 71.39 -47.13
C THR D 399 -37.61 72.07 -48.43
N GLY D 400 -37.14 73.33 -48.35
CA GLY D 400 -36.61 74.01 -49.51
C GLY D 400 -35.22 73.54 -49.90
N GLU D 401 -34.42 73.11 -48.93
CA GLU D 401 -33.13 72.48 -49.21
C GLU D 401 -33.24 71.02 -49.59
N GLY D 402 -34.44 70.52 -49.84
CA GLY D 402 -34.65 69.21 -50.39
C GLY D 402 -35.19 68.17 -49.43
N MET D 403 -35.67 68.58 -48.26
CA MET D 403 -35.93 67.67 -47.17
C MET D 403 -37.39 67.23 -47.15
N ASP D 404 -37.64 66.14 -46.44
CA ASP D 404 -38.97 65.56 -46.31
C ASP D 404 -39.51 65.87 -44.93
N GLU D 405 -40.84 65.93 -44.81
CA GLU D 405 -41.42 66.04 -43.48
C GLU D 405 -41.12 64.80 -42.65
N MET D 406 -41.34 63.61 -43.21
CA MET D 406 -41.10 62.40 -42.44
C MET D 406 -39.67 62.32 -41.92
N GLU D 407 -38.74 63.09 -42.51
CA GLU D 407 -37.40 63.23 -41.93
C GLU D 407 -37.42 63.99 -40.61
N PHE D 408 -38.33 64.95 -40.45
CA PHE D 408 -38.51 65.55 -39.13
C PHE D 408 -39.22 64.60 -38.18
N THR D 409 -40.25 63.91 -38.67
CA THR D 409 -41.00 62.98 -37.83
C THR D 409 -40.08 61.90 -37.29
N GLU D 410 -39.18 61.39 -38.13
CA GLU D 410 -38.28 60.31 -37.72
C GLU D 410 -37.32 60.80 -36.65
N ALA D 411 -36.66 61.92 -36.89
CA ALA D 411 -35.84 62.52 -35.85
C ALA D 411 -36.64 62.75 -34.58
N GLU D 412 -37.92 63.13 -34.70
CA GLU D 412 -38.75 63.31 -33.52
C GLU D 412 -38.95 61.98 -32.80
N SER D 413 -39.42 60.96 -33.52
CA SER D 413 -39.71 59.68 -32.90
C SER D 413 -38.45 59.01 -32.36
N ASN D 414 -37.32 59.11 -33.08
CA ASN D 414 -36.07 58.53 -32.59
C ASN D 414 -35.69 59.13 -31.22
N MET D 415 -35.65 60.46 -31.12
CA MET D 415 -35.32 61.08 -29.84
C MET D 415 -36.36 60.74 -28.78
N ASN D 416 -37.64 60.70 -29.16
CA ASN D 416 -38.67 60.29 -28.21
C ASN D 416 -38.40 58.89 -27.69
N ASP D 417 -37.96 57.99 -28.58
CA ASP D 417 -37.58 56.62 -28.17
C ASP D 417 -36.44 56.64 -27.17
N LEU D 418 -35.39 57.43 -27.45
CA LEU D 418 -34.23 57.54 -26.57
C LEU D 418 -34.63 57.77 -25.10
N VAL D 419 -35.65 58.61 -24.87
CA VAL D 419 -36.12 58.84 -23.50
C VAL D 419 -36.97 57.66 -23.01
N SER D 420 -37.85 57.13 -23.87
CA SER D 420 -38.51 55.88 -23.51
C SER D 420 -37.49 54.94 -22.89
N GLU D 421 -36.32 54.86 -23.54
CA GLU D 421 -35.29 53.91 -23.20
C GLU D 421 -34.55 54.30 -21.95
N TYR D 422 -34.32 55.60 -21.73
CA TYR D 422 -33.78 56.05 -20.45
C TYR D 422 -34.75 55.75 -19.31
N GLN D 423 -36.03 56.05 -19.51
CA GLN D 423 -36.99 55.69 -18.48
C GLN D 423 -37.02 54.19 -18.23
N GLN D 424 -36.75 53.38 -19.27
CA GLN D 424 -36.86 51.93 -19.10
C GLN D 424 -35.86 51.41 -18.10
N TYR D 425 -34.63 51.91 -18.15
CA TYR D 425 -33.62 51.43 -17.22
C TYR D 425 -33.60 52.23 -15.92
N GLN D 426 -34.31 53.35 -15.85
CA GLN D 426 -34.50 53.98 -14.56
C GLN D 426 -35.54 53.24 -13.73
N ASP D 427 -36.51 52.62 -14.39
CA ASP D 427 -37.50 51.77 -13.77
C ASP D 427 -37.02 50.36 -13.52
N ALA D 428 -36.02 49.90 -14.27
CA ALA D 428 -35.53 48.53 -14.13
C ALA D 428 -35.05 48.24 -12.71
N THR D 429 -35.29 47.01 -12.25
CA THR D 429 -34.84 46.52 -10.95
C THR D 429 -34.13 45.18 -11.10
N ALA D 430 -33.33 44.87 -10.07
CA ALA D 430 -32.59 43.62 -10.05
C ALA D 430 -33.52 42.44 -9.80
N ASP D 431 -34.36 42.51 -8.78
CA ASP D 431 -35.26 41.41 -8.45
C ASP D 431 -36.30 41.18 -9.55
N MET E 4 13.45 -76.24 25.60
CA MET E 4 14.18 -75.22 24.85
C MET E 4 15.28 -75.81 23.95
N GLU E 5 14.88 -76.26 22.75
CA GLU E 5 15.75 -76.99 21.83
C GLU E 5 16.74 -76.09 21.09
N VAL E 6 18.07 -76.42 21.19
CA VAL E 6 19.11 -75.78 20.37
C VAL E 6 19.35 -76.63 19.13
N ILE E 7 19.72 -75.98 18.02
CA ILE E 7 19.72 -76.65 16.73
C ILE E 7 20.76 -76.01 15.83
N GLU E 8 20.88 -76.57 14.64
CA GLU E 8 21.76 -76.16 13.54
C GLU E 8 22.96 -75.32 13.98
N LEU E 9 23.52 -75.63 15.15
CA LEU E 9 24.72 -74.99 15.67
C LEU E 9 25.92 -75.16 14.75
N ASN E 10 26.24 -74.14 13.96
CA ASN E 10 27.44 -74.12 13.13
C ASN E 10 28.51 -73.29 13.84
N LYS E 11 29.72 -73.80 13.88
CA LYS E 11 30.84 -73.06 14.46
C LYS E 11 31.81 -72.67 13.35
N CYS E 12 32.75 -71.84 13.72
CA CYS E 12 33.84 -71.50 12.81
C CYS E 12 34.82 -70.71 13.64
N THR E 13 35.83 -70.17 12.96
CA THR E 13 36.88 -69.50 13.70
C THR E 13 36.46 -68.10 14.16
N SER E 14 35.52 -67.44 13.42
CA SER E 14 35.11 -66.05 13.69
C SER E 14 34.07 -65.94 14.81
N GLY E 15 33.22 -66.95 14.95
CA GLY E 15 32.23 -67.05 16.01
C GLY E 15 31.41 -68.33 15.82
N GLN E 16 30.18 -68.35 16.32
CA GLN E 16 29.27 -69.42 15.96
C GLN E 16 27.85 -68.87 15.84
N SER E 17 26.96 -69.70 15.31
CA SER E 17 25.56 -69.36 15.14
C SER E 17 24.70 -70.56 15.49
N PHE E 18 23.41 -70.34 15.72
CA PHE E 18 22.51 -71.42 16.10
C PHE E 18 21.11 -70.84 16.23
N GLU E 19 20.13 -71.72 16.28
CA GLU E 19 18.74 -71.35 16.54
C GLU E 19 18.34 -71.95 17.88
N VAL E 20 17.28 -71.40 18.47
CA VAL E 20 16.81 -71.88 19.76
C VAL E 20 15.30 -71.73 19.76
N ILE E 21 14.60 -72.86 19.75
CA ILE E 21 13.14 -72.85 19.77
C ILE E 21 12.68 -72.97 21.22
N LEU E 22 11.72 -72.15 21.62
CA LEU E 22 11.05 -72.31 22.91
C LEU E 22 9.66 -72.92 22.77
N LYS E 23 9.23 -73.28 21.55
CA LYS E 23 7.86 -73.75 21.34
C LYS E 23 7.47 -73.74 19.86
N PRO E 24 6.87 -74.81 19.36
CA PRO E 24 6.49 -74.85 17.93
C PRO E 24 5.26 -74.00 17.68
N PRO E 25 4.85 -73.85 16.41
CA PRO E 25 3.63 -73.08 16.09
C PRO E 25 2.35 -73.58 16.76
N SER E 26 1.19 -73.34 16.13
CA SER E 26 -0.11 -73.87 16.57
C SER E 26 -1.01 -74.12 15.36
N ASP E 42 5.56 -56.70 -11.03
CA ASP E 42 6.25 -55.41 -11.01
C ASP E 42 6.03 -54.68 -12.35
N PRO E 43 5.76 -53.37 -12.33
CA PRO E 43 5.51 -52.65 -13.59
C PRO E 43 6.71 -52.66 -14.54
N SER E 44 6.43 -52.40 -15.83
CA SER E 44 7.39 -52.46 -16.91
C SER E 44 8.16 -51.14 -17.06
N LEU E 45 9.33 -51.22 -17.73
CA LEU E 45 10.08 -49.99 -17.97
C LEU E 45 9.22 -48.96 -18.70
N GLU E 46 8.45 -49.41 -19.69
CA GLU E 46 7.55 -48.53 -20.43
C GLU E 46 6.41 -48.02 -19.56
N GLU E 47 5.82 -48.91 -18.75
CA GLU E 47 4.81 -48.47 -17.79
C GLU E 47 5.32 -47.34 -16.92
N ILE E 48 6.61 -47.40 -16.54
CA ILE E 48 7.29 -46.29 -15.87
C ILE E 48 7.42 -45.09 -16.81
N GLN E 49 7.95 -45.33 -18.01
CA GLN E 49 8.11 -44.25 -18.98
C GLN E 49 6.81 -43.49 -19.17
N LYS E 50 5.69 -44.21 -19.31
CA LYS E 50 4.40 -43.55 -19.46
C LYS E 50 4.19 -42.58 -18.32
N LYS E 51 3.91 -43.14 -17.12
CA LYS E 51 3.60 -42.33 -15.94
C LYS E 51 4.61 -41.19 -15.71
N LEU E 52 5.91 -41.47 -15.81
CA LEU E 52 6.89 -40.38 -15.77
C LEU E 52 6.56 -39.29 -16.79
N GLU E 53 6.26 -39.68 -18.03
CA GLU E 53 6.06 -38.67 -19.06
C GLU E 53 4.73 -37.97 -18.94
N ALA E 54 3.70 -38.67 -18.42
CA ALA E 54 2.42 -38.02 -18.20
C ALA E 54 2.55 -36.86 -17.21
N ALA E 55 3.48 -36.95 -16.27
CA ALA E 55 3.65 -35.86 -15.35
C ALA E 55 4.58 -34.79 -15.91
N GLU E 56 5.35 -35.10 -16.96
CA GLU E 56 6.05 -34.03 -17.64
C GLU E 56 5.09 -33.24 -18.51
N GLU E 57 4.15 -33.92 -19.15
CA GLU E 57 3.12 -33.19 -19.86
C GLU E 57 2.39 -32.26 -18.90
N ARG E 58 1.70 -32.84 -17.92
CA ARG E 58 0.92 -32.04 -16.97
C ARG E 58 1.71 -30.83 -16.49
N ARG E 59 3.05 -30.93 -16.44
CA ARG E 59 3.85 -29.76 -16.11
C ARG E 59 3.92 -28.78 -17.27
N LYS E 60 4.19 -29.27 -18.48
CA LYS E 60 4.31 -28.38 -19.63
C LYS E 60 2.97 -27.72 -19.98
N TYR E 61 1.85 -28.39 -19.71
CA TYR E 61 0.56 -27.75 -19.92
C TYR E 61 0.40 -26.58 -18.96
N GLN E 62 0.52 -26.86 -17.66
CA GLN E 62 0.38 -25.84 -16.64
C GLN E 62 1.28 -24.65 -16.91
N GLU E 63 2.50 -24.89 -17.38
CA GLU E 63 3.37 -23.78 -17.71
C GLU E 63 2.82 -23.00 -18.90
N ALA E 64 2.26 -23.71 -19.89
CA ALA E 64 1.66 -23.03 -21.03
C ALA E 64 0.49 -22.17 -20.58
N GLU E 65 -0.39 -22.69 -19.73
CA GLU E 65 -1.47 -21.86 -19.21
C GLU E 65 -0.94 -20.63 -18.49
N LEU E 66 0.23 -20.73 -17.87
CA LEU E 66 0.84 -19.56 -17.26
C LEU E 66 1.32 -18.58 -18.32
N LEU E 67 2.09 -19.09 -19.29
CA LEU E 67 2.67 -18.23 -20.31
C LEU E 67 1.59 -17.63 -21.20
N LYS E 68 0.45 -18.32 -21.34
CA LYS E 68 -0.69 -17.77 -22.07
C LYS E 68 -1.32 -16.61 -21.30
N HIS E 69 -1.64 -16.85 -20.04
CA HIS E 69 -2.22 -15.82 -19.18
C HIS E 69 -1.28 -14.60 -19.07
N LEU E 70 0.02 -14.82 -18.87
CA LEU E 70 0.94 -13.69 -18.94
C LEU E 70 0.85 -12.99 -20.28
N ALA E 71 0.65 -13.73 -21.37
CA ALA E 71 0.56 -13.09 -22.68
C ALA E 71 -0.62 -12.13 -22.74
N GLU E 72 -1.78 -12.56 -22.23
CA GLU E 72 -2.93 -11.67 -22.10
C GLU E 72 -2.56 -10.39 -21.36
N LYS E 73 -1.74 -10.50 -20.31
CA LYS E 73 -1.37 -9.29 -19.59
C LYS E 73 -0.64 -8.31 -20.50
N ARG E 74 0.25 -8.80 -21.39
CA ARG E 74 0.97 -7.89 -22.28
C ARG E 74 0.02 -7.25 -23.28
N GLU E 75 -0.94 -8.00 -23.76
CA GLU E 75 -1.92 -7.45 -24.68
C GLU E 75 -2.63 -6.28 -24.01
N HIS E 76 -2.90 -6.40 -22.71
CA HIS E 76 -3.54 -5.33 -21.95
C HIS E 76 -2.58 -4.16 -21.74
N GLU E 77 -1.37 -4.47 -21.27
CA GLU E 77 -0.37 -3.45 -21.03
C GLU E 77 -0.21 -2.54 -22.23
N ARG E 78 -0.31 -3.11 -23.43
CA ARG E 78 -0.11 -2.27 -24.59
C ARG E 78 -1.42 -1.64 -25.04
N GLU E 79 -2.57 -2.22 -24.69
CA GLU E 79 -3.82 -1.51 -24.89
C GLU E 79 -3.88 -0.25 -24.03
N VAL E 80 -3.37 -0.31 -22.80
CA VAL E 80 -3.56 0.84 -21.93
C VAL E 80 -2.73 2.00 -22.44
N ILE E 81 -1.47 1.74 -22.80
CA ILE E 81 -0.68 2.84 -23.32
C ILE E 81 -1.21 3.32 -24.66
N GLN E 82 -1.88 2.46 -25.43
CA GLN E 82 -2.55 2.93 -26.65
C GLN E 82 -3.75 3.81 -26.28
N LYS E 83 -4.55 3.40 -25.29
CA LYS E 83 -5.67 4.22 -24.84
C LYS E 83 -5.21 5.56 -24.32
N ALA E 84 -4.13 5.59 -23.55
CA ALA E 84 -3.63 6.86 -23.06
C ALA E 84 -3.27 7.77 -24.22
N ILE E 85 -2.43 7.29 -25.14
CA ILE E 85 -2.08 8.08 -26.33
C ILE E 85 -3.34 8.54 -27.03
N GLU E 86 -4.27 7.62 -27.32
CA GLU E 86 -5.46 7.98 -28.09
C GLU E 86 -6.19 9.14 -27.47
N GLU E 87 -6.33 9.12 -26.16
CA GLU E 87 -7.07 10.20 -25.52
C GLU E 87 -6.28 11.49 -25.56
N ASN E 88 -5.00 11.46 -25.18
CA ASN E 88 -4.19 12.66 -25.26
C ASN E 88 -4.29 13.29 -26.65
N ASN E 89 -4.42 12.45 -27.69
CA ASN E 89 -4.56 12.93 -29.06
C ASN E 89 -5.95 13.47 -29.34
N ASN E 90 -6.99 12.70 -29.04
CA ASN E 90 -8.32 13.25 -29.25
C ASN E 90 -8.43 14.60 -28.55
N PHE E 91 -7.77 14.75 -27.40
CA PHE E 91 -7.77 16.04 -26.72
C PHE E 91 -7.08 17.10 -27.55
N ILE E 92 -5.84 16.87 -27.96
CA ILE E 92 -5.24 17.85 -28.87
C ILE E 92 -6.12 18.06 -30.10
N LYS E 93 -6.71 16.99 -30.64
CA LYS E 93 -7.64 17.14 -31.76
C LYS E 93 -8.76 18.11 -31.43
N MET E 94 -9.58 17.77 -30.44
CA MET E 94 -10.84 18.47 -30.21
C MET E 94 -10.59 19.90 -29.82
N ALA E 95 -9.53 20.14 -29.06
CA ALA E 95 -9.07 21.50 -28.79
C ALA E 95 -8.88 22.24 -30.11
N LYS E 96 -7.84 21.85 -30.84
CA LYS E 96 -7.50 22.42 -32.14
C LYS E 96 -8.74 22.75 -32.97
N GLU E 97 -9.76 21.91 -32.92
CA GLU E 97 -10.93 22.17 -33.75
C GLU E 97 -11.92 23.13 -33.10
N LYS E 98 -12.17 23.02 -31.80
CA LYS E 98 -13.00 24.01 -31.12
C LYS E 98 -12.48 25.42 -31.41
N LEU E 99 -11.21 25.65 -31.08
CA LEU E 99 -10.53 26.88 -31.47
C LEU E 99 -10.88 27.26 -32.90
N ALA E 100 -10.41 26.48 -33.88
CA ALA E 100 -10.60 26.83 -35.29
C ALA E 100 -12.06 27.08 -35.61
N GLN E 101 -12.97 26.40 -34.93
CA GLN E 101 -14.39 26.71 -34.97
C GLN E 101 -14.66 28.15 -34.54
N LYS E 102 -14.50 28.43 -33.24
CA LYS E 102 -14.69 29.76 -32.67
C LYS E 102 -14.03 30.85 -33.52
N MET E 103 -12.75 30.69 -33.87
CA MET E 103 -12.09 31.80 -34.56
C MET E 103 -12.79 32.13 -35.87
N GLU E 104 -13.40 31.14 -36.52
CA GLU E 104 -14.09 31.36 -37.80
C GLU E 104 -15.48 31.95 -37.59
N SER E 105 -16.31 31.28 -36.80
CA SER E 105 -17.54 31.85 -36.28
C SER E 105 -17.37 33.33 -35.92
N ASN E 106 -16.20 33.68 -35.40
CA ASN E 106 -15.98 35.00 -34.85
C ASN E 106 -15.69 36.02 -35.93
N LYS E 107 -14.84 35.66 -36.90
CA LYS E 107 -14.60 36.56 -38.03
C LYS E 107 -15.88 36.81 -38.81
N GLU E 108 -16.61 35.75 -39.16
CA GLU E 108 -17.89 35.98 -39.83
C GLU E 108 -18.77 36.93 -39.04
N ASN E 109 -18.81 36.75 -37.73
CA ASN E 109 -19.71 37.54 -36.93
C ASN E 109 -19.30 39.00 -36.95
N ARG E 110 -18.06 39.28 -36.54
CA ARG E 110 -17.58 40.66 -36.50
C ARG E 110 -17.74 41.35 -37.84
N GLU E 111 -17.41 40.64 -38.92
CA GLU E 111 -17.54 41.21 -40.25
C GLU E 111 -19.01 41.53 -40.55
N ALA E 112 -19.90 40.58 -40.33
CA ALA E 112 -21.32 40.86 -40.50
C ALA E 112 -21.68 42.19 -39.85
N HIS E 113 -21.05 42.48 -38.70
CA HIS E 113 -21.42 43.68 -37.96
C HIS E 113 -20.89 44.93 -38.64
N LEU E 114 -19.60 44.94 -38.98
CA LEU E 114 -19.06 46.08 -39.70
C LEU E 114 -19.74 46.23 -41.07
N ALA E 115 -20.02 45.10 -41.72
CA ALA E 115 -20.65 45.14 -43.03
C ALA E 115 -22.05 45.73 -42.95
N ALA E 116 -22.70 45.61 -41.81
CA ALA E 116 -24.02 46.19 -41.60
C ALA E 116 -23.94 47.62 -41.15
N MET E 117 -22.91 47.99 -40.39
CA MET E 117 -22.77 49.39 -40.00
C MET E 117 -22.57 50.27 -41.22
N LEU E 118 -21.85 49.73 -42.21
CA LEU E 118 -21.64 50.43 -43.47
C LEU E 118 -22.92 50.46 -44.32
N GLU E 119 -23.46 49.30 -44.64
CA GLU E 119 -24.68 49.27 -45.45
C GLU E 119 -25.74 50.26 -44.98
N ARG E 120 -25.71 50.66 -43.71
CA ARG E 120 -26.61 51.73 -43.31
C ARG E 120 -25.95 53.10 -43.42
N LEU E 121 -24.66 53.21 -43.17
CA LEU E 121 -23.99 54.48 -43.39
C LEU E 121 -24.11 54.91 -44.85
N GLN E 122 -24.01 53.94 -45.76
CA GLN E 122 -24.05 54.28 -47.18
C GLN E 122 -25.49 54.53 -47.65
N GLU E 123 -26.47 53.82 -47.10
CA GLU E 123 -27.84 54.23 -47.31
C GLU E 123 -28.10 55.67 -46.84
N LYS E 124 -27.18 56.26 -46.05
CA LYS E 124 -27.25 57.69 -45.77
C LYS E 124 -26.84 58.53 -46.98
N ASP E 125 -25.77 58.14 -47.67
CA ASP E 125 -25.34 58.89 -48.85
C ASP E 125 -26.42 58.90 -49.92
N LYS E 126 -27.12 57.78 -50.07
CA LYS E 126 -28.19 57.70 -51.06
C LYS E 126 -29.33 58.64 -50.71
N HIS E 127 -29.64 58.77 -49.42
CA HIS E 127 -30.57 59.81 -49.00
C HIS E 127 -29.99 61.21 -49.10
N ALA E 128 -28.66 61.36 -49.09
CA ALA E 128 -28.12 62.68 -49.40
C ALA E 128 -28.27 62.98 -50.88
N GLU E 129 -28.32 61.95 -51.72
CA GLU E 129 -28.53 62.16 -53.15
C GLU E 129 -29.98 62.55 -53.41
N GLU E 130 -30.92 61.76 -52.90
CA GLU E 130 -32.32 62.08 -53.08
C GLU E 130 -32.68 63.43 -52.49
N VAL E 131 -32.02 63.81 -51.40
CA VAL E 131 -32.34 65.10 -50.78
C VAL E 131 -31.88 66.24 -51.68
N ARG E 132 -30.70 66.11 -52.30
CA ARG E 132 -30.17 67.15 -53.17
C ARG E 132 -30.86 67.14 -54.53
N LYS E 133 -31.34 65.97 -54.98
CA LYS E 133 -32.10 65.90 -56.22
C LYS E 133 -33.46 66.56 -56.10
N ASN E 134 -34.05 66.62 -54.91
CA ASN E 134 -35.32 67.31 -54.78
C ASN E 134 -35.16 68.82 -54.84
N LYS E 135 -34.02 69.35 -54.38
CA LYS E 135 -33.76 70.78 -54.49
C LYS E 135 -33.29 71.22 -55.87
N GLU E 136 -32.85 70.27 -56.71
CA GLU E 136 -32.67 70.57 -58.13
C GLU E 136 -33.98 70.56 -58.89
N LEU E 137 -35.02 69.93 -58.32
CA LEU E 137 -36.40 69.97 -58.81
C LEU E 137 -37.16 71.18 -58.27
N LYS E 138 -36.46 72.17 -57.73
CA LYS E 138 -37.00 73.45 -57.29
C LYS E 138 -36.64 74.58 -58.25
N GLU E 139 -35.71 74.36 -59.16
CA GLU E 139 -35.33 75.35 -60.16
C GLU E 139 -35.29 74.73 -61.56
N MET F 1 2.11 -23.38 33.43
CA MET F 1 0.85 -24.06 33.29
C MET F 1 0.93 -25.32 32.46
N TYR F 2 0.28 -26.35 32.99
CA TYR F 2 0.12 -27.63 32.32
C TYR F 2 -1.15 -27.65 31.49
N THR F 3 -1.09 -28.36 30.37
CA THR F 3 -2.25 -28.47 29.52
C THR F 3 -2.81 -29.89 29.56
N PHE F 4 -4.09 -30.00 29.21
CA PHE F 4 -4.74 -31.28 29.13
C PHE F 4 -5.86 -31.21 28.12
N VAL F 5 -6.16 -32.35 27.48
CA VAL F 5 -7.28 -32.48 26.58
C VAL F 5 -8.27 -33.41 27.26
N VAL F 6 -9.41 -33.65 26.62
CA VAL F 6 -10.47 -34.47 27.22
C VAL F 6 -11.25 -35.20 26.13
N ARG F 7 -11.10 -36.53 26.07
CA ARG F 7 -11.66 -37.31 24.99
C ARG F 7 -12.75 -38.29 25.41
N ASP F 8 -13.18 -38.28 26.68
CA ASP F 8 -14.31 -39.08 27.14
C ASP F 8 -15.26 -38.13 27.83
N GLU F 9 -16.30 -37.70 27.11
CA GLU F 9 -17.26 -36.75 27.66
C GLU F 9 -18.21 -37.43 28.65
N ASN F 10 -18.43 -38.73 28.50
CA ASN F 10 -19.30 -39.47 29.40
C ASN F 10 -18.63 -39.85 30.71
N SER F 11 -17.50 -39.28 31.07
CA SER F 11 -16.81 -39.74 32.28
C SER F 11 -17.24 -38.86 33.46
N SER F 12 -18.21 -39.35 34.23
CA SER F 12 -18.62 -38.65 35.44
C SER F 12 -17.43 -38.37 36.35
N VAL F 13 -16.48 -39.30 36.42
CA VAL F 13 -15.31 -39.13 37.26
C VAL F 13 -14.42 -38.01 36.75
N TYR F 14 -13.80 -38.20 35.60
CA TYR F 14 -12.85 -37.22 35.08
C TYR F 14 -13.53 -35.95 34.58
N ALA F 15 -14.86 -35.98 34.38
CA ALA F 15 -15.63 -34.75 34.38
C ALA F 15 -15.20 -33.86 35.54
N GLU F 16 -15.15 -34.44 36.74
CA GLU F 16 -14.69 -33.71 37.91
C GLU F 16 -13.22 -33.34 37.77
N VAL F 17 -12.39 -34.30 37.36
CA VAL F 17 -10.94 -34.07 37.32
C VAL F 17 -10.60 -32.92 36.39
N SER F 18 -11.30 -32.78 35.26
CA SER F 18 -11.16 -31.58 34.45
C SER F 18 -11.60 -30.34 35.21
N ARG F 19 -12.77 -30.43 35.87
CA ARG F 19 -13.30 -29.27 36.58
C ARG F 19 -12.33 -28.83 37.67
N LEU F 20 -11.90 -29.77 38.52
CA LEU F 20 -10.96 -29.43 39.59
C LEU F 20 -9.64 -28.93 39.04
N LEU F 21 -9.13 -29.58 37.98
CA LEU F 21 -7.83 -29.19 37.40
C LEU F 21 -7.81 -27.69 37.07
N LEU F 22 -8.68 -27.27 36.15
CA LEU F 22 -8.78 -25.86 35.79
C LEU F 22 -8.76 -24.99 37.03
N ALA F 23 -9.63 -25.29 37.99
CA ALA F 23 -9.81 -24.48 39.18
C ALA F 23 -8.56 -24.36 40.05
N THR F 24 -7.42 -24.94 39.67
CA THR F 24 -6.19 -24.65 40.39
C THR F 24 -5.47 -23.46 39.81
N GLY F 25 -6.02 -22.86 38.75
CA GLY F 25 -5.41 -21.77 38.04
C GLY F 25 -4.11 -22.10 37.35
N GLN F 26 -3.72 -23.38 37.34
CA GLN F 26 -2.47 -23.81 36.72
C GLN F 26 -2.67 -24.85 35.62
N TRP F 27 -3.91 -25.23 35.33
CA TRP F 27 -4.18 -26.17 34.25
C TRP F 27 -5.09 -25.50 33.22
N LYS F 28 -4.70 -25.61 31.95
CA LYS F 28 -5.54 -25.13 30.86
C LYS F 28 -5.96 -26.32 30.00
N ARG F 29 -7.11 -26.19 29.36
CA ARG F 29 -7.70 -27.27 28.59
C ARG F 29 -7.70 -26.93 27.11
N LEU F 30 -6.86 -27.64 26.35
CA LEU F 30 -6.81 -27.55 24.90
C LEU F 30 -7.98 -28.30 24.26
N ARG F 31 -8.03 -28.32 22.93
CA ARG F 31 -9.10 -28.98 22.20
C ARG F 31 -8.76 -30.43 21.90
N LYS F 32 -9.76 -31.32 22.05
CA LYS F 32 -9.65 -32.74 21.78
C LYS F 32 -8.39 -33.13 21.01
N ASP F 33 -8.30 -32.69 19.74
CA ASP F 33 -7.25 -33.14 18.83
C ASP F 33 -6.04 -32.19 18.77
N ASN F 34 -5.79 -31.43 19.83
CA ASN F 34 -4.54 -30.67 19.95
C ASN F 34 -3.48 -31.59 20.54
N PRO F 35 -2.39 -31.88 19.81
CA PRO F 35 -1.42 -32.86 20.33
C PRO F 35 -0.56 -32.34 21.46
N ARG F 36 -0.58 -31.04 21.75
CA ARG F 36 0.41 -30.46 22.65
C ARG F 36 -0.14 -30.36 24.07
N PHE F 37 -0.54 -31.53 24.58
CA PHE F 37 -1.04 -31.71 25.93
C PHE F 37 -0.01 -32.39 26.80
N ASN F 38 -0.02 -32.05 28.10
CA ASN F 38 0.68 -32.84 29.10
C ASN F 38 -0.15 -34.05 29.52
N LEU F 39 -1.46 -33.95 29.42
CA LEU F 39 -2.32 -34.96 30.00
C LEU F 39 -3.45 -35.28 29.05
N MET F 40 -3.70 -36.56 28.87
CA MET F 40 -4.82 -37.05 28.07
C MET F 40 -5.77 -37.78 29.00
N LEU F 41 -6.93 -37.21 29.24
CA LEU F 41 -8.05 -37.95 29.81
C LEU F 41 -8.80 -38.52 28.60
N GLY F 42 -8.43 -39.71 28.16
CA GLY F 42 -8.78 -40.18 26.83
C GLY F 42 -10.02 -41.05 26.74
N GLU F 43 -10.29 -41.52 25.52
CA GLU F 43 -11.49 -42.30 25.27
C GLU F 43 -11.35 -43.70 25.85
N ARG F 44 -12.43 -44.47 25.77
CA ARG F 44 -12.47 -45.81 26.33
C ARG F 44 -12.08 -46.86 25.30
N ASN F 45 -12.62 -46.81 24.09
CA ASN F 45 -12.15 -47.74 23.09
C ASN F 45 -11.20 -47.02 22.13
N ARG F 46 -10.28 -47.79 21.56
CA ARG F 46 -9.34 -47.31 20.55
C ARG F 46 -8.60 -46.06 21.00
N LEU F 47 -8.32 -45.95 22.30
CA LEU F 47 -7.47 -44.87 22.78
C LEU F 47 -6.12 -44.97 22.09
N PRO F 48 -5.63 -43.90 21.43
CA PRO F 48 -4.46 -44.00 20.52
C PRO F 48 -3.13 -43.98 21.26
N PHE F 49 -2.79 -45.10 21.92
CA PHE F 49 -1.62 -45.12 22.80
C PHE F 49 -0.32 -44.97 22.02
N GLY F 50 -0.28 -45.44 20.77
CA GLY F 50 0.92 -45.30 19.95
C GLY F 50 1.26 -43.88 19.50
N ARG F 51 0.41 -42.92 19.85
CA ARG F 51 0.66 -41.53 19.53
C ARG F 51 1.16 -40.75 20.73
N LEU F 52 1.08 -41.32 21.93
CA LEU F 52 1.54 -40.65 23.13
C LEU F 52 3.05 -40.76 23.26
N GLY F 53 3.63 -39.78 23.93
CA GLY F 53 5.05 -39.79 24.23
C GLY F 53 5.94 -39.48 23.06
N HIS F 54 5.44 -38.73 22.09
CA HIS F 54 6.28 -38.26 20.99
C HIS F 54 6.23 -36.75 20.84
N GLU F 55 5.88 -36.02 21.89
CA GLU F 55 5.91 -34.57 21.76
C GLU F 55 7.15 -34.02 22.44
N PRO F 56 8.16 -33.60 21.69
CA PRO F 56 9.38 -33.09 22.33
C PRO F 56 9.05 -31.94 23.25
N GLY F 57 9.68 -31.94 24.42
CA GLY F 57 9.35 -30.94 25.40
C GLY F 57 8.04 -31.14 26.12
N LEU F 58 7.35 -32.25 25.91
CA LEU F 58 6.09 -32.52 26.59
C LEU F 58 6.20 -33.80 27.39
N VAL F 59 5.98 -33.70 28.70
CA VAL F 59 5.83 -34.89 29.53
C VAL F 59 4.37 -35.32 29.41
N GLN F 60 4.13 -36.42 28.72
CA GLN F 60 2.77 -36.87 28.49
C GLN F 60 2.36 -37.95 29.50
N LEU F 61 1.12 -37.84 29.98
CA LEU F 61 0.52 -38.71 30.98
C LEU F 61 -0.90 -38.99 30.57
N VAL F 62 -1.32 -40.25 30.60
CA VAL F 62 -2.68 -40.59 30.24
C VAL F 62 -3.33 -41.35 31.40
N ASN F 63 -4.66 -41.38 31.39
CA ASN F 63 -5.44 -41.88 32.52
C ASN F 63 -5.98 -43.27 32.22
N TYR F 64 -5.20 -44.08 31.49
CA TYR F 64 -5.49 -45.46 31.17
C TYR F 64 -4.19 -46.22 30.96
N TYR F 65 -4.24 -47.55 31.25
CA TYR F 65 -3.10 -48.47 31.14
C TYR F 65 -3.28 -49.41 29.95
N ARG F 66 -2.69 -49.04 28.81
CA ARG F 66 -2.64 -49.90 27.64
C ARG F 66 -2.34 -51.34 28.06
N GLY F 67 -3.29 -52.25 27.85
CA GLY F 67 -3.20 -53.60 28.34
C GLY F 67 -4.19 -53.95 29.45
N ALA F 68 -4.72 -52.95 30.16
CA ALA F 68 -5.56 -53.20 31.33
C ALA F 68 -6.84 -53.97 31.00
N ASP F 69 -7.22 -54.01 29.73
CA ASP F 69 -8.43 -54.73 29.36
C ASP F 69 -8.35 -56.21 29.68
N LYS F 70 -7.14 -56.78 29.78
CA LYS F 70 -7.04 -58.19 30.10
C LYS F 70 -7.78 -58.49 31.40
N LEU F 71 -7.65 -57.62 32.39
CA LEU F 71 -8.26 -57.74 33.70
C LEU F 71 -9.69 -57.21 33.76
N CYS F 72 -10.15 -56.46 32.75
CA CYS F 72 -11.44 -55.77 32.80
C CYS F 72 -12.44 -56.31 31.79
N ARG F 73 -12.12 -57.39 31.10
CA ARG F 73 -13.04 -58.00 30.16
C ARG F 73 -13.33 -59.41 30.62
N LYS F 74 -14.61 -59.75 30.70
CA LYS F 74 -15.01 -60.89 31.51
C LYS F 74 -14.35 -62.18 31.00
N ALA F 75 -14.40 -62.40 29.68
CA ALA F 75 -13.70 -63.54 29.10
C ALA F 75 -12.20 -63.45 29.35
N SER F 76 -11.63 -62.24 29.20
CA SER F 76 -10.19 -62.02 29.41
C SER F 76 -9.79 -62.33 30.84
N LEU F 77 -10.57 -61.83 31.81
CA LEU F 77 -10.29 -62.06 33.22
C LEU F 77 -10.19 -63.54 33.57
N VAL F 78 -11.10 -64.35 33.04
CA VAL F 78 -10.97 -65.80 33.19
C VAL F 78 -9.69 -66.28 32.54
N LYS F 79 -9.49 -65.94 31.27
CA LYS F 79 -8.26 -66.34 30.60
C LYS F 79 -7.04 -65.94 31.42
N LEU F 80 -7.08 -64.78 32.07
CA LEU F 80 -5.92 -64.31 32.81
C LEU F 80 -5.63 -65.19 34.01
N ILE F 81 -6.68 -65.65 34.70
CA ILE F 81 -6.52 -66.33 35.98
C ILE F 81 -6.15 -67.80 35.80
N LYS F 82 -6.73 -68.45 34.78
CA LYS F 82 -6.43 -69.85 34.50
C LYS F 82 -4.97 -70.03 34.09
N THR F 83 -4.39 -69.07 33.35
CA THR F 83 -3.11 -69.29 32.69
C THR F 83 -1.95 -68.50 33.29
N SER F 84 -2.19 -67.67 34.28
CA SER F 84 -0.96 -67.14 34.83
C SER F 84 -0.59 -67.91 36.08
N PRO F 85 0.65 -68.37 36.19
CA PRO F 85 1.06 -69.06 37.43
C PRO F 85 0.76 -68.25 38.67
N GLU F 86 0.89 -66.93 38.60
CA GLU F 86 0.68 -66.06 39.75
C GLU F 86 -0.70 -66.24 40.35
N LEU F 87 -1.65 -66.78 39.58
CA LEU F 87 -3.02 -67.00 40.00
C LEU F 87 -3.42 -68.47 39.98
N SER F 88 -3.07 -69.19 38.92
CA SER F 88 -3.19 -70.64 38.87
C SER F 88 -4.64 -71.10 38.89
N GLU F 89 -4.91 -72.25 38.25
CA GLU F 89 -6.22 -72.90 38.41
C GLU F 89 -6.58 -73.03 39.89
N SER F 90 -5.60 -73.39 40.73
CA SER F 90 -5.78 -73.34 42.17
C SER F 90 -5.76 -71.88 42.61
N CYS F 91 -6.80 -71.15 42.27
CA CYS F 91 -7.01 -69.78 42.73
C CYS F 91 -8.21 -69.81 43.67
N THR F 92 -8.06 -69.25 44.86
CA THR F 92 -8.97 -69.51 45.95
C THR F 92 -10.06 -68.47 46.14
N TRP F 93 -10.02 -67.36 45.40
CA TRP F 93 -10.99 -66.28 45.54
C TRP F 93 -11.70 -65.96 44.23
N PHE F 94 -11.52 -66.76 43.19
CA PHE F 94 -12.29 -66.58 41.97
C PHE F 94 -13.22 -67.77 41.79
N PRO F 95 -14.50 -67.53 41.52
CA PRO F 95 -15.42 -68.64 41.26
C PRO F 95 -15.09 -69.37 39.97
N GLU F 96 -15.34 -70.69 39.97
CA GLU F 96 -15.16 -71.49 38.76
C GLU F 96 -15.74 -70.78 37.54
N SER F 97 -14.98 -70.79 36.45
CA SER F 97 -15.38 -70.01 35.29
C SER F 97 -14.86 -70.66 34.02
N TYR F 98 -15.72 -70.65 32.99
CA TYR F 98 -15.40 -71.23 31.70
C TYR F 98 -15.86 -70.25 30.62
N VAL F 99 -15.13 -70.23 29.50
CA VAL F 99 -15.49 -69.40 28.35
C VAL F 99 -16.11 -70.29 27.29
N ILE F 100 -17.37 -70.00 26.95
CA ILE F 100 -18.12 -70.74 25.94
C ILE F 100 -18.54 -69.75 24.86
N TYR F 101 -18.23 -70.09 23.56
CA TYR F 101 -18.55 -69.25 22.41
C TYR F 101 -19.84 -69.75 21.74
N PRO F 102 -20.60 -68.87 21.06
CA PRO F 102 -21.84 -69.33 20.41
C PRO F 102 -21.75 -69.52 18.89
N THR F 103 -21.71 -70.77 18.43
CA THR F 103 -21.93 -71.07 17.01
C THR F 103 -23.08 -72.05 16.94
N ARG F 128 -18.35 -75.02 25.92
CA ARG F 128 -18.55 -76.24 26.69
C ARG F 128 -17.23 -76.94 26.83
N GLU F 129 -16.16 -76.23 26.45
CA GLU F 129 -14.79 -76.73 26.38
C GLU F 129 -14.58 -77.87 27.36
N VAL F 130 -14.46 -77.54 28.64
CA VAL F 130 -14.46 -78.54 29.72
C VAL F 130 -15.49 -78.10 30.74
N PHE F 131 -16.44 -77.24 30.31
CA PHE F 131 -17.53 -76.85 31.18
C PHE F 131 -18.41 -78.03 31.50
N LEU F 132 -18.70 -78.86 30.51
CA LEU F 132 -19.66 -79.94 30.68
C LEU F 132 -19.17 -80.92 31.75
N ALA F 133 -17.86 -81.19 31.78
CA ALA F 133 -17.33 -82.21 32.69
C ALA F 133 -17.39 -81.74 34.14
N ALA F 134 -17.42 -80.43 34.38
CA ALA F 134 -17.62 -79.94 35.74
C ALA F 134 -19.08 -80.11 36.17
N TYR F 135 -20.02 -79.63 35.34
CA TYR F 135 -21.43 -79.76 35.66
C TYR F 135 -21.80 -81.21 36.01
N ASN F 136 -21.27 -82.17 35.25
CA ASN F 136 -21.54 -83.58 35.54
C ASN F 136 -20.96 -84.01 36.88
N ARG F 137 -19.75 -83.54 37.22
CA ARG F 137 -19.24 -83.77 38.56
C ARG F 137 -20.28 -83.41 39.61
N ARG F 138 -21.09 -82.39 39.32
CA ARG F 138 -22.13 -81.98 40.26
C ARG F 138 -23.30 -82.94 40.28
N ARG F 139 -23.63 -83.55 39.15
CA ARG F 139 -24.59 -84.65 39.19
C ARG F 139 -24.12 -85.77 40.10
N GLU F 140 -22.82 -85.86 40.37
CA GLU F 140 -22.28 -86.89 41.25
C GLU F 140 -22.64 -86.67 42.70
N GLY F 141 -22.97 -85.44 43.09
CA GLY F 141 -23.33 -85.18 44.47
C GLY F 141 -24.58 -84.33 44.60
N ARG F 142 -25.31 -84.17 43.49
CA ARG F 142 -26.43 -83.25 43.39
C ARG F 142 -26.15 -81.95 44.14
N GLU F 143 -24.90 -81.50 44.07
CA GLU F 143 -24.48 -80.25 44.69
C GLU F 143 -25.17 -79.08 43.99
N GLY F 144 -25.05 -77.90 44.60
CA GLY F 144 -25.56 -76.70 43.98
C GLY F 144 -25.02 -76.58 42.57
N ASN F 145 -25.89 -76.36 41.60
CA ASN F 145 -25.49 -76.11 40.21
C ASN F 145 -26.22 -74.91 39.67
N VAL F 146 -26.18 -73.85 40.41
CA VAL F 146 -26.59 -72.56 39.89
C VAL F 146 -25.36 -71.92 39.24
N TRP F 147 -25.60 -71.17 38.17
CA TRP F 147 -24.54 -70.53 37.41
C TRP F 147 -25.08 -69.18 36.94
N ILE F 148 -24.29 -68.48 36.12
CA ILE F 148 -24.64 -67.13 35.66
C ILE F 148 -23.94 -66.80 34.34
N ALA F 149 -24.39 -65.74 33.68
CA ALA F 149 -23.91 -65.37 32.34
C ALA F 149 -22.75 -64.38 32.36
N LEU F 161 -29.99 -64.61 32.96
CA LEU F 161 -28.66 -65.18 32.86
C LEU F 161 -28.43 -66.37 33.83
N ILE F 162 -29.16 -66.42 34.94
CA ILE F 162 -28.98 -67.44 35.96
C ILE F 162 -29.94 -68.61 35.70
N SER F 163 -29.39 -69.82 35.67
CA SER F 163 -30.20 -71.02 35.45
C SER F 163 -29.77 -72.10 36.43
N SER F 164 -30.32 -73.29 36.25
CA SER F 164 -29.92 -74.47 37.00
C SER F 164 -29.56 -75.63 36.09
N GLU F 165 -30.21 -75.76 34.95
CA GLU F 165 -29.86 -76.75 33.93
C GLU F 165 -28.94 -76.10 32.91
N ALA F 166 -27.93 -76.85 32.45
CA ALA F 166 -27.01 -76.31 31.46
C ALA F 166 -27.74 -75.89 30.19
N SER F 167 -28.64 -76.74 29.70
CA SER F 167 -29.34 -76.42 28.46
C SER F 167 -30.02 -75.05 28.53
N GLU F 168 -30.70 -74.77 29.64
CA GLU F 168 -31.40 -73.50 29.79
C GLU F 168 -30.46 -72.34 29.51
N LEU F 169 -29.22 -72.44 29.98
CA LEU F 169 -28.25 -71.38 29.80
C LEU F 169 -27.60 -71.43 28.41
N LEU F 170 -27.01 -72.58 28.04
CA LEU F 170 -26.28 -72.70 26.77
C LEU F 170 -27.09 -72.15 25.60
N ASP F 171 -28.39 -72.38 25.60
CA ASP F 171 -29.26 -71.83 24.55
C ASP F 171 -29.45 -70.33 24.67
N PHE F 172 -29.02 -69.71 25.78
CA PHE F 172 -29.10 -68.27 25.94
C PHE F 172 -27.91 -67.52 25.34
N ILE F 173 -26.75 -68.16 25.24
CA ILE F 173 -25.57 -67.50 24.71
C ILE F 173 -25.59 -67.46 23.18
N ASP F 174 -25.96 -68.58 22.55
CA ASP F 174 -26.16 -68.60 21.11
C ASP F 174 -27.37 -67.76 20.67
N GLU F 175 -28.23 -67.38 21.62
CA GLU F 175 -29.33 -66.46 21.33
C GLU F 175 -28.85 -65.01 21.23
N GLN F 176 -27.71 -64.67 21.84
CA GLN F 176 -27.16 -63.32 21.75
C GLN F 176 -26.15 -63.19 20.62
N GLY F 177 -25.29 -64.20 20.44
CA GLY F 177 -24.38 -64.27 19.32
C GLY F 177 -22.92 -63.98 19.64
N GLN F 178 -22.65 -63.32 20.77
CA GLN F 178 -21.29 -62.96 21.16
C GLN F 178 -20.75 -63.96 22.18
N VAL F 179 -19.54 -63.70 22.66
CA VAL F 179 -18.88 -64.57 23.63
C VAL F 179 -19.46 -64.31 25.01
N HIS F 180 -19.90 -65.37 25.67
CA HIS F 180 -20.35 -65.29 27.05
C HIS F 180 -19.51 -66.22 27.92
N VAL F 181 -19.43 -65.89 29.20
CA VAL F 181 -18.75 -66.70 30.19
C VAL F 181 -19.76 -67.04 31.27
N ILE F 182 -19.65 -68.27 31.79
CA ILE F 182 -20.56 -68.76 32.82
C ILE F 182 -19.78 -69.11 34.06
N GLN F 183 -20.43 -68.92 35.21
CA GLN F 183 -19.75 -68.99 36.50
C GLN F 183 -20.64 -69.64 37.54
N LYS F 184 -20.01 -70.21 38.57
CA LYS F 184 -20.73 -70.78 39.70
C LYS F 184 -21.42 -69.68 40.49
N TYR F 185 -22.76 -69.62 40.41
CA TYR F 185 -23.47 -68.70 41.26
C TYR F 185 -23.16 -69.02 42.71
N LEU F 186 -23.16 -67.99 43.56
CA LEU F 186 -22.87 -68.17 44.98
C LEU F 186 -24.20 -68.36 45.70
N GLU F 187 -24.63 -69.63 45.75
CA GLU F 187 -25.94 -69.95 46.27
C GLU F 187 -26.08 -69.59 47.74
N LYS F 188 -24.98 -69.68 48.51
CA LYS F 188 -25.02 -69.22 49.90
C LYS F 188 -24.29 -67.90 50.10
N PRO F 189 -24.92 -66.76 49.81
CA PRO F 189 -24.29 -65.47 50.08
C PRO F 189 -24.52 -64.99 51.49
N LEU F 190 -23.95 -63.84 51.84
CA LEU F 190 -24.16 -63.21 53.14
C LEU F 190 -25.29 -62.20 53.03
N LEU F 191 -26.29 -62.30 53.91
CA LEU F 191 -27.45 -61.41 53.84
C LEU F 191 -27.48 -60.44 55.01
N LEU F 192 -27.72 -59.18 54.71
CA LEU F 192 -27.87 -58.17 55.74
C LEU F 192 -29.22 -58.32 56.42
N GLU F 193 -29.21 -58.35 57.73
CA GLU F 193 -30.50 -58.28 58.40
C GLU F 193 -30.59 -56.95 59.13
N PRO F 194 -31.76 -56.28 59.15
CA PRO F 194 -33.06 -56.72 58.67
C PRO F 194 -33.18 -56.70 57.15
N GLY F 195 -33.63 -57.81 56.55
CA GLY F 195 -33.98 -57.79 55.15
C GLY F 195 -33.74 -59.10 54.43
N HIS F 196 -32.85 -59.93 54.97
CA HIS F 196 -32.36 -61.09 54.24
C HIS F 196 -32.04 -60.63 52.83
N ARG F 197 -30.90 -59.91 52.68
CA ARG F 197 -30.61 -59.08 51.52
C ARG F 197 -29.20 -59.34 51.00
N LYS F 198 -29.06 -59.28 49.67
CA LYS F 198 -27.83 -59.55 48.95
C LYS F 198 -27.11 -58.23 48.65
N PHE F 199 -25.82 -58.33 48.32
CA PHE F 199 -25.07 -57.11 48.02
C PHE F 199 -23.73 -57.47 47.39
N ASP F 200 -23.10 -56.46 46.77
CA ASP F 200 -21.71 -56.53 46.32
C ASP F 200 -20.96 -55.31 46.84
N ILE F 201 -19.63 -55.46 46.91
CA ILE F 201 -18.73 -54.39 47.38
C ILE F 201 -17.90 -53.93 46.18
N ARG F 202 -17.90 -52.62 45.92
CA ARG F 202 -17.02 -52.00 44.94
C ARG F 202 -15.94 -51.21 45.66
N SER F 203 -14.69 -51.63 45.48
CA SER F 203 -13.56 -50.84 45.89
C SER F 203 -13.00 -50.09 44.70
N TRP F 204 -12.54 -48.87 44.93
CA TRP F 204 -11.93 -48.06 43.89
C TRP F 204 -10.44 -48.08 44.19
N VAL F 205 -9.65 -48.59 43.24
CA VAL F 205 -8.20 -48.64 43.36
C VAL F 205 -7.59 -47.75 42.30
N LEU F 206 -6.55 -47.01 42.67
CA LEU F 206 -5.85 -46.10 41.76
C LEU F 206 -4.39 -46.54 41.61
N VAL F 207 -4.00 -46.94 40.41
CA VAL F 207 -2.61 -47.23 40.12
C VAL F 207 -1.99 -46.01 39.46
N ASP F 208 -0.87 -45.54 40.02
CA ASP F 208 -0.23 -44.32 39.53
C ASP F 208 0.83 -44.68 38.48
N HIS F 209 1.58 -43.67 38.04
CA HIS F 209 2.57 -43.89 36.99
C HIS F 209 3.68 -44.80 37.44
N LEU F 210 3.97 -44.82 38.74
CA LEU F 210 5.00 -45.60 39.40
C LEU F 210 4.55 -47.02 39.76
N TYR F 211 3.29 -47.35 39.47
CA TYR F 211 2.66 -48.63 39.82
C TYR F 211 2.55 -48.82 41.33
N ASN F 212 2.51 -47.73 42.08
CA ASN F 212 1.85 -47.75 43.37
C ASN F 212 0.40 -48.20 43.20
N ILE F 213 -0.11 -48.97 44.16
CA ILE F 213 -1.49 -49.43 44.15
C ILE F 213 -2.22 -48.84 45.35
N TYR F 214 -3.08 -47.85 45.09
CA TYR F 214 -3.79 -47.07 46.11
C TYR F 214 -5.24 -47.53 46.18
N LEU F 215 -5.63 -48.06 47.34
CA LEU F 215 -7.01 -48.42 47.62
C LEU F 215 -7.69 -47.19 48.23
N TYR F 216 -8.82 -46.79 47.64
CA TYR F 216 -9.66 -45.78 48.26
C TYR F 216 -10.33 -46.36 49.49
N ARG F 217 -10.12 -45.72 50.63
CA ARG F 217 -10.60 -46.23 51.90
C ARG F 217 -12.12 -46.30 51.95
N GLU F 218 -12.82 -45.37 51.28
CA GLU F 218 -14.27 -45.38 51.23
C GLU F 218 -14.75 -46.45 50.25
N GLY F 219 -15.47 -47.44 50.76
CA GLY F 219 -16.09 -48.44 49.92
C GLY F 219 -17.58 -48.21 49.82
N VAL F 220 -18.23 -49.04 49.00
CA VAL F 220 -19.68 -49.02 48.89
C VAL F 220 -20.20 -50.44 48.71
N LEU F 221 -21.25 -50.77 49.45
CA LEU F 221 -22.05 -51.97 49.23
C LEU F 221 -23.28 -51.61 48.43
N ARG F 222 -23.45 -52.26 47.29
CA ARG F 222 -24.64 -52.12 46.48
C ARG F 222 -25.58 -53.25 46.88
N THR F 223 -26.71 -52.89 47.50
CA THR F 223 -27.58 -53.83 48.18
C THR F 223 -28.90 -54.00 47.43
N SER F 224 -29.40 -55.24 47.43
CA SER F 224 -30.72 -55.56 46.90
C SER F 224 -31.74 -55.31 48.01
N SER F 225 -32.72 -54.43 47.73
CA SER F 225 -33.83 -54.21 48.63
C SER F 225 -34.78 -55.39 48.70
N GLU F 226 -34.66 -56.28 47.78
CA GLU F 226 -35.48 -57.46 47.64
C GLU F 226 -34.92 -58.59 48.49
N PRO F 227 -35.70 -59.17 49.40
CA PRO F 227 -35.23 -60.34 50.14
C PRO F 227 -34.85 -61.47 49.19
N TYR F 228 -33.69 -62.07 49.47
CA TYR F 228 -33.10 -63.08 48.60
C TYR F 228 -33.76 -64.44 48.84
N ASN F 229 -34.07 -65.16 47.76
CA ASN F 229 -34.57 -66.54 47.87
C ASN F 229 -34.14 -67.34 46.65
N SER F 230 -33.87 -68.62 46.86
CA SER F 230 -33.22 -69.44 45.85
C SER F 230 -34.18 -70.34 45.06
N ALA F 231 -35.48 -70.06 45.10
CA ALA F 231 -36.41 -70.86 44.30
C ALA F 231 -36.62 -70.27 42.91
N ASN F 232 -36.87 -68.96 42.85
CA ASN F 232 -37.20 -68.25 41.62
C ASN F 232 -36.01 -67.39 41.20
N PHE F 233 -35.13 -67.97 40.38
CA PHE F 233 -34.01 -67.22 39.82
C PHE F 233 -34.49 -66.19 38.81
N GLN F 234 -35.34 -66.60 37.86
CA GLN F 234 -35.86 -65.68 36.85
C GLN F 234 -36.35 -64.36 37.44
N ASP F 235 -36.67 -64.33 38.73
CA ASP F 235 -36.99 -63.08 39.43
C ASP F 235 -35.71 -62.39 39.89
N LYS F 236 -34.82 -62.16 38.91
CA LYS F 236 -33.52 -61.56 39.12
C LYS F 236 -33.63 -60.06 39.43
N THR F 237 -34.22 -59.72 40.57
CA THR F 237 -34.06 -58.40 41.17
C THR F 237 -33.42 -58.46 42.54
N CYS F 238 -33.60 -59.56 43.25
CA CYS F 238 -32.91 -59.85 44.50
C CYS F 238 -31.65 -60.67 44.28
N HIS F 239 -31.38 -61.07 43.04
CA HIS F 239 -30.14 -61.76 42.69
C HIS F 239 -29.13 -60.85 42.03
N LEU F 240 -29.56 -60.02 41.07
CA LEU F 240 -28.69 -59.08 40.36
C LEU F 240 -28.65 -57.78 41.15
N THR F 241 -27.47 -57.44 41.68
CA THR F 241 -27.27 -56.37 42.65
C THR F 241 -26.90 -55.04 42.01
N ASN F 242 -27.15 -54.86 40.73
CA ASN F 242 -26.74 -53.61 40.07
C ASN F 242 -27.58 -52.45 40.56
N HIS F 243 -26.91 -51.36 40.95
CA HIS F 243 -27.61 -50.16 41.36
C HIS F 243 -28.67 -49.75 40.33
N CYS F 244 -28.32 -49.83 39.05
CA CYS F 244 -29.22 -49.43 38.00
C CYS F 244 -30.38 -50.42 37.87
N ILE F 245 -30.05 -51.69 37.63
CA ILE F 245 -31.05 -52.74 37.47
C ILE F 245 -32.09 -52.67 38.59
N GLN F 246 -31.73 -52.07 39.73
CA GLN F 246 -32.72 -51.78 40.77
C GLN F 246 -33.43 -50.45 40.42
N LYS F 247 -34.24 -50.56 39.38
CA LYS F 247 -34.98 -49.45 38.81
C LYS F 247 -35.81 -48.74 39.85
N ASN F 252 -38.67 -50.58 45.43
CA ASN F 252 -38.05 -50.87 46.71
C ASN F 252 -36.81 -50.00 46.93
N TYR F 253 -36.32 -49.44 45.83
CA TYR F 253 -35.14 -48.60 45.77
C TYR F 253 -35.11 -47.55 46.89
N GLY F 254 -34.52 -47.86 48.04
CA GLY F 254 -34.29 -46.84 49.04
C GLY F 254 -34.83 -47.14 50.43
N ARG F 255 -35.35 -48.36 50.61
CA ARG F 255 -35.97 -48.76 51.87
C ARG F 255 -34.99 -48.62 53.03
N TYR F 256 -34.10 -49.61 53.22
CA TYR F 256 -33.23 -49.69 54.41
C TYR F 256 -32.10 -48.67 54.41
N GLU F 257 -31.46 -48.44 53.27
CA GLU F 257 -30.47 -47.39 53.14
C GLU F 257 -30.65 -46.68 51.81
N GLU F 258 -30.23 -45.41 51.80
CA GLU F 258 -30.45 -44.53 50.65
C GLU F 258 -29.79 -45.07 49.38
N GLY F 259 -30.58 -45.19 48.32
CA GLY F 259 -30.09 -45.57 47.01
C GLY F 259 -29.55 -46.98 46.92
N ASN F 260 -30.00 -47.88 47.79
CA ASN F 260 -29.43 -49.23 47.89
C ASN F 260 -27.92 -49.18 48.00
N GLU F 261 -27.42 -48.21 48.76
CA GLU F 261 -25.99 -48.03 48.96
C GLU F 261 -25.72 -47.88 50.45
N MET F 262 -25.04 -48.86 51.02
CA MET F 262 -24.52 -48.75 52.38
C MET F 262 -23.01 -48.60 52.35
N PHE F 263 -22.51 -47.59 53.05
CA PHE F 263 -21.10 -47.22 53.01
C PHE F 263 -20.33 -48.10 53.99
N PHE F 264 -19.05 -47.78 54.22
CA PHE F 264 -18.23 -48.68 55.03
C PHE F 264 -18.44 -48.50 56.51
N GLU F 265 -18.81 -47.30 56.95
CA GLU F 265 -18.99 -47.08 58.38
C GLU F 265 -20.20 -47.83 58.91
N GLU F 266 -21.31 -47.80 58.16
CA GLU F 266 -22.49 -48.53 58.57
C GLU F 266 -22.22 -50.05 58.59
N PHE F 267 -21.65 -50.58 57.51
CA PHE F 267 -21.46 -52.02 57.37
C PHE F 267 -20.55 -52.58 58.46
N ASN F 268 -19.48 -51.85 58.80
CA ASN F 268 -18.58 -52.27 59.87
C ASN F 268 -19.30 -52.33 61.20
N GLN F 269 -20.12 -51.32 61.49
CA GLN F 269 -20.94 -51.34 62.69
C GLN F 269 -21.85 -52.56 62.71
N TYR F 270 -22.56 -52.81 61.62
CA TYR F 270 -23.41 -54.00 61.52
C TYR F 270 -22.61 -55.27 61.76
N LEU F 271 -21.44 -55.39 61.13
CA LEU F 271 -20.59 -56.58 61.33
C LEU F 271 -20.21 -56.73 62.80
N MET F 272 -19.74 -55.66 63.43
CA MET F 272 -19.45 -55.73 64.84
C MET F 272 -20.65 -56.26 65.61
N ASP F 273 -21.80 -55.57 65.45
CA ASP F 273 -23.00 -55.85 66.26
C ASP F 273 -23.60 -57.19 65.91
N ALA F 274 -23.67 -57.53 64.62
CA ALA F 274 -24.28 -58.79 64.21
C ALA F 274 -23.32 -59.98 64.29
N LEU F 275 -22.07 -59.84 63.85
CA LEU F 275 -21.18 -60.99 63.81
C LEU F 275 -19.98 -60.91 64.75
N ASN F 276 -19.79 -59.82 65.48
CA ASN F 276 -18.74 -59.75 66.47
C ASN F 276 -17.39 -59.56 65.79
N THR F 277 -17.41 -59.06 64.56
CA THR F 277 -16.16 -58.82 63.85
C THR F 277 -16.09 -57.41 63.29
N THR F 278 -15.10 -57.17 62.43
CA THR F 278 -14.92 -55.86 61.84
C THR F 278 -14.67 -56.01 60.36
N LEU F 279 -14.84 -54.89 59.65
CA LEU F 279 -14.71 -54.93 58.20
C LEU F 279 -13.28 -55.20 57.78
N GLU F 280 -12.30 -54.59 58.48
CA GLU F 280 -10.89 -54.88 58.23
C GLU F 280 -10.63 -56.39 58.28
N ASN F 281 -10.87 -57.03 59.43
CA ASN F 281 -10.42 -58.41 59.60
C ASN F 281 -11.20 -59.38 58.71
N SER F 282 -12.52 -59.28 58.74
CA SER F 282 -13.35 -60.32 58.12
C SER F 282 -13.37 -60.24 56.59
N ILE F 283 -13.13 -59.04 56.02
CA ILE F 283 -13.36 -58.83 54.60
C ILE F 283 -12.23 -58.04 53.94
N LEU F 284 -11.76 -56.98 54.59
CA LEU F 284 -10.89 -56.04 53.89
C LEU F 284 -9.53 -56.65 53.56
N LEU F 285 -8.92 -57.35 54.52
CA LEU F 285 -7.72 -58.11 54.23
C LEU F 285 -7.81 -58.78 52.86
N GLN F 286 -8.73 -59.73 52.73
CA GLN F 286 -8.84 -60.51 51.50
C GLN F 286 -8.97 -59.61 50.27
N ILE F 287 -9.66 -58.48 50.42
CA ILE F 287 -9.82 -57.58 49.29
C ILE F 287 -8.48 -56.98 48.93
N LYS F 288 -7.70 -56.65 49.95
CA LYS F 288 -6.38 -56.10 49.69
C LYS F 288 -5.47 -57.17 49.12
N HIS F 289 -5.71 -58.44 49.45
CA HIS F 289 -4.94 -59.54 48.84
C HIS F 289 -5.27 -59.65 47.35
N ILE F 290 -6.56 -59.62 47.03
CA ILE F 290 -7.01 -59.78 45.64
C ILE F 290 -6.54 -58.61 44.79
N ILE F 291 -6.78 -57.39 45.25
CA ILE F 291 -6.34 -56.23 44.49
C ILE F 291 -4.83 -56.29 44.25
N ARG F 292 -4.06 -56.50 45.31
CA ARG F 292 -2.61 -56.62 45.12
C ARG F 292 -2.30 -57.72 44.12
N SER F 293 -2.97 -58.86 44.24
CA SER F 293 -2.65 -60.01 43.41
C SER F 293 -2.96 -59.76 41.95
N CYS F 294 -4.20 -59.35 41.65
CA CYS F 294 -4.57 -59.12 40.25
C CYS F 294 -3.63 -58.13 39.58
N LEU F 295 -3.30 -57.05 40.29
CA LEU F 295 -2.50 -56.00 39.67
C LEU F 295 -1.03 -56.38 39.62
N MET F 296 -0.50 -57.02 40.67
CA MET F 296 0.89 -57.47 40.60
C MET F 296 1.08 -58.48 39.48
N CYS F 297 0.03 -59.22 39.12
CA CYS F 297 0.12 -60.18 38.03
C CYS F 297 0.49 -59.50 36.72
N ILE F 298 -0.38 -58.60 36.25
CA ILE F 298 -0.25 -58.01 34.92
C ILE F 298 0.77 -56.89 34.88
N GLU F 299 1.52 -56.70 35.96
CA GLU F 299 2.43 -55.54 36.01
C GLU F 299 3.44 -55.54 34.87
N PRO F 300 4.17 -56.62 34.61
CA PRO F 300 5.15 -56.59 33.51
C PRO F 300 4.54 -56.24 32.17
N ALA F 301 3.24 -56.47 32.01
CA ALA F 301 2.62 -56.27 30.72
C ALA F 301 2.08 -54.85 30.53
N ILE F 302 1.98 -54.06 31.59
CA ILE F 302 1.36 -52.75 31.40
C ILE F 302 2.20 -51.66 32.05
N SER F 303 3.25 -52.03 32.76
CA SER F 303 4.02 -51.03 33.49
C SER F 303 4.62 -50.00 32.53
N THR F 304 4.36 -48.72 32.78
CA THR F 304 4.96 -47.64 31.99
C THR F 304 6.20 -47.04 32.67
N LYS F 305 7.06 -47.88 33.25
CA LYS F 305 8.20 -47.42 34.03
C LYS F 305 9.29 -46.83 33.15
N HIS F 306 9.65 -47.52 32.08
CA HIS F 306 10.70 -47.04 31.21
C HIS F 306 10.16 -46.58 29.86
N LEU F 307 8.87 -46.30 29.79
CA LEU F 307 8.18 -46.00 28.55
C LEU F 307 8.27 -44.50 28.28
N HIS F 308 7.91 -44.11 27.05
CA HIS F 308 7.97 -42.71 26.61
C HIS F 308 6.74 -41.90 26.94
N TYR F 309 5.64 -42.55 27.29
CA TYR F 309 4.52 -41.92 27.97
C TYR F 309 4.25 -42.68 29.25
N GLN F 310 3.29 -42.18 30.03
CA GLN F 310 3.05 -42.77 31.33
C GLN F 310 1.55 -42.89 31.56
N SER F 311 1.19 -43.89 32.35
CA SER F 311 -0.20 -44.22 32.60
C SER F 311 -0.47 -44.11 34.08
N PHE F 312 -1.67 -43.64 34.41
CA PHE F 312 -2.33 -44.08 35.63
C PHE F 312 -3.69 -44.62 35.18
N GLN F 313 -4.41 -45.25 36.09
CA GLN F 313 -5.78 -45.66 35.80
C GLN F 313 -6.51 -45.94 37.10
N LEU F 314 -7.74 -45.41 37.22
CA LEU F 314 -8.67 -45.78 38.29
C LEU F 314 -9.42 -47.03 37.86
N PHE F 315 -9.46 -48.03 38.75
CA PHE F 315 -10.22 -49.25 38.57
C PHE F 315 -11.32 -49.35 39.61
N GLY F 316 -12.36 -50.08 39.27
CA GLY F 316 -13.34 -50.45 40.27
C GLY F 316 -13.40 -51.96 40.41
N PHE F 317 -13.07 -52.47 41.59
CA PHE F 317 -13.14 -53.91 41.87
C PHE F 317 -14.46 -54.22 42.54
N ASP F 318 -15.11 -55.31 42.11
CA ASP F 318 -16.46 -55.67 42.56
C ASP F 318 -16.39 -57.04 43.22
N PHE F 319 -16.58 -57.09 44.55
CA PHE F 319 -16.48 -58.34 45.30
C PHE F 319 -17.85 -58.85 45.81
N MET F 320 -17.81 -60.10 46.28
CA MET F 320 -18.98 -60.80 46.78
C MET F 320 -18.56 -61.61 48.00
N VAL F 321 -19.07 -61.23 49.18
CA VAL F 321 -18.74 -61.87 50.44
C VAL F 321 -19.81 -62.91 50.76
N ASP F 322 -19.44 -64.19 50.86
CA ASP F 322 -20.41 -65.24 51.14
C ASP F 322 -20.66 -65.37 52.66
N GLU F 323 -21.47 -66.39 52.99
CA GLU F 323 -21.94 -66.63 54.37
C GLU F 323 -20.78 -66.89 55.34
N GLU F 324 -19.69 -67.50 54.87
CA GLU F 324 -18.52 -67.80 55.67
C GLU F 324 -17.57 -66.62 55.83
N LEU F 325 -18.03 -65.41 55.49
CA LEU F 325 -17.17 -64.24 55.47
C LEU F 325 -15.94 -64.48 54.61
N LYS F 326 -16.14 -65.09 53.44
CA LYS F 326 -15.12 -65.19 52.42
C LYS F 326 -15.41 -64.17 51.33
N VAL F 327 -14.37 -63.46 50.90
CA VAL F 327 -14.51 -62.45 49.86
C VAL F 327 -14.21 -63.09 48.53
N TRP F 328 -15.01 -62.75 47.52
CA TRP F 328 -14.89 -63.31 46.18
C TRP F 328 -14.77 -62.17 45.17
N LEU F 329 -14.03 -62.41 44.09
CA LEU F 329 -13.88 -61.41 43.05
C LEU F 329 -14.83 -61.76 41.92
N ILE F 330 -15.58 -60.76 41.46
CA ILE F 330 -16.67 -60.96 40.52
C ILE F 330 -16.28 -60.37 39.16
N GLU F 331 -16.19 -59.05 39.09
CA GLU F 331 -15.84 -58.31 37.87
C GLU F 331 -14.80 -57.28 38.29
N VAL F 332 -13.84 -57.00 37.40
CA VAL F 332 -12.97 -55.83 37.53
C VAL F 332 -13.42 -54.82 36.49
N ASN F 333 -13.67 -53.58 36.90
CA ASN F 333 -14.22 -52.59 35.99
C ASN F 333 -13.17 -51.52 35.69
N GLY F 334 -12.85 -51.37 34.41
CA GLY F 334 -11.79 -50.45 34.00
C GLY F 334 -12.22 -49.00 33.85
N ALA F 335 -13.45 -48.76 33.41
CA ALA F 335 -14.05 -47.43 33.42
C ALA F 335 -15.13 -47.43 34.49
N PRO F 336 -14.83 -46.98 35.70
CA PRO F 336 -15.75 -47.18 36.81
C PRO F 336 -16.34 -45.88 37.29
N ALA F 337 -17.64 -45.85 37.55
CA ALA F 337 -18.28 -44.70 38.16
C ALA F 337 -18.07 -44.72 39.67
N CYS F 338 -18.06 -43.52 40.27
CA CYS F 338 -18.02 -43.34 41.71
C CYS F 338 -19.43 -43.22 42.29
N ALA F 339 -19.52 -43.29 43.61
CA ALA F 339 -20.78 -43.03 44.30
C ALA F 339 -20.84 -41.54 44.65
N GLN F 340 -21.97 -40.90 44.30
CA GLN F 340 -22.14 -39.46 44.40
C GLN F 340 -21.53 -38.87 45.66
N LYS F 341 -21.81 -39.48 46.82
CA LYS F 341 -21.33 -38.92 48.08
C LYS F 341 -19.82 -38.71 48.09
N LEU F 342 -19.08 -39.52 47.31
CA LEU F 342 -17.61 -39.57 47.40
C LEU F 342 -16.86 -38.89 46.26
N TYR F 343 -17.54 -38.52 45.15
CA TYR F 343 -16.85 -37.93 44.01
C TYR F 343 -15.85 -36.87 44.43
N ALA F 344 -16.32 -35.88 45.19
CA ALA F 344 -15.41 -34.85 45.68
C ALA F 344 -14.13 -35.48 46.22
N GLU F 345 -14.25 -36.39 47.18
CA GLU F 345 -13.05 -36.90 47.83
C GLU F 345 -12.18 -37.70 46.88
N LEU F 346 -12.77 -38.67 46.17
CA LEU F 346 -11.96 -39.50 45.27
C LEU F 346 -11.33 -38.67 44.14
N CYS F 347 -12.11 -37.81 43.49
CA CYS F 347 -11.56 -37.07 42.35
C CYS F 347 -10.50 -36.07 42.77
N GLN F 348 -10.51 -35.58 44.01
CA GLN F 348 -9.39 -34.76 44.46
C GLN F 348 -8.15 -35.61 44.69
N GLY F 349 -8.31 -36.83 45.19
CA GLY F 349 -7.17 -37.70 45.43
C GLY F 349 -6.54 -38.20 44.14
N ILE F 350 -7.35 -38.33 43.09
CA ILE F 350 -6.81 -38.63 41.77
C ILE F 350 -5.84 -37.55 41.36
N VAL F 351 -6.21 -36.29 41.58
CA VAL F 351 -5.34 -35.19 41.18
C VAL F 351 -4.05 -35.20 41.99
N ASP F 352 -4.16 -35.40 43.31
CA ASP F 352 -2.99 -35.30 44.16
C ASP F 352 -2.05 -36.47 43.95
N VAL F 353 -2.61 -37.65 43.68
CA VAL F 353 -1.80 -38.85 43.69
C VAL F 353 -1.28 -39.21 42.29
N ALA F 354 -2.15 -39.11 41.27
CA ALA F 354 -1.83 -39.57 39.93
C ALA F 354 -1.48 -38.45 38.96
N ILE F 355 -1.94 -37.23 39.20
CA ILE F 355 -1.78 -36.14 38.25
C ILE F 355 -0.73 -35.14 38.72
N SER F 356 -0.83 -34.67 39.96
CA SER F 356 0.17 -33.73 40.47
C SER F 356 1.47 -34.41 40.83
N SER F 357 1.43 -35.70 41.20
CA SER F 357 2.67 -36.42 41.43
C SER F 357 3.64 -36.25 40.27
N VAL F 358 3.11 -36.11 39.06
CA VAL F 358 3.90 -35.93 37.84
C VAL F 358 4.11 -34.45 37.52
N PHE F 359 3.04 -33.67 37.52
CA PHE F 359 3.05 -32.25 37.18
C PHE F 359 2.86 -31.37 38.41
N PRO F 360 3.91 -31.10 39.19
CA PRO F 360 3.73 -30.41 40.47
C PRO F 360 3.45 -28.93 40.35
N LEU F 361 2.69 -28.42 41.32
CA LEU F 361 2.17 -27.06 41.29
C LEU F 361 2.95 -26.10 42.18
N ALA F 362 2.24 -25.23 42.91
CA ALA F 362 2.86 -24.16 43.70
C ALA F 362 3.38 -24.61 45.08
N THR F 372 -3.81 -39.16 57.12
CA THR F 372 -3.74 -38.04 56.19
C THR F 372 -4.42 -38.43 54.87
N SER F 373 -3.82 -39.38 54.15
CA SER F 373 -4.29 -39.76 52.82
C SER F 373 -5.66 -40.45 52.87
N ILE F 374 -6.32 -40.47 51.71
CA ILE F 374 -7.61 -41.15 51.54
C ILE F 374 -7.35 -42.52 50.91
N PHE F 375 -6.08 -42.90 50.82
CA PHE F 375 -5.70 -44.13 50.16
C PHE F 375 -4.89 -45.04 51.07
N ILE F 376 -5.09 -46.34 50.86
CA ILE F 376 -4.28 -47.38 51.47
C ILE F 376 -3.30 -47.82 50.40
N LYS F 377 -2.01 -47.69 50.66
CA LYS F 377 -1.00 -48.18 49.73
C LYS F 377 -0.87 -49.68 49.92
N LEU F 378 -1.22 -50.45 48.90
CA LEU F 378 -1.07 -51.90 48.95
C LEU F 378 0.36 -52.29 48.55
N HIS F 379 1.11 -52.86 49.49
CA HIS F 379 2.55 -52.96 49.37
C HIS F 379 2.97 -54.23 48.61
N HIS F 380 3.89 -54.06 47.68
CA HIS F 380 4.39 -55.15 46.83
C HIS F 380 5.91 -55.07 46.71
#